data_5HCC
#
_entry.id   5HCC
#
_cell.length_a   104.867
_cell.length_b   140.284
_cell.length_c   211.293
_cell.angle_alpha   90.00
_cell.angle_beta   90.00
_cell.angle_gamma   90.00
#
_symmetry.space_group_name_H-M   'P 21 21 21'
#
loop_
_entity.id
_entity.type
_entity.pdbx_description
1 polymer 'Complement C5'
2 polymer 'Complement C5'
3 polymer 'Complement inhibitor'
4 polymer 'Dermacentor andersoni RaCI3'
5 branched 2-acetamido-2-deoxy-beta-D-glucopyranose-(1-4)-2-acetamido-2-deoxy-beta-D-glucopyranose
6 non-polymer 1,2-ETHANEDIOL
7 non-polymer CYSTEINE
8 non-polymer '1,4-DIETHYLENE DIOXIDE'
9 water water
#
loop_
_entity_poly.entity_id
_entity_poly.type
_entity_poly.pdbx_seq_one_letter_code
_entity_poly.pdbx_strand_id
1 'polypeptide(L)'
;QEQTYVISAPKIFRVGASENIVIQVYGYTEAFDATISIKSYPDKKFSYSSGHVHLSSENKFQNSAILTIQPKQLPGGQNP
VSYVYLEVVSKHFSKSKRMPITYDNGFLFIHTDKPVYTPDQSVKVRVYSLNDDLKPAKRETVLTFIDPEGSEVDMVEEID
HIGIISFPDFKIPSNPRYGMWTIKAKYKEDFSTTGTAYFEVKEYVLPHFSVSIEPEYNFIGYKNFKNFEITIKARYFYNK
VVTEADVYITFGIREDLKDDQKEMMQTAMQNTMLINGIAQVTFDSETAVKELSYYSLEDLNNKYLYIAVTVIESTGGFSE
EAEIPGIKYVLSPYKLNLVATPLFLKPGIPYPIKVQVKDSLDQLVGGVPVTLNAQTIDVNQETSDLDPSKSVTRVDDGVA
SFVLNLPSGVTVLEFNVKTDAPDLPEENQAREGYRAIAYSSLSQSYLYIDWTDNHKALLVGEHLNIIVTPKSPYIDKITH
YNYLILSKGKIIHFGTREKFSDASYQSINIPVTQNMVPSSRLLVYYIVTGEQTAELVSDSVWLNIEEKCGNQLQVHLSPD
ADAYSPGQTVSLNMATGMDSWVALAAVDSAVYGVQRGAKKPLERVFQFLEKSDLGCGAGGGLNNANVFHLAGLTFLTNAN
ADDSQENDEPCKEILR
;
B
2 'polypeptide(L)'
;LQKKIEEIAAKYKHSVVKKCCYDGACVNNDETCEQRAARISLGPRCIKAFTECCVVASQLRANISHKDMQLGRLHMKTLL
PVSKPEIRSYFPESWLWEVHLVPRRKQLQFALPDSLTTWEIQGVGISNTGICVADTVKAKVFKDVFLEMNIPYSVVRGEQ
IQLKGTVYNYRTSGMQFCVKMSAVEGICTSESPVIDHQGTKSSKCVRQKVEGSSSHLVTFTVLPLEIGLHNINFSLETWF
GKEILVKTLRVVPEGVKRESYSGVTLDPRGIYGTISRRKEFPYRIPLDLVPKTEIKRILSVKGLLVGEILSAVLSQEGIN
ILTHLPKGSAEAELMSVVPVFYVFHYLETGNHWNIFHSDPLIEKQKLKKKLKEGMLSIMSYRNADYSYSVWKGGSASTWL
TAFALRVLGQVNKYVEQNQNSICNSLLWLVENYQLDNGSFKENSQYQPIKLQGTLPVEARENSLYLTAFTVIGIRKAFDI
CPLVKIDTALIKADNFLLENTLPAQSTFTLAISAYALSLGDKTHPQFRSIVSALKREALVKGNPPIYRFWKDNLQHKDSS
VPNTGTARMVETTAYALLTSLNLKDINYVNPVIKWLSEEQRYGGGFYSTQDTINAIEGLTEYSLLVKQLRLSMDIDVSYK
HKGALHNYKMTDKNFLGRPVEVLLNDDLIVSTGFGSGLATVHVTTVVHKTSTSEEVCSFYLKIDTQDIEASHYRGYGNSD
YKRIVACASYKPSREESSSGSSHAVMDISLPTGISANEEDLKALVEGVDQLFTDYQIKDGHVILQLNSIPSSDFLCVRFR
IFELFEVGFLSPATFTVYEYHRPDKQCTMFYSTSNIKIQKVCEGAACKCVEADCGQMQEELDLTISAETRKQTACKPEIA
YAYKVSITSITVENVFVKYKATLLDIYKTGEAVAEKDSEITFIKKVTCTNAELVKGRQYLIMGKEALQIKYNFSFRYIYP
LDSLTWIEYWPRDTTCSSCQAFLANLDEFAEDIFLNGC
;
A
3 'polypeptide(L)'
;MASHHHHHHHHHHSGDSESDCTGSEPVDAFQAFSEGKEAYVLVRSTDPKARDCLKGEPAGEKQDNTLPVMMTFKQGTDWA
STDWTFTLDGAKVTATLGQLTQNREVVYDSQSHHCHVDKVEKEVPDYEMWMLDAGGLEVEVECCRQKLEELASGRNQMYP
HLKDC
;
C
4 'polypeptide(L)'
;GPMSGESQSIQRKGQCEEVICHRKLNHLGERVTSGCPTGCLCVIREPDNVDNANGTCYALMSSTTTTTTTPDGTTTSEEE
E
;
D
#
loop_
_chem_comp.id
_chem_comp.type
_chem_comp.name
_chem_comp.formula
DIO non-polymer '1,4-DIETHYLENE DIOXIDE' 'C4 H8 O2'
EDO non-polymer 1,2-ETHANEDIOL 'C2 H6 O2'
NAG D-saccharide, beta linking 2-acetamido-2-deoxy-beta-D-glucopyranose 'C8 H15 N O6'
#
# COMPACT_ATOMS: atom_id res chain seq x y z
N GLU A 2 13.33 -14.42 76.30
CA GLU A 2 13.10 -14.71 74.89
C GLU A 2 13.19 -13.44 74.06
N GLN A 3 14.09 -13.45 73.07
CA GLN A 3 14.31 -12.32 72.18
C GLN A 3 14.11 -12.77 70.74
N THR A 4 13.43 -11.94 69.96
CA THR A 4 13.02 -12.31 68.60
C THR A 4 13.40 -11.21 67.62
N TYR A 5 13.48 -11.58 66.33
CA TYR A 5 13.72 -10.63 65.26
C TYR A 5 12.90 -11.05 64.05
N VAL A 6 12.35 -10.06 63.33
CA VAL A 6 11.52 -10.28 62.16
C VAL A 6 12.03 -9.41 61.03
N ILE A 7 12.46 -10.05 59.93
CA ILE A 7 12.91 -9.35 58.74
C ILE A 7 11.86 -9.56 57.65
N SER A 8 11.29 -8.47 57.17
CA SER A 8 10.25 -8.52 56.15
C SER A 8 10.79 -7.92 54.85
N ALA A 9 10.69 -8.70 53.78
CA ALA A 9 11.11 -8.31 52.44
C ALA A 9 10.05 -8.77 51.46
N PRO A 10 10.04 -8.22 50.24
CA PRO A 10 9.14 -8.75 49.22
C PRO A 10 9.44 -10.22 48.97
N LYS A 11 8.41 -10.96 48.52
CA LYS A 11 8.58 -12.38 48.25
C LYS A 11 9.72 -12.62 47.27
N ILE A 12 9.89 -11.71 46.30
CA ILE A 12 10.86 -11.82 45.23
C ILE A 12 11.60 -10.48 45.13
N PHE A 13 12.89 -10.53 44.81
CA PHE A 13 13.66 -9.33 44.53
C PHE A 13 13.57 -8.99 43.05
N ARG A 14 13.44 -7.70 42.76
CA ARG A 14 13.26 -7.20 41.41
C ARG A 14 14.48 -6.41 41.00
N VAL A 15 15.18 -6.88 39.97
CA VAL A 15 16.41 -6.23 39.52
C VAL A 15 16.14 -4.77 39.22
N GLY A 16 16.98 -3.91 39.78
CA GLY A 16 16.88 -2.49 39.54
C GLY A 16 15.88 -1.76 40.40
N ALA A 17 15.05 -2.48 41.15
CA ALA A 17 14.05 -1.87 42.00
C ALA A 17 14.64 -1.51 43.37
N SER A 18 14.14 -0.43 43.93
CA SER A 18 14.47 -0.03 45.30
C SER A 18 13.60 -0.85 46.24
N GLU A 19 14.16 -1.95 46.74
CA GLU A 19 13.44 -2.87 47.60
C GLU A 19 13.61 -2.46 49.05
N ASN A 20 12.50 -2.21 49.74
CA ASN A 20 12.53 -1.79 51.14
C ASN A 20 12.48 -3.01 52.05
N ILE A 21 13.45 -3.10 52.95
CA ILE A 21 13.59 -4.24 53.86
C ILE A 21 13.35 -3.73 55.28
N VAL A 22 12.40 -4.35 55.96
CA VAL A 22 12.01 -3.93 57.31
C VAL A 22 12.62 -4.89 58.32
N ILE A 23 13.11 -4.35 59.43
CA ILE A 23 13.60 -5.16 60.56
C ILE A 23 12.88 -4.71 61.82
N GLN A 24 12.30 -5.67 62.54
CA GLN A 24 11.57 -5.41 63.78
C GLN A 24 12.02 -6.43 64.81
N VAL A 25 12.74 -5.98 65.84
CA VAL A 25 13.22 -6.88 66.89
C VAL A 25 12.45 -6.62 68.17
N TYR A 26 12.41 -7.63 69.04
CA TYR A 26 11.59 -7.64 70.25
C TYR A 26 12.33 -8.32 71.39
N GLY A 27 12.18 -7.79 72.59
CA GLY A 27 12.84 -8.31 73.77
C GLY A 27 14.14 -7.62 74.13
N TYR A 28 14.68 -6.81 73.21
CA TYR A 28 15.96 -6.13 73.42
C TYR A 28 15.71 -4.77 74.07
N THR A 29 16.48 -4.47 75.11
CA THR A 29 16.40 -3.18 75.78
C THR A 29 17.57 -2.26 75.50
N GLU A 30 18.73 -2.82 75.16
CA GLU A 30 19.91 -2.04 74.80
C GLU A 30 19.99 -1.87 73.29
N ALA A 31 20.35 -0.66 72.86
CA ALA A 31 20.44 -0.36 71.45
C ALA A 31 21.58 -1.12 70.79
N PHE A 32 21.42 -1.40 69.49
CA PHE A 32 22.45 -2.07 68.71
C PHE A 32 22.17 -1.81 67.23
N ASP A 33 23.20 -2.02 66.42
CA ASP A 33 23.12 -1.83 64.98
C ASP A 33 23.04 -3.17 64.26
N ALA A 34 22.41 -3.16 63.08
CA ALA A 34 22.27 -4.35 62.26
C ALA A 34 22.52 -3.99 60.80
N THR A 35 23.21 -4.87 60.09
CA THR A 35 23.52 -4.68 58.68
C THR A 35 22.65 -5.61 57.85
N ILE A 36 21.83 -5.02 56.98
CA ILE A 36 21.03 -5.75 56.00
C ILE A 36 21.77 -5.72 54.68
N SER A 37 21.78 -6.85 53.97
CA SER A 37 22.66 -6.96 52.82
C SER A 37 22.04 -7.90 51.80
N ILE A 38 22.22 -7.57 50.53
CA ILE A 38 21.92 -8.46 49.42
C ILE A 38 23.26 -8.81 48.77
N LYS A 39 23.65 -10.08 48.87
CA LYS A 39 24.95 -10.59 48.43
C LYS A 39 24.75 -11.69 47.39
N SER A 40 25.86 -12.19 46.86
CA SER A 40 25.82 -13.20 45.81
C SER A 40 25.59 -14.59 46.39
N TYR A 41 24.85 -15.40 45.64
CA TYR A 41 24.52 -16.76 46.04
C TYR A 41 25.35 -17.79 45.28
N PRO A 42 25.91 -18.77 45.99
CA PRO A 42 25.83 -18.94 47.44
C PRO A 42 27.08 -18.50 48.20
N ASP A 43 28.07 -17.98 47.49
CA ASP A 43 29.38 -17.75 48.08
C ASP A 43 29.45 -16.49 48.95
N LYS A 44 28.57 -15.51 48.71
CA LYS A 44 28.58 -14.23 49.42
C LYS A 44 29.87 -13.45 49.21
N LYS A 45 30.62 -13.74 48.14
CA LYS A 45 31.84 -12.98 47.86
C LYS A 45 31.52 -11.55 47.46
N PHE A 46 30.48 -11.35 46.66
CA PHE A 46 30.09 -10.04 46.18
C PHE A 46 28.86 -9.54 46.94
N SER A 47 28.88 -8.25 47.30
CA SER A 47 27.79 -7.60 48.00
C SER A 47 27.06 -6.69 47.02
N TYR A 48 25.89 -7.12 46.55
CA TYR A 48 25.11 -6.30 45.63
C TYR A 48 24.69 -4.97 46.26
N SER A 49 24.32 -5.00 47.54
CA SER A 49 24.11 -3.77 48.29
C SER A 49 23.98 -4.11 49.77
N SER A 50 24.00 -3.08 50.61
CA SER A 50 23.90 -3.26 52.06
C SER A 50 23.59 -1.90 52.70
N GLY A 51 22.99 -1.96 53.88
CA GLY A 51 22.67 -0.76 54.63
C GLY A 51 22.73 -1.05 56.12
N HIS A 52 23.10 -0.03 56.88
CA HIS A 52 23.15 -0.12 58.33
C HIS A 52 21.90 0.51 58.92
N VAL A 53 21.28 -0.17 59.88
CA VAL A 53 20.11 0.32 60.57
C VAL A 53 20.36 0.27 62.07
N HIS A 54 19.98 1.33 62.77
CA HIS A 54 20.13 1.42 64.21
C HIS A 54 18.81 1.07 64.89
N LEU A 55 18.90 0.27 65.95
CA LEU A 55 17.74 -0.18 66.71
C LEU A 55 17.90 0.26 68.15
N SER A 56 16.96 1.06 68.64
CA SER A 56 17.03 1.63 69.98
C SER A 56 15.62 1.86 70.51
N SER A 57 15.54 2.32 71.76
CA SER A 57 14.25 2.69 72.33
C SER A 57 13.67 3.91 71.61
N GLU A 58 14.53 4.87 71.26
CA GLU A 58 14.11 5.97 70.38
C GLU A 58 13.54 5.44 69.07
N ASN A 59 14.06 4.32 68.59
CA ASN A 59 13.63 3.72 67.34
C ASN A 59 12.50 2.70 67.53
N LYS A 60 12.13 2.41 68.78
CA LYS A 60 11.21 1.31 69.10
C LYS A 60 11.70 -0.02 68.54
N PHE A 61 13.01 -0.11 68.32
CA PHE A 61 13.65 -1.32 67.81
C PHE A 61 13.02 -1.79 66.51
N GLN A 62 12.77 -0.84 65.61
CA GLN A 62 12.27 -1.11 64.27
C GLN A 62 12.94 -0.15 63.31
N ASN A 63 13.37 -0.65 62.16
CA ASN A 63 14.05 0.18 61.19
C ASN A 63 13.85 -0.37 59.80
N SER A 64 14.28 0.39 58.81
CA SER A 64 14.08 0.07 57.41
C SER A 64 15.36 0.40 56.64
N ALA A 65 15.61 -0.38 55.59
CA ALA A 65 16.77 -0.17 54.74
C ALA A 65 16.41 -0.49 53.30
N ILE A 66 16.74 0.42 52.38
CA ILE A 66 16.40 0.27 50.97
C ILE A 66 17.62 -0.25 50.23
N LEU A 67 17.51 -1.45 49.66
CA LEU A 67 18.58 -2.06 48.88
C LEU A 67 18.21 -2.11 47.41
N THR A 68 19.22 -2.23 46.56
CA THR A 68 19.01 -2.23 45.12
C THR A 68 20.01 -3.16 44.45
N ILE A 69 19.51 -4.14 43.70
CA ILE A 69 20.34 -4.98 42.87
C ILE A 69 20.54 -4.27 41.54
N GLN A 70 21.73 -3.72 41.32
CA GLN A 70 22.02 -3.00 40.09
C GLN A 70 22.07 -3.96 38.90
N PRO A 71 21.37 -3.67 37.82
CA PRO A 71 21.41 -4.58 36.65
C PRO A 71 22.81 -4.77 36.09
N LYS A 72 23.61 -3.70 36.04
CA LYS A 72 24.96 -3.81 35.51
C LYS A 72 25.83 -4.73 36.36
N GLN A 73 25.46 -4.98 37.61
CA GLN A 73 26.24 -5.86 38.48
C GLN A 73 25.92 -7.35 38.26
N LEU A 74 25.09 -7.66 37.28
CA LEU A 74 24.74 -9.05 36.99
C LEU A 74 25.32 -9.49 35.66
N PRO A 75 25.89 -10.69 35.57
CA PRO A 75 26.39 -11.18 34.28
C PRO A 75 25.26 -11.33 33.28
N GLY A 76 25.64 -11.47 32.01
CA GLY A 76 24.68 -11.56 30.94
C GLY A 76 24.93 -12.76 30.06
N GLY A 77 23.83 -13.33 29.55
CA GLY A 77 23.94 -14.34 28.54
C GLY A 77 23.80 -15.78 29.01
N GLN A 78 24.93 -16.45 29.17
CA GLN A 78 24.91 -17.91 29.25
C GLN A 78 24.51 -18.43 30.62
N ASN A 79 25.18 -17.97 31.68
CA ASN A 79 24.92 -18.44 33.04
C ASN A 79 24.44 -17.27 33.91
N PRO A 80 23.23 -16.79 33.70
CA PRO A 80 22.76 -15.61 34.41
C PRO A 80 22.38 -15.93 35.84
N VAL A 81 22.40 -14.89 36.68
CA VAL A 81 22.07 -15.05 38.07
C VAL A 81 20.58 -15.28 38.22
N SER A 82 20.22 -16.28 39.04
CA SER A 82 18.83 -16.54 39.38
C SER A 82 18.51 -16.25 40.84
N TYR A 83 19.49 -16.34 41.73
CA TYR A 83 19.26 -16.18 43.16
C TYR A 83 20.29 -15.22 43.76
N VAL A 84 19.89 -14.56 44.84
CA VAL A 84 20.78 -13.77 45.67
C VAL A 84 20.53 -14.16 47.12
N TYR A 85 21.42 -13.71 47.99
CA TYR A 85 21.32 -13.98 49.42
C TYR A 85 20.85 -12.71 50.13
N LEU A 86 19.77 -12.83 50.89
CA LEU A 86 19.38 -11.80 51.84
C LEU A 86 19.99 -12.13 53.19
N GLU A 87 20.74 -11.19 53.76
CA GLU A 87 21.51 -11.44 54.97
C GLU A 87 21.30 -10.33 55.97
N VAL A 88 21.09 -10.70 57.24
CA VAL A 88 21.02 -9.75 58.34
C VAL A 88 22.05 -10.19 59.37
N VAL A 89 22.91 -9.24 59.77
CA VAL A 89 23.98 -9.52 60.72
C VAL A 89 23.93 -8.47 61.82
N SER A 90 24.10 -8.91 63.07
CA SER A 90 24.16 -8.02 64.21
C SER A 90 24.99 -8.68 65.30
N LYS A 91 25.15 -7.97 66.42
CA LYS A 91 25.85 -8.55 67.56
C LYS A 91 25.18 -9.83 68.04
N HIS A 92 23.86 -9.94 67.86
CA HIS A 92 23.06 -11.01 68.43
C HIS A 92 22.81 -12.15 67.46
N PHE A 93 22.60 -11.87 66.18
CA PHE A 93 22.14 -12.89 65.25
C PHE A 93 22.70 -12.64 63.86
N SER A 94 22.70 -13.68 63.04
CA SER A 94 23.09 -13.58 61.64
C SER A 94 22.31 -14.63 60.87
N LYS A 95 21.40 -14.19 60.00
CA LYS A 95 20.53 -15.10 59.27
C LYS A 95 20.48 -14.67 57.81
N SER A 96 20.49 -15.65 56.91
CA SER A 96 20.43 -15.40 55.48
C SER A 96 19.38 -16.32 54.85
N LYS A 97 19.02 -16.00 53.61
CA LYS A 97 17.98 -16.73 52.88
C LYS A 97 18.18 -16.56 51.39
N ARG A 98 17.86 -17.61 50.64
CA ARG A 98 17.97 -17.58 49.19
C ARG A 98 16.73 -16.93 48.60
N MET A 99 16.94 -15.85 47.84
CA MET A 99 15.89 -15.06 47.25
C MET A 99 15.96 -15.14 45.72
N PRO A 100 14.88 -15.51 45.05
CA PRO A 100 14.89 -15.45 43.58
C PRO A 100 14.81 -14.00 43.11
N ILE A 101 15.36 -13.74 41.93
CA ILE A 101 15.27 -12.42 41.32
C ILE A 101 14.57 -12.54 39.98
N THR A 102 13.90 -11.45 39.59
CA THR A 102 13.32 -11.32 38.26
C THR A 102 13.92 -10.12 37.56
N TYR A 103 14.04 -10.23 36.23
CA TYR A 103 14.53 -9.14 35.42
C TYR A 103 13.40 -8.32 34.82
N ASP A 104 12.18 -8.48 35.34
CA ASP A 104 11.03 -7.71 34.88
C ASP A 104 10.92 -6.45 35.74
N ASN A 105 11.15 -5.29 35.12
CA ASN A 105 11.13 -4.02 35.83
C ASN A 105 10.44 -2.98 34.97
N GLY A 106 9.35 -2.41 35.47
CA GLY A 106 8.66 -1.32 34.80
C GLY A 106 7.48 -1.77 33.97
N PHE A 107 6.98 -0.84 33.17
CA PHE A 107 5.81 -1.03 32.34
C PHE A 107 6.00 -0.29 31.02
N LEU A 108 5.62 -0.94 29.92
CA LEU A 108 5.76 -0.41 28.57
C LEU A 108 4.39 -0.49 27.90
N PHE A 109 3.70 0.65 27.81
CA PHE A 109 2.40 0.73 27.17
C PHE A 109 2.57 1.24 25.74
N ILE A 110 2.24 0.40 24.76
CA ILE A 110 2.29 0.77 23.36
C ILE A 110 0.94 1.35 22.95
N HIS A 111 0.95 2.59 22.47
CA HIS A 111 -0.25 3.31 22.08
C HIS A 111 -0.19 3.63 20.58
N THR A 112 -1.05 2.98 19.80
CA THR A 112 -1.26 3.33 18.40
C THR A 112 -2.53 4.16 18.28
N ASP A 113 -2.55 5.05 17.27
CA ASP A 113 -3.66 6.00 17.16
C ASP A 113 -4.99 5.28 16.89
N LYS A 114 -4.97 4.25 16.04
CA LYS A 114 -6.16 3.49 15.70
C LYS A 114 -5.86 2.01 15.89
N PRO A 115 -6.89 1.18 16.06
CA PRO A 115 -6.68 -0.26 16.10
C PRO A 115 -6.84 -0.95 14.76
N VAL A 116 -7.36 -0.26 13.75
CA VAL A 116 -7.59 -0.83 12.43
C VAL A 116 -7.07 0.15 11.38
N TYR A 117 -6.32 -0.37 10.41
CA TYR A 117 -5.75 0.46 9.36
C TYR A 117 -6.05 -0.15 7.99
N THR A 118 -6.11 0.72 6.99
CA THR A 118 -6.22 0.36 5.59
C THR A 118 -4.92 0.66 4.85
N PRO A 119 -4.69 0.03 3.69
CA PRO A 119 -3.40 0.19 3.01
C PRO A 119 -3.05 1.65 2.76
N ASP A 120 -1.74 1.92 2.71
CA ASP A 120 -1.11 3.22 2.49
C ASP A 120 -1.27 4.16 3.69
N GLN A 121 -1.97 3.77 4.74
CA GLN A 121 -2.04 4.60 5.93
C GLN A 121 -0.76 4.49 6.74
N SER A 122 -0.56 5.44 7.65
CA SER A 122 0.60 5.48 8.52
C SER A 122 0.14 5.29 9.96
N VAL A 123 0.75 4.34 10.65
CA VAL A 123 0.42 4.05 12.04
C VAL A 123 1.21 4.98 12.94
N LYS A 124 0.51 5.85 13.66
CA LYS A 124 1.12 6.65 14.71
C LYS A 124 1.26 5.83 15.99
N VAL A 125 2.47 5.78 16.54
CA VAL A 125 2.75 4.90 17.67
C VAL A 125 3.69 5.62 18.63
N ARG A 126 3.34 5.62 19.92
CA ARG A 126 4.25 6.08 20.96
C ARG A 126 4.19 5.09 22.12
N VAL A 127 5.17 5.17 23.00
CA VAL A 127 5.26 4.25 24.13
C VAL A 127 5.35 5.04 25.42
N TYR A 128 4.49 4.71 26.38
CA TYR A 128 4.61 5.22 27.74
C TYR A 128 5.44 4.23 28.55
N SER A 129 6.55 4.71 29.12
CA SER A 129 7.53 3.85 29.76
C SER A 129 7.73 4.28 31.21
N LEU A 130 7.37 3.40 32.15
CA LEU A 130 7.56 3.65 33.57
C LEU A 130 8.49 2.60 34.17
N ASN A 131 9.21 2.97 35.23
CA ASN A 131 10.02 2.00 35.95
C ASN A 131 9.16 1.31 37.01
N ASP A 132 9.78 0.50 37.87
CA ASP A 132 9.04 -0.26 38.86
C ASP A 132 8.32 0.64 39.86
N ASP A 133 8.86 1.83 40.11
CA ASP A 133 8.26 2.79 41.01
C ASP A 133 7.26 3.71 40.31
N LEU A 134 6.80 3.33 39.11
CA LEU A 134 5.80 4.09 38.37
C LEU A 134 6.25 5.52 38.08
N LYS A 135 7.49 5.65 37.63
CA LYS A 135 8.09 6.92 37.25
C LYS A 135 8.73 6.78 35.88
N PRO A 136 8.87 7.89 35.13
CA PRO A 136 9.49 7.81 33.79
C PRO A 136 10.79 7.00 33.79
N ALA A 137 10.79 5.90 33.04
CA ALA A 137 11.93 4.98 33.09
C ALA A 137 13.19 5.59 32.48
N LYS A 138 13.03 6.39 31.42
CA LYS A 138 14.16 7.02 30.73
C LYS A 138 15.18 5.98 30.24
N ARG A 139 14.69 4.82 29.83
CA ARG A 139 15.50 3.76 29.25
C ARG A 139 15.23 3.69 27.74
N GLU A 140 16.28 3.44 26.96
CA GLU A 140 16.07 3.34 25.52
C GLU A 140 15.28 2.08 25.20
N THR A 141 14.37 2.21 24.25
CA THR A 141 13.32 1.23 24.00
C THR A 141 13.39 0.78 22.54
N VAL A 142 13.10 -0.50 22.33
CA VAL A 142 13.13 -1.13 21.01
C VAL A 142 11.71 -1.56 20.65
N LEU A 143 11.24 -1.10 19.50
CA LEU A 143 9.97 -1.50 18.93
C LEU A 143 10.21 -2.46 17.78
N THR A 144 9.43 -3.54 17.75
CA THR A 144 9.48 -4.52 16.68
C THR A 144 8.09 -4.67 16.09
N PHE A 145 8.04 -4.80 14.77
CA PHE A 145 6.80 -4.98 14.04
C PHE A 145 6.78 -6.38 13.40
N ILE A 146 5.77 -7.16 13.76
CA ILE A 146 5.57 -8.51 13.21
C ILE A 146 4.27 -8.52 12.42
N ASP A 147 4.34 -8.97 11.17
CA ASP A 147 3.18 -8.99 10.30
C ASP A 147 2.35 -10.24 10.55
N PRO A 148 1.15 -10.33 9.96
CA PRO A 148 0.30 -11.51 10.20
C PRO A 148 0.94 -12.83 9.81
N GLU A 149 2.03 -12.82 9.06
CA GLU A 149 2.69 -14.06 8.65
C GLU A 149 3.88 -14.39 9.53
N GLY A 150 4.10 -13.63 10.60
CA GLY A 150 5.15 -13.93 11.54
C GLY A 150 6.51 -13.36 11.18
N SER A 151 6.61 -12.47 10.21
CA SER A 151 7.87 -11.88 9.81
C SER A 151 8.12 -10.59 10.57
N GLU A 152 9.31 -10.47 11.17
CA GLU A 152 9.75 -9.23 11.78
C GLU A 152 10.20 -8.30 10.65
N VAL A 153 9.40 -7.27 10.37
CA VAL A 153 9.62 -6.43 9.20
C VAL A 153 10.22 -5.08 9.52
N ASP A 154 10.23 -4.67 10.78
CA ASP A 154 10.86 -3.40 11.13
C ASP A 154 11.21 -3.41 12.62
N MET A 155 12.33 -2.78 12.95
CA MET A 155 12.76 -2.58 14.32
C MET A 155 13.34 -1.19 14.45
N VAL A 156 13.01 -0.50 15.52
CA VAL A 156 13.51 0.86 15.72
C VAL A 156 13.65 1.12 17.22
N GLU A 157 14.80 1.65 17.61
CA GLU A 157 15.05 1.98 19.01
C GLU A 157 15.13 3.49 19.18
N GLU A 158 14.74 3.96 20.37
CA GLU A 158 14.72 5.38 20.67
C GLU A 158 15.04 5.58 22.14
N ILE A 159 15.77 6.65 22.44
CA ILE A 159 16.03 6.98 23.84
C ILE A 159 14.81 7.68 24.43
N ASP A 160 14.70 7.61 25.75
CA ASP A 160 13.55 8.14 26.47
C ASP A 160 14.02 9.26 27.39
N HIS A 161 13.40 10.44 27.24
CA HIS A 161 13.75 11.60 28.04
C HIS A 161 12.73 11.90 29.13
N ILE A 162 11.44 11.78 28.83
CA ILE A 162 10.39 12.26 29.71
C ILE A 162 9.45 11.15 30.16
N GLY A 163 9.67 9.92 29.73
CA GLY A 163 8.72 8.85 29.96
C GLY A 163 7.74 8.65 28.83
N ILE A 164 7.69 9.56 27.86
CA ILE A 164 6.92 9.41 26.63
C ILE A 164 7.91 9.28 25.48
N ILE A 165 7.81 8.18 24.73
CA ILE A 165 8.74 7.88 23.65
C ILE A 165 7.97 7.97 22.34
N SER A 166 8.30 8.95 21.52
CA SER A 166 7.68 9.13 20.21
C SER A 166 8.50 8.43 19.14
N PHE A 167 7.86 7.55 18.39
CA PHE A 167 8.49 6.82 17.31
C PHE A 167 8.03 7.32 15.96
N PRO A 168 8.85 7.15 14.91
CA PRO A 168 8.39 7.52 13.57
C PRO A 168 7.20 6.67 13.15
N ASP A 169 6.34 7.25 12.32
CA ASP A 169 5.14 6.55 11.88
C ASP A 169 5.48 5.38 11.00
N PHE A 170 4.72 4.29 11.14
CA PHE A 170 4.92 3.09 10.35
C PHE A 170 3.98 3.15 9.15
N LYS A 171 4.56 3.19 7.95
CA LYS A 171 3.80 3.29 6.72
C LYS A 171 3.33 1.90 6.31
N ILE A 172 2.02 1.73 6.18
CA ILE A 172 1.49 0.45 5.70
C ILE A 172 1.70 0.37 4.19
N PRO A 173 2.24 -0.73 3.68
CA PRO A 173 2.53 -0.81 2.24
C PRO A 173 1.26 -0.66 1.41
N SER A 174 1.47 -0.31 0.13
CA SER A 174 0.36 -0.13 -0.79
C SER A 174 -0.43 -1.41 -0.96
N ASN A 175 0.26 -2.55 -1.02
CA ASN A 175 -0.36 -3.88 -1.05
C ASN A 175 0.21 -4.67 0.11
N PRO A 176 -0.34 -4.50 1.31
CA PRO A 176 0.30 -5.10 2.50
C PRO A 176 -0.17 -6.51 2.81
N ARG A 177 0.43 -7.12 3.82
CA ARG A 177 -0.09 -8.37 4.37
C ARG A 177 -1.27 -8.05 5.28
N TYR A 178 -2.45 -8.52 4.90
CA TYR A 178 -3.66 -8.23 5.68
C TYR A 178 -3.78 -9.18 6.86
N GLY A 179 -4.36 -8.68 7.95
CA GLY A 179 -4.50 -9.49 9.14
C GLY A 179 -4.04 -8.80 10.41
N MET A 180 -3.64 -9.58 11.41
CA MET A 180 -3.32 -9.06 12.75
C MET A 180 -1.82 -8.81 12.84
N TRP A 181 -1.45 -7.54 12.97
CA TRP A 181 -0.06 -7.15 13.20
C TRP A 181 0.19 -6.98 14.69
N THR A 182 1.42 -7.32 15.10
CA THR A 182 1.84 -7.21 16.49
C THR A 182 3.01 -6.24 16.60
N ILE A 183 2.92 -5.34 17.58
CA ILE A 183 4.03 -4.45 17.95
C ILE A 183 4.56 -4.90 19.32
N LYS A 184 5.87 -5.08 19.41
CA LYS A 184 6.52 -5.54 20.64
C LYS A 184 7.50 -4.47 21.12
N ALA A 185 7.29 -3.97 22.34
CA ALA A 185 8.20 -3.04 22.97
C ALA A 185 9.09 -3.78 23.95
N LYS A 186 10.32 -3.30 24.10
CA LYS A 186 11.28 -3.97 24.96
C LYS A 186 12.35 -2.96 25.37
N TYR A 187 13.07 -3.27 26.43
CA TYR A 187 14.21 -2.45 26.81
C TYR A 187 15.47 -3.01 26.15
N LYS A 188 16.35 -2.10 25.71
CA LYS A 188 17.55 -2.56 25.01
C LYS A 188 18.55 -3.20 25.95
N GLU A 189 18.54 -2.80 27.22
CA GLU A 189 19.52 -3.25 28.18
C GLU A 189 18.84 -3.73 29.46
N ASP A 190 19.56 -4.57 30.20
CA ASP A 190 19.39 -4.76 31.64
C ASP A 190 18.15 -5.55 32.04
N PHE A 191 17.02 -5.34 31.39
CA PHE A 191 15.74 -5.85 31.85
C PHE A 191 15.06 -6.72 30.81
N SER A 192 14.10 -7.50 31.29
CA SER A 192 13.31 -8.39 30.45
C SER A 192 11.89 -7.89 30.25
N THR A 193 11.59 -6.67 30.69
CA THR A 193 10.27 -6.09 30.53
C THR A 193 9.86 -6.05 29.07
N THR A 194 8.59 -6.37 28.79
CA THR A 194 8.06 -6.34 27.44
C THR A 194 6.70 -5.64 27.42
N GLY A 195 6.40 -5.01 26.29
CA GLY A 195 5.09 -4.46 26.02
C GLY A 195 4.57 -5.05 24.72
N THR A 196 3.26 -5.09 24.54
CA THR A 196 2.68 -5.68 23.33
C THR A 196 1.40 -4.96 22.96
N ALA A 197 1.26 -4.66 21.67
CA ALA A 197 0.05 -4.09 21.13
C ALA A 197 -0.28 -4.79 19.83
N TYR A 198 -1.52 -4.64 19.38
CA TYR A 198 -1.98 -5.26 18.15
C TYR A 198 -2.69 -4.20 17.31
N PHE A 199 -2.61 -4.37 15.98
CA PHE A 199 -3.43 -3.56 15.08
C PHE A 199 -3.68 -4.36 13.81
N GLU A 200 -4.90 -4.28 13.29
CA GLU A 200 -5.27 -5.02 12.10
C GLU A 200 -5.11 -4.18 10.85
N VAL A 201 -4.68 -4.82 9.75
CA VAL A 201 -4.68 -4.20 8.44
C VAL A 201 -5.71 -4.94 7.60
N LYS A 202 -6.78 -4.24 7.22
CA LYS A 202 -7.87 -4.83 6.48
C LYS A 202 -8.01 -4.15 5.12
N GLU A 203 -8.45 -4.93 4.14
CA GLU A 203 -8.63 -4.42 2.79
C GLU A 203 -9.97 -3.72 2.66
N TYR A 204 -9.96 -2.50 2.12
CA TYR A 204 -11.20 -1.76 1.94
C TYR A 204 -11.98 -2.32 0.75
N VAL A 205 -13.28 -2.52 0.94
CA VAL A 205 -14.19 -2.94 -0.13
C VAL A 205 -15.38 -2.00 -0.13
N LEU A 206 -15.72 -1.46 -1.29
CA LEU A 206 -16.82 -0.51 -1.38
C LEU A 206 -18.14 -1.20 -1.11
N PRO A 207 -18.92 -0.78 -0.11
CA PRO A 207 -20.22 -1.39 0.15
C PRO A 207 -21.33 -0.76 -0.66
N HIS A 208 -22.29 -1.60 -1.06
CA HIS A 208 -23.42 -1.10 -1.84
C HIS A 208 -24.47 -0.43 -0.95
N PHE A 209 -24.77 -1.04 0.20
CA PHE A 209 -25.71 -0.48 1.16
C PHE A 209 -25.31 -0.93 2.55
N SER A 210 -26.02 -0.44 3.56
CA SER A 210 -25.73 -0.74 4.96
C SER A 210 -26.74 -1.74 5.50
N VAL A 211 -26.23 -2.77 6.18
CA VAL A 211 -27.03 -3.83 6.78
C VAL A 211 -26.77 -3.85 8.28
N SER A 212 -27.85 -3.81 9.06
CA SER A 212 -27.79 -3.80 10.51
C SER A 212 -28.62 -4.96 11.06
N ILE A 213 -28.10 -5.61 12.10
CA ILE A 213 -28.81 -6.67 12.81
C ILE A 213 -29.04 -6.23 14.24
N GLU A 214 -30.28 -6.36 14.71
CA GLU A 214 -30.65 -5.98 16.07
C GLU A 214 -31.32 -7.17 16.76
N PRO A 215 -30.64 -7.84 17.68
CA PRO A 215 -31.28 -8.92 18.44
C PRO A 215 -32.18 -8.37 19.52
N GLU A 216 -33.06 -9.25 20.02
CA GLU A 216 -33.97 -8.84 21.09
C GLU A 216 -33.21 -8.47 22.35
N TYR A 217 -32.22 -9.27 22.72
CA TYR A 217 -31.38 -8.97 23.88
C TYR A 217 -29.94 -9.34 23.56
N ASN A 218 -29.02 -8.86 24.39
CA ASN A 218 -27.60 -9.22 24.24
C ASN A 218 -27.29 -10.59 24.83
N PHE A 219 -28.22 -11.18 25.56
CA PHE A 219 -28.05 -12.51 26.12
C PHE A 219 -29.34 -13.28 25.92
N ILE A 220 -29.24 -14.61 25.96
CA ILE A 220 -30.37 -15.50 25.76
C ILE A 220 -30.60 -16.26 27.05
N GLY A 221 -31.71 -15.94 27.73
CA GLY A 221 -32.07 -16.60 28.97
C GLY A 221 -33.10 -17.68 28.77
N TYR A 222 -33.66 -18.14 29.89
CA TYR A 222 -34.66 -19.21 29.84
C TYR A 222 -35.97 -18.73 29.22
N LYS A 223 -36.24 -17.43 29.31
CA LYS A 223 -37.49 -16.91 28.76
C LYS A 223 -37.45 -16.82 27.25
N ASN A 224 -36.28 -16.56 26.67
CA ASN A 224 -36.12 -16.48 25.23
C ASN A 224 -35.45 -17.71 24.65
N PHE A 225 -35.44 -18.83 25.39
CA PHE A 225 -34.87 -20.06 24.88
C PHE A 225 -35.77 -20.73 23.85
N LYS A 226 -37.06 -20.37 23.81
CA LYS A 226 -37.96 -20.88 22.79
C LYS A 226 -38.20 -19.90 21.66
N ASN A 227 -38.00 -18.61 21.88
CA ASN A 227 -38.21 -17.60 20.84
C ASN A 227 -37.25 -16.45 21.07
N PHE A 228 -36.52 -16.07 20.03
CA PHE A 228 -35.56 -14.96 20.10
C PHE A 228 -35.76 -14.08 18.89
N GLU A 229 -36.26 -12.86 19.12
CA GLU A 229 -36.58 -11.95 18.02
C GLU A 229 -35.31 -11.32 17.45
N ILE A 230 -35.26 -11.22 16.12
CA ILE A 230 -34.13 -10.65 15.40
C ILE A 230 -34.67 -9.73 14.32
N THR A 231 -34.24 -8.47 14.33
CA THR A 231 -34.69 -7.47 13.38
C THR A 231 -33.52 -7.07 12.49
N ILE A 232 -33.67 -7.29 11.18
CA ILE A 232 -32.64 -7.02 10.20
C ILE A 232 -33.07 -5.83 9.35
N LYS A 233 -32.34 -4.73 9.44
CA LYS A 233 -32.61 -3.53 8.67
C LYS A 233 -31.50 -3.31 7.66
N ALA A 234 -31.81 -2.54 6.62
CA ALA A 234 -30.85 -2.26 5.55
C ALA A 234 -31.29 -1.01 4.80
N ARG A 235 -30.35 -0.11 4.54
CA ARG A 235 -30.69 1.14 3.86
C ARG A 235 -29.51 1.56 2.98
N TYR A 236 -29.85 2.28 1.90
CA TYR A 236 -28.83 2.80 1.00
C TYR A 236 -28.09 3.95 1.65
N PHE A 237 -26.84 4.14 1.23
CA PHE A 237 -26.00 5.19 1.80
C PHE A 237 -26.40 6.59 1.38
N TYR A 238 -27.39 6.73 0.49
CA TYR A 238 -28.01 8.04 0.27
C TYR A 238 -29.26 8.22 1.13
N ASN A 239 -29.28 7.62 2.32
CA ASN A 239 -30.28 7.91 3.36
C ASN A 239 -31.69 7.51 2.93
N LYS A 240 -31.79 6.39 2.21
CA LYS A 240 -33.08 5.83 1.81
C LYS A 240 -33.12 4.37 2.19
N VAL A 241 -34.28 3.90 2.60
CA VAL A 241 -34.44 2.51 3.02
C VAL A 241 -34.49 1.63 1.78
N VAL A 242 -33.86 0.45 1.87
CA VAL A 242 -33.95 -0.52 0.80
C VAL A 242 -35.39 -1.03 0.71
N THR A 243 -35.97 -0.95 -0.47
CA THR A 243 -37.39 -1.25 -0.63
C THR A 243 -37.66 -2.74 -0.56
N GLU A 244 -37.03 -3.51 -1.44
CA GLU A 244 -37.21 -4.96 -1.48
C GLU A 244 -35.87 -5.65 -1.58
N ALA A 245 -35.71 -6.73 -0.83
CA ALA A 245 -34.48 -7.51 -0.87
C ALA A 245 -34.77 -8.91 -0.36
N ASP A 246 -33.79 -9.80 -0.55
CA ASP A 246 -33.88 -11.18 -0.09
C ASP A 246 -32.95 -11.33 1.10
N VAL A 247 -33.49 -11.80 2.22
CA VAL A 247 -32.73 -11.94 3.46
C VAL A 247 -32.54 -13.43 3.74
N TYR A 248 -31.29 -13.83 3.91
CA TYR A 248 -30.94 -15.20 4.27
C TYR A 248 -30.14 -15.18 5.58
N ILE A 249 -30.58 -15.98 6.55
CA ILE A 249 -30.02 -15.98 7.89
C ILE A 249 -29.59 -17.39 8.24
N THR A 250 -28.32 -17.55 8.60
CA THR A 250 -27.77 -18.81 9.08
C THR A 250 -27.33 -18.64 10.53
N PHE A 251 -27.53 -19.69 11.32
CA PHE A 251 -27.24 -19.66 12.75
C PHE A 251 -26.17 -20.70 13.09
N GLY A 252 -25.34 -20.36 14.07
CA GLY A 252 -24.29 -21.28 14.50
C GLY A 252 -24.07 -21.17 16.00
N ILE A 253 -23.38 -22.18 16.52
CA ILE A 253 -22.96 -22.23 17.92
C ILE A 253 -21.46 -22.01 17.97
N ARG A 254 -21.01 -21.16 18.90
CA ARG A 254 -19.63 -20.73 18.98
C ARG A 254 -19.10 -20.94 20.39
N GLU A 255 -17.87 -21.43 20.49
CA GLU A 255 -17.27 -21.69 21.80
C GLU A 255 -16.86 -20.40 22.49
N ASP A 256 -15.98 -19.62 21.83
CA ASP A 256 -15.57 -18.33 22.34
C ASP A 256 -15.38 -17.39 21.17
N LEU A 257 -15.42 -16.08 21.47
CA LEU A 257 -15.33 -15.07 20.42
C LEU A 257 -13.91 -14.87 19.91
N LYS A 258 -12.90 -15.28 20.68
CA LYS A 258 -11.52 -15.17 20.20
C LYS A 258 -11.26 -16.13 19.04
N ASP A 259 -11.71 -17.37 19.16
CA ASP A 259 -11.51 -18.37 18.12
C ASP A 259 -12.56 -18.18 17.03
N ASP A 260 -12.10 -18.14 15.78
CA ASP A 260 -12.98 -17.95 14.63
C ASP A 260 -13.68 -19.24 14.19
N GLN A 261 -13.69 -20.26 15.04
CA GLN A 261 -14.37 -21.51 14.72
C GLN A 261 -15.83 -21.45 15.17
N LYS A 262 -16.69 -22.10 14.40
CA LYS A 262 -18.12 -22.10 14.67
C LYS A 262 -18.75 -23.34 14.07
N GLU A 263 -19.83 -23.81 14.70
CA GLU A 263 -20.58 -24.97 14.22
C GLU A 263 -21.91 -24.49 13.65
N MET A 264 -22.06 -24.59 12.33
CA MET A 264 -23.26 -24.10 11.69
C MET A 264 -24.44 -25.04 11.95
N MET A 265 -25.64 -24.53 11.66
CA MET A 265 -26.88 -25.30 11.80
C MET A 265 -27.68 -25.12 10.50
N GLN A 266 -27.55 -26.08 9.60
CA GLN A 266 -28.24 -26.00 8.31
C GLN A 266 -29.74 -26.22 8.42
N THR A 267 -30.29 -26.34 9.63
CA THR A 267 -31.73 -26.50 9.80
C THR A 267 -32.45 -25.16 9.94
N ALA A 268 -31.79 -24.17 10.54
CA ALA A 268 -32.39 -22.86 10.76
C ALA A 268 -31.98 -21.84 9.70
N MET A 269 -31.79 -22.27 8.45
CA MET A 269 -31.44 -21.36 7.38
C MET A 269 -32.67 -20.62 6.86
N GLN A 270 -33.47 -20.05 7.75
CA GLN A 270 -34.72 -19.46 7.32
C GLN A 270 -34.48 -18.22 6.46
N ASN A 271 -35.36 -18.01 5.48
CA ASN A 271 -35.24 -16.93 4.52
C ASN A 271 -36.50 -16.08 4.56
N THR A 272 -36.32 -14.76 4.51
CA THR A 272 -37.43 -13.81 4.55
C THR A 272 -37.17 -12.69 3.54
N MET A 273 -38.10 -11.75 3.48
CA MET A 273 -38.04 -10.64 2.54
C MET A 273 -37.82 -9.33 3.28
N LEU A 274 -36.84 -8.56 2.82
CA LEU A 274 -36.63 -7.21 3.33
C LEU A 274 -37.60 -6.28 2.62
N ILE A 275 -38.54 -5.72 3.36
CA ILE A 275 -39.60 -4.88 2.80
C ILE A 275 -39.54 -3.53 3.48
N ASN A 276 -39.38 -2.47 2.68
CA ASN A 276 -39.39 -1.08 3.16
C ASN A 276 -38.33 -0.83 4.22
N GLY A 277 -37.23 -1.60 4.18
CA GLY A 277 -36.08 -1.37 5.02
C GLY A 277 -35.93 -2.33 6.17
N ILE A 278 -37.00 -2.99 6.61
CA ILE A 278 -36.98 -3.80 7.82
C ILE A 278 -37.51 -5.19 7.52
N ALA A 279 -36.85 -6.20 8.08
CA ALA A 279 -37.33 -7.58 8.09
C ALA A 279 -37.17 -8.11 9.52
N GLN A 280 -37.93 -9.15 9.85
CA GLN A 280 -37.88 -9.71 11.20
C GLN A 280 -38.03 -11.22 11.14
N VAL A 281 -37.30 -11.92 12.02
CA VAL A 281 -37.43 -13.35 12.19
C VAL A 281 -37.38 -13.67 13.67
N THR A 282 -37.81 -14.89 14.01
CA THR A 282 -37.72 -15.40 15.37
C THR A 282 -36.97 -16.71 15.33
N PHE A 283 -36.01 -16.87 16.24
CA PHE A 283 -35.16 -18.05 16.30
C PHE A 283 -35.59 -18.90 17.50
N ASP A 284 -36.06 -20.12 17.22
CA ASP A 284 -36.40 -21.08 18.26
C ASP A 284 -35.12 -21.79 18.66
N SER A 285 -34.52 -21.34 19.77
CA SER A 285 -33.24 -21.88 20.18
C SER A 285 -33.32 -23.37 20.46
N GLU A 286 -34.33 -23.79 21.23
CA GLU A 286 -34.44 -25.20 21.64
C GLU A 286 -34.43 -26.13 20.44
N THR A 287 -35.30 -25.88 19.46
CA THR A 287 -35.42 -26.78 18.32
C THR A 287 -34.15 -26.84 17.50
N ALA A 288 -33.54 -25.68 17.25
CA ALA A 288 -32.34 -25.65 16.41
C ALA A 288 -31.13 -26.25 17.11
N VAL A 289 -31.03 -26.07 18.43
CA VAL A 289 -29.93 -26.66 19.20
C VAL A 289 -30.22 -28.10 19.61
N LYS A 290 -31.40 -28.64 19.27
CA LYS A 290 -31.54 -30.09 19.29
C LYS A 290 -30.63 -30.73 18.24
N GLU A 291 -30.32 -29.99 17.18
CA GLU A 291 -29.24 -30.37 16.28
C GLU A 291 -27.90 -30.09 16.95
N LEU A 292 -26.86 -30.82 16.51
CA LEU A 292 -25.53 -30.72 17.09
C LEU A 292 -25.53 -31.09 18.57
N SER A 293 -26.33 -32.09 18.92
CA SER A 293 -26.46 -32.62 20.29
C SER A 293 -27.02 -31.51 21.17
N TYR A 294 -26.38 -31.18 22.31
CA TYR A 294 -26.81 -30.11 23.20
C TYR A 294 -28.19 -30.33 23.80
N TYR A 295 -29.24 -30.31 22.97
CA TYR A 295 -30.60 -30.64 23.37
C TYR A 295 -31.20 -29.68 24.40
N SER A 296 -30.52 -29.49 25.52
CA SER A 296 -31.07 -28.79 26.67
C SER A 296 -30.43 -27.41 26.86
N LEU A 297 -31.08 -26.60 27.69
CA LEU A 297 -30.56 -25.30 28.05
C LEU A 297 -29.54 -25.37 29.17
N GLU A 298 -29.49 -26.48 29.91
CA GLU A 298 -28.41 -26.68 30.87
C GLU A 298 -27.06 -26.61 30.17
N ASP A 299 -26.99 -27.11 28.94
CA ASP A 299 -25.81 -26.95 28.11
C ASP A 299 -25.86 -25.56 27.48
N LEU A 300 -25.00 -25.32 26.48
CA LEU A 300 -24.93 -24.05 25.77
C LEU A 300 -24.56 -22.88 26.68
N ASN A 301 -24.53 -23.10 28.00
CA ASN A 301 -24.24 -22.03 28.93
C ASN A 301 -22.83 -21.50 28.69
N ASN A 302 -22.71 -20.17 28.63
CA ASN A 302 -21.51 -19.42 28.30
C ASN A 302 -21.06 -19.63 26.87
N LYS A 303 -21.76 -20.46 26.09
CA LYS A 303 -21.50 -20.54 24.66
C LYS A 303 -22.26 -19.42 23.94
N TYR A 304 -21.94 -19.23 22.67
CA TYR A 304 -22.46 -18.09 21.92
C TYR A 304 -23.29 -18.55 20.73
N LEU A 305 -24.19 -17.67 20.30
CA LEU A 305 -25.01 -17.87 19.10
C LEU A 305 -24.51 -16.92 18.02
N TYR A 306 -23.80 -17.47 17.03
CA TYR A 306 -23.33 -16.70 15.90
C TYR A 306 -24.43 -16.55 14.86
N ILE A 307 -24.59 -15.35 14.32
CA ILE A 307 -25.64 -15.05 13.36
C ILE A 307 -25.00 -14.51 12.09
N ALA A 308 -25.39 -15.05 10.94
CA ALA A 308 -24.89 -14.57 9.66
C ALA A 308 -26.08 -14.20 8.78
N VAL A 309 -26.01 -13.05 8.14
CA VAL A 309 -27.10 -12.52 7.34
C VAL A 309 -26.56 -12.05 6.00
N THR A 310 -27.23 -12.46 4.92
CA THR A 310 -26.93 -11.99 3.58
C THR A 310 -28.18 -11.32 3.02
N VAL A 311 -28.02 -10.09 2.51
CA VAL A 311 -29.11 -9.30 1.96
C VAL A 311 -28.84 -9.06 0.49
N ILE A 312 -29.77 -9.46 -0.35
CA ILE A 312 -29.63 -9.35 -1.81
C ILE A 312 -30.70 -8.37 -2.28
N GLU A 313 -30.29 -7.14 -2.56
CA GLU A 313 -31.21 -6.12 -3.06
C GLU A 313 -31.75 -6.52 -4.42
N SER A 314 -33.04 -6.25 -4.64
CA SER A 314 -33.75 -6.82 -5.79
C SER A 314 -33.61 -6.00 -7.08
N THR A 315 -33.45 -4.67 -6.98
CA THR A 315 -33.40 -3.85 -8.19
C THR A 315 -32.10 -4.10 -8.95
N GLY A 316 -30.97 -3.79 -8.33
CA GLY A 316 -29.66 -3.98 -8.94
C GLY A 316 -29.02 -5.33 -8.71
N GLY A 317 -29.66 -6.20 -7.94
CA GLY A 317 -29.09 -7.52 -7.71
C GLY A 317 -27.89 -7.56 -6.80
N PHE A 318 -27.50 -6.43 -6.22
CA PHE A 318 -26.30 -6.40 -5.40
C PHE A 318 -26.54 -7.07 -4.05
N SER A 319 -25.47 -7.63 -3.49
CA SER A 319 -25.54 -8.40 -2.27
C SER A 319 -24.56 -7.83 -1.24
N GLU A 320 -24.99 -7.80 0.02
CA GLU A 320 -24.15 -7.32 1.11
C GLU A 320 -24.37 -8.20 2.33
N GLU A 321 -23.31 -8.44 3.09
CA GLU A 321 -23.35 -9.35 4.22
C GLU A 321 -23.20 -8.60 5.54
N ALA A 322 -23.64 -9.26 6.61
CA ALA A 322 -23.50 -8.74 7.96
C ALA A 322 -23.50 -9.92 8.92
N GLU A 323 -22.93 -9.72 10.10
CA GLU A 323 -22.82 -10.81 11.06
C GLU A 323 -22.86 -10.28 12.48
N ILE A 324 -23.46 -11.07 13.37
CA ILE A 324 -23.32 -10.90 14.81
C ILE A 324 -22.38 -12.00 15.31
N PRO A 325 -21.23 -11.65 15.89
CA PRO A 325 -20.25 -12.69 16.23
C PRO A 325 -20.76 -13.70 17.24
N GLY A 326 -21.44 -13.26 18.29
CA GLY A 326 -21.95 -14.20 19.27
C GLY A 326 -22.81 -13.57 20.34
N ILE A 327 -23.93 -14.21 20.65
CA ILE A 327 -24.79 -13.83 21.76
C ILE A 327 -24.68 -14.92 22.80
N LYS A 328 -24.12 -14.58 23.97
CA LYS A 328 -23.86 -15.58 25.00
C LYS A 328 -25.17 -16.12 25.56
N TYR A 329 -25.34 -17.44 25.50
CA TYR A 329 -26.44 -18.09 26.21
C TYR A 329 -26.17 -18.00 27.72
N VAL A 330 -27.15 -17.50 28.46
CA VAL A 330 -27.01 -17.26 29.89
C VAL A 330 -28.00 -18.15 30.63
N LEU A 331 -27.47 -19.00 31.52
CA LEU A 331 -28.31 -19.92 32.27
C LEU A 331 -28.91 -19.26 33.50
N SER A 332 -28.19 -18.32 34.11
CA SER A 332 -28.68 -17.64 35.29
C SER A 332 -28.45 -16.14 35.13
N PRO A 333 -29.48 -15.32 35.37
CA PRO A 333 -29.30 -13.86 35.25
C PRO A 333 -28.30 -13.29 36.24
N TYR A 334 -27.82 -14.07 37.20
CA TYR A 334 -26.95 -13.56 38.25
C TYR A 334 -25.67 -14.39 38.33
N LYS A 335 -24.62 -13.75 38.82
CA LYS A 335 -23.34 -14.38 39.10
C LYS A 335 -22.89 -13.93 40.48
N LEU A 336 -22.37 -14.86 41.28
CA LEU A 336 -22.01 -14.61 42.66
C LEU A 336 -20.51 -14.55 42.84
N ASN A 337 -20.07 -13.69 43.76
CA ASN A 337 -18.65 -13.60 44.09
C ASN A 337 -18.51 -13.04 45.49
N LEU A 338 -17.51 -13.54 46.22
CA LEU A 338 -17.25 -13.05 47.57
C LEU A 338 -16.48 -11.75 47.53
N VAL A 339 -16.66 -10.93 48.57
CA VAL A 339 -15.99 -9.65 48.69
C VAL A 339 -15.47 -9.51 50.11
N ALA A 340 -14.16 -9.30 50.26
CA ALA A 340 -13.54 -9.01 51.55
C ALA A 340 -13.86 -10.09 52.58
N THR A 341 -13.80 -11.34 52.17
CA THR A 341 -14.00 -12.48 53.06
C THR A 341 -12.90 -13.50 52.82
N PRO A 342 -11.83 -13.46 53.61
CA PRO A 342 -10.79 -14.48 53.50
C PRO A 342 -11.36 -15.87 53.75
N LEU A 343 -10.90 -16.82 52.95
CA LEU A 343 -11.32 -18.22 53.09
C LEU A 343 -10.57 -18.95 54.19
N PHE A 344 -10.41 -18.33 55.36
CA PHE A 344 -9.68 -18.91 56.47
C PHE A 344 -10.45 -18.68 57.75
N LEU A 345 -10.51 -19.71 58.60
CA LEU A 345 -11.23 -19.64 59.85
C LEU A 345 -10.27 -19.35 61.00
N LYS A 346 -10.72 -18.53 61.95
CA LYS A 346 -9.99 -18.29 63.18
C LYS A 346 -10.81 -18.84 64.34
N PRO A 347 -10.37 -19.91 65.00
CA PRO A 347 -11.20 -20.55 66.02
C PRO A 347 -11.54 -19.58 67.15
N GLY A 348 -12.84 -19.42 67.39
CA GLY A 348 -13.34 -18.52 68.42
C GLY A 348 -13.86 -17.20 67.91
N ILE A 349 -13.57 -16.83 66.66
CA ILE A 349 -14.00 -15.56 66.08
C ILE A 349 -15.16 -15.84 65.14
N PRO A 350 -16.23 -15.07 65.19
CA PRO A 350 -17.31 -15.21 64.21
C PRO A 350 -16.79 -14.97 62.79
N TYR A 351 -17.16 -15.88 61.88
CA TYR A 351 -16.65 -15.86 60.52
C TYR A 351 -17.64 -15.13 59.61
N PRO A 352 -17.26 -14.01 59.00
CA PRO A 352 -18.18 -13.27 58.13
C PRO A 352 -18.06 -13.68 56.67
N ILE A 353 -19.21 -13.69 55.99
CA ILE A 353 -19.28 -14.02 54.57
C ILE A 353 -20.11 -12.92 53.89
N LYS A 354 -19.51 -12.26 52.91
CA LYS A 354 -20.15 -11.21 52.13
C LYS A 354 -20.28 -11.69 50.69
N VAL A 355 -21.47 -12.15 50.32
CA VAL A 355 -21.71 -12.55 48.94
C VAL A 355 -22.09 -11.32 48.12
N GLN A 356 -21.89 -11.43 46.80
CA GLN A 356 -22.09 -10.30 45.90
C GLN A 356 -22.76 -10.82 44.64
N VAL A 357 -23.81 -10.12 44.20
CA VAL A 357 -24.63 -10.54 43.07
C VAL A 357 -24.45 -9.54 41.93
N LYS A 358 -24.18 -10.07 40.74
CA LYS A 358 -24.03 -9.25 39.55
C LYS A 358 -24.87 -9.82 38.43
N ASP A 359 -25.18 -8.99 37.43
CA ASP A 359 -25.99 -9.44 36.30
C ASP A 359 -25.06 -9.87 35.17
N SER A 360 -25.64 -10.05 33.97
CA SER A 360 -24.85 -10.49 32.83
C SER A 360 -23.84 -9.45 32.37
N LEU A 361 -24.00 -8.20 32.81
CA LEU A 361 -23.06 -7.13 32.50
C LEU A 361 -22.11 -6.85 33.66
N ASP A 362 -22.03 -7.77 34.62
CA ASP A 362 -21.16 -7.62 35.80
C ASP A 362 -21.48 -6.34 36.56
N GLN A 363 -22.76 -6.05 36.71
CA GLN A 363 -23.22 -4.88 37.44
C GLN A 363 -23.91 -5.33 38.72
N LEU A 364 -23.63 -4.64 39.83
CA LEU A 364 -24.19 -5.00 41.12
C LEU A 364 -25.71 -4.93 41.11
N VAL A 365 -26.37 -6.07 41.23
CA VAL A 365 -27.82 -6.14 41.27
C VAL A 365 -28.28 -6.06 42.71
N GLY A 366 -29.29 -5.23 42.97
CA GLY A 366 -29.76 -4.99 44.31
C GLY A 366 -31.04 -5.75 44.65
N GLY A 367 -31.31 -5.81 45.95
CA GLY A 367 -32.51 -6.47 46.44
C GLY A 367 -32.59 -7.94 46.15
N VAL A 368 -31.45 -8.60 45.93
CA VAL A 368 -31.42 -10.01 45.56
C VAL A 368 -31.28 -10.83 46.83
N PRO A 369 -32.27 -11.64 47.20
CA PRO A 369 -32.11 -12.51 48.37
C PRO A 369 -31.08 -13.60 48.10
N VAL A 370 -30.29 -13.91 49.13
CA VAL A 370 -29.24 -14.91 49.05
C VAL A 370 -29.38 -15.84 50.24
N THR A 371 -29.36 -17.14 49.98
CA THR A 371 -29.43 -18.18 50.99
C THR A 371 -28.06 -18.82 51.15
N LEU A 372 -27.61 -18.95 52.41
CA LEU A 372 -26.30 -19.49 52.76
C LEU A 372 -26.47 -20.77 53.55
N ASN A 373 -25.89 -21.86 53.03
CA ASN A 373 -25.80 -23.13 53.72
C ASN A 373 -24.34 -23.42 54.05
N ALA A 374 -24.12 -24.33 54.99
CA ALA A 374 -22.76 -24.61 55.41
C ALA A 374 -22.69 -25.96 56.13
N GLN A 375 -21.62 -26.70 55.86
CA GLN A 375 -21.25 -27.89 56.61
C GLN A 375 -19.93 -27.63 57.34
N THR A 376 -19.79 -28.24 58.52
CA THR A 376 -18.61 -28.07 59.34
C THR A 376 -17.99 -29.42 59.64
N ILE A 377 -16.66 -29.45 59.65
CA ILE A 377 -15.88 -30.64 60.02
C ILE A 377 -14.89 -30.21 61.10
N ASP A 378 -14.94 -30.88 62.25
CA ASP A 378 -14.06 -30.59 63.37
C ASP A 378 -12.88 -31.56 63.37
N VAL A 379 -12.08 -31.48 64.44
CA VAL A 379 -10.89 -32.32 64.55
C VAL A 379 -11.23 -33.80 64.63
N ASN A 380 -12.44 -34.15 65.06
CA ASN A 380 -12.88 -35.53 65.17
C ASN A 380 -13.51 -36.06 63.88
N GLN A 381 -13.42 -35.31 62.78
CA GLN A 381 -14.06 -35.64 61.50
C GLN A 381 -15.58 -35.75 61.62
N GLU A 382 -16.16 -35.30 62.72
CA GLU A 382 -17.60 -35.39 62.93
C GLU A 382 -18.29 -34.24 62.20
N THR A 383 -18.95 -34.55 61.09
CA THR A 383 -19.59 -33.53 60.27
C THR A 383 -20.87 -33.02 60.92
N SER A 384 -21.18 -31.75 60.65
CA SER A 384 -22.39 -31.13 61.17
C SER A 384 -22.98 -30.22 60.10
N ASP A 385 -24.28 -30.37 59.85
CA ASP A 385 -24.99 -29.54 58.87
C ASP A 385 -25.65 -28.37 59.59
N LEU A 386 -25.21 -27.15 59.25
CA LEU A 386 -25.71 -25.95 59.92
C LEU A 386 -27.11 -25.60 59.44
N ASP A 387 -27.78 -24.77 60.21
CA ASP A 387 -29.08 -24.26 59.81
C ASP A 387 -28.90 -23.19 58.74
N PRO A 388 -29.68 -23.23 57.66
CA PRO A 388 -29.50 -22.24 56.59
C PRO A 388 -29.85 -20.84 57.06
N SER A 389 -29.15 -19.86 56.49
CA SER A 389 -29.42 -18.47 56.77
C SER A 389 -29.80 -17.75 55.48
N LYS A 390 -30.39 -16.57 55.62
CA LYS A 390 -30.84 -15.81 54.46
C LYS A 390 -30.60 -14.32 54.70
N SER A 391 -30.01 -13.66 53.70
CA SER A 391 -29.85 -12.22 53.71
C SER A 391 -30.45 -11.67 52.41
N VAL A 392 -30.52 -10.35 52.34
CA VAL A 392 -30.95 -9.66 51.13
C VAL A 392 -29.82 -8.73 50.69
N THR A 393 -29.59 -8.66 49.39
CA THR A 393 -28.54 -7.83 48.84
C THR A 393 -28.78 -6.36 49.18
N ARG A 394 -27.82 -5.76 49.88
CA ARG A 394 -27.81 -4.32 50.06
C ARG A 394 -27.79 -3.64 48.71
N VAL A 395 -28.73 -2.71 48.53
CA VAL A 395 -28.84 -2.01 47.27
C VAL A 395 -28.01 -0.75 47.28
N ASP A 396 -27.35 -0.46 48.41
CA ASP A 396 -26.50 0.72 48.42
C ASP A 396 -25.11 0.39 47.91
N ASP A 397 -24.65 -0.84 48.18
CA ASP A 397 -23.33 -1.29 47.77
C ASP A 397 -23.36 -2.62 47.02
N GLY A 398 -24.51 -3.27 46.89
CA GLY A 398 -24.57 -4.56 46.25
C GLY A 398 -24.25 -5.75 47.13
N VAL A 399 -24.02 -5.52 48.43
CA VAL A 399 -23.51 -6.54 49.34
C VAL A 399 -24.66 -7.29 50.00
N ALA A 400 -24.44 -8.58 50.25
CA ALA A 400 -25.34 -9.39 51.08
C ALA A 400 -24.50 -10.02 52.18
N SER A 401 -24.61 -9.48 53.39
CA SER A 401 -23.68 -9.82 54.46
C SER A 401 -24.20 -10.98 55.31
N PHE A 402 -23.25 -11.76 55.81
CA PHE A 402 -23.53 -12.88 56.71
C PHE A 402 -22.48 -12.89 57.81
N VAL A 403 -22.89 -13.33 59.00
CA VAL A 403 -21.99 -13.56 60.11
C VAL A 403 -22.31 -14.95 60.65
N LEU A 404 -21.26 -15.73 60.92
CA LEU A 404 -21.43 -17.14 61.25
C LEU A 404 -20.68 -17.46 62.55
N ASN A 405 -21.37 -18.09 63.49
CA ASN A 405 -20.79 -18.53 64.75
C ASN A 405 -20.56 -20.03 64.69
N LEU A 406 -19.29 -20.45 64.70
CA LEU A 406 -18.93 -21.85 64.60
C LEU A 406 -18.29 -22.33 65.91
N PRO A 407 -18.40 -23.63 66.21
CA PRO A 407 -17.72 -24.17 67.39
C PRO A 407 -16.22 -23.96 67.28
N SER A 408 -15.57 -23.87 68.44
CA SER A 408 -14.13 -23.59 68.46
C SER A 408 -13.33 -24.74 67.85
N GLY A 409 -13.85 -25.96 67.89
CA GLY A 409 -13.14 -27.09 67.36
C GLY A 409 -13.26 -27.33 65.86
N VAL A 410 -13.98 -26.46 65.14
CA VAL A 410 -14.18 -26.67 63.72
C VAL A 410 -12.87 -26.46 62.97
N THR A 411 -12.68 -27.24 61.91
CA THR A 411 -11.48 -27.14 61.08
C THR A 411 -11.79 -26.74 59.64
N VAL A 412 -12.84 -27.31 59.05
CA VAL A 412 -13.19 -27.01 57.66
C VAL A 412 -14.64 -26.56 57.62
N LEU A 413 -14.89 -25.50 56.84
CA LEU A 413 -16.23 -24.98 56.61
C LEU A 413 -16.51 -25.02 55.11
N GLU A 414 -17.41 -25.91 54.69
CA GLU A 414 -17.83 -26.02 53.30
C GLU A 414 -19.18 -25.32 53.17
N PHE A 415 -19.17 -24.07 52.73
CA PHE A 415 -20.40 -23.30 52.64
C PHE A 415 -20.74 -23.00 51.19
N ASN A 416 -22.04 -22.96 50.92
CA ASN A 416 -22.58 -22.79 49.58
C ASN A 416 -23.63 -21.68 49.60
N VAL A 417 -23.62 -20.83 48.58
CA VAL A 417 -24.53 -19.70 48.49
C VAL A 417 -25.37 -19.81 47.21
N LYS A 418 -26.64 -19.40 47.32
CA LYS A 418 -27.56 -19.43 46.19
C LYS A 418 -28.42 -18.16 46.19
N THR A 419 -28.90 -17.80 45.01
CA THR A 419 -29.86 -16.71 44.89
C THR A 419 -31.28 -17.25 45.02
N ASP A 420 -32.16 -16.43 45.60
CA ASP A 420 -33.55 -16.80 45.83
C ASP A 420 -34.43 -15.71 45.21
N ALA A 421 -34.54 -15.75 43.87
CA ALA A 421 -35.36 -14.77 43.16
C ALA A 421 -36.80 -15.28 43.05
N PRO A 422 -37.78 -14.40 43.19
CA PRO A 422 -39.18 -14.84 43.15
C PRO A 422 -39.63 -15.33 41.79
N ASP A 423 -38.92 -14.98 40.71
CA ASP A 423 -39.36 -15.30 39.36
C ASP A 423 -38.40 -16.24 38.64
N LEU A 424 -37.41 -16.80 39.33
CA LEU A 424 -36.44 -17.67 38.70
C LEU A 424 -36.70 -19.12 39.08
N PRO A 425 -36.68 -20.04 38.11
CA PRO A 425 -36.67 -21.48 38.46
C PRO A 425 -35.39 -21.85 39.17
N GLU A 426 -35.41 -23.03 39.79
CA GLU A 426 -34.27 -23.46 40.61
C GLU A 426 -33.02 -23.67 39.77
N GLU A 427 -33.19 -24.03 38.50
CA GLU A 427 -32.03 -24.19 37.62
C GLU A 427 -31.41 -22.83 37.28
N ASN A 428 -32.25 -21.84 37.00
CA ASN A 428 -31.79 -20.52 36.58
C ASN A 428 -31.32 -19.65 37.74
N GLN A 429 -31.18 -20.22 38.93
CA GLN A 429 -30.61 -19.50 40.05
C GLN A 429 -29.08 -19.61 40.02
N ALA A 430 -28.43 -18.65 40.67
CA ALA A 430 -26.98 -18.63 40.75
C ALA A 430 -26.51 -19.36 42.01
N ARG A 431 -25.49 -20.19 41.84
CA ARG A 431 -24.99 -21.03 42.92
C ARG A 431 -23.48 -21.03 42.91
N GLU A 432 -22.88 -20.87 44.09
CA GLU A 432 -21.42 -20.90 44.21
C GLU A 432 -21.03 -21.60 45.50
N GLY A 433 -19.98 -22.43 45.41
CA GLY A 433 -19.49 -23.18 46.55
C GLY A 433 -18.14 -22.67 47.01
N TYR A 434 -17.86 -22.84 48.30
CA TYR A 434 -16.61 -22.36 48.88
C TYR A 434 -16.20 -23.24 50.04
N ARG A 435 -14.89 -23.28 50.29
CA ARG A 435 -14.29 -24.06 51.36
C ARG A 435 -13.31 -23.15 52.11
N ALA A 436 -13.43 -23.14 53.43
CA ALA A 436 -12.56 -22.33 54.29
C ALA A 436 -11.90 -23.23 55.31
N ILE A 437 -10.58 -23.12 55.43
CA ILE A 437 -9.78 -23.95 56.32
C ILE A 437 -9.37 -23.12 57.53
N ALA A 438 -9.29 -23.77 58.69
CA ALA A 438 -8.95 -23.09 59.92
C ALA A 438 -7.46 -22.76 59.99
N TYR A 439 -7.15 -21.59 60.54
CA TYR A 439 -5.78 -21.23 60.85
C TYR A 439 -5.20 -22.19 61.88
N SER A 440 -3.98 -22.65 61.66
CA SER A 440 -3.33 -23.63 62.52
C SER A 440 -2.32 -22.96 63.43
N SER A 441 -2.43 -23.22 64.73
CA SER A 441 -1.48 -22.70 65.70
C SER A 441 -1.26 -23.71 66.81
N LEU A 442 0.01 -23.92 67.15
CA LEU A 442 0.35 -24.93 68.16
C LEU A 442 0.03 -24.45 69.57
N SER A 443 -0.13 -23.15 69.76
CA SER A 443 -0.47 -22.58 71.06
C SER A 443 -1.93 -22.16 71.14
N GLN A 444 -2.76 -22.62 70.20
CA GLN A 444 -4.16 -22.23 70.11
C GLN A 444 -4.30 -20.71 70.07
N SER A 445 -3.38 -20.05 69.39
CA SER A 445 -3.31 -18.59 69.37
C SER A 445 -3.67 -18.08 67.97
N TYR A 446 -4.67 -17.20 67.90
CA TYR A 446 -5.19 -16.75 66.62
C TYR A 446 -5.39 -15.24 66.63
N LEU A 447 -5.34 -14.63 65.44
CA LEU A 447 -5.52 -13.20 65.27
C LEU A 447 -6.46 -12.92 64.12
N TYR A 448 -7.38 -11.98 64.31
CA TYR A 448 -8.36 -11.61 63.29
C TYR A 448 -8.47 -10.10 63.23
N ILE A 449 -8.19 -9.52 62.06
CA ILE A 449 -8.22 -8.07 61.88
C ILE A 449 -9.31 -7.72 60.86
N ASP A 450 -9.91 -6.54 61.05
CA ASP A 450 -10.99 -6.06 60.19
C ASP A 450 -11.37 -4.63 60.56
N TRP A 451 -11.55 -3.77 59.56
CA TRP A 451 -11.39 -2.33 59.78
C TRP A 451 -12.65 -1.47 59.84
N THR A 452 -13.57 -1.74 60.76
CA THR A 452 -14.96 -1.27 60.60
C THR A 452 -15.36 -1.92 59.27
N ASP A 453 -15.85 -1.19 58.28
CA ASP A 453 -16.19 -1.93 57.06
C ASP A 453 -15.88 -1.16 55.79
N ASN A 454 -15.82 -1.95 54.71
CA ASN A 454 -15.17 -1.65 53.43
C ASN A 454 -16.09 -0.94 52.45
N HIS A 455 -17.33 -0.66 52.84
CA HIS A 455 -18.24 0.12 52.04
C HIS A 455 -18.51 1.44 52.73
N LYS A 456 -18.17 2.57 52.09
CA LYS A 456 -17.60 2.59 50.74
C LYS A 456 -16.10 2.28 50.70
N ALA A 457 -15.55 2.22 49.49
CA ALA A 457 -14.12 1.97 49.31
C ALA A 457 -13.30 3.08 49.96
N LEU A 458 -12.04 2.76 50.23
CA LEU A 458 -11.19 3.69 50.95
C LEU A 458 -10.79 4.84 50.05
N LEU A 459 -11.02 6.06 50.52
CA LEU A 459 -10.69 7.27 49.76
C LEU A 459 -9.41 7.87 50.32
N VAL A 460 -8.47 8.23 49.42
CA VAL A 460 -7.22 8.80 49.86
C VAL A 460 -7.50 10.12 50.58
N GLY A 461 -6.93 10.25 51.78
CA GLY A 461 -7.16 11.39 52.65
C GLY A 461 -7.98 11.05 53.87
N GLU A 462 -8.79 10.00 53.80
CA GLU A 462 -9.58 9.57 54.94
C GLU A 462 -8.71 8.83 55.93
N HIS A 463 -9.33 8.02 56.78
CA HIS A 463 -8.59 7.24 57.77
C HIS A 463 -9.21 5.86 57.89
N LEU A 464 -8.35 4.88 58.14
CA LEU A 464 -8.71 3.47 58.19
C LEU A 464 -8.67 3.02 59.66
N ASN A 465 -9.84 2.80 60.24
CA ASN A 465 -9.95 2.42 61.66
C ASN A 465 -10.07 0.90 61.74
N ILE A 466 -8.93 0.22 61.90
CA ILE A 466 -8.93 -1.24 61.89
C ILE A 466 -9.07 -1.77 63.31
N ILE A 467 -9.75 -2.91 63.42
CA ILE A 467 -10.02 -3.59 64.68
C ILE A 467 -9.18 -4.85 64.72
N VAL A 468 -8.38 -4.99 65.78
CA VAL A 468 -7.46 -6.10 65.96
C VAL A 468 -8.01 -6.96 67.10
N THR A 469 -8.57 -8.11 66.76
CA THR A 469 -9.16 -9.00 67.76
C THR A 469 -8.35 -10.29 67.85
N PRO A 470 -7.57 -10.49 68.90
CA PRO A 470 -6.90 -11.79 69.10
C PRO A 470 -7.74 -12.71 69.98
N LYS A 471 -7.64 -14.00 69.69
CA LYS A 471 -8.29 -15.02 70.51
C LYS A 471 -7.26 -16.10 70.78
N SER A 472 -6.98 -16.35 72.05
CA SER A 472 -5.82 -17.16 72.43
C SER A 472 -5.71 -17.28 73.94
N PRO A 473 -4.93 -18.24 74.45
CA PRO A 473 -4.30 -18.05 75.76
C PRO A 473 -3.13 -17.08 75.58
N TYR A 474 -2.41 -16.82 76.66
CA TYR A 474 -1.31 -15.84 76.64
C TYR A 474 -1.76 -14.46 76.19
N ILE A 475 -3.06 -14.15 76.28
CA ILE A 475 -3.56 -12.88 75.76
C ILE A 475 -2.94 -11.71 76.52
N ASP A 476 -3.04 -11.73 77.84
CA ASP A 476 -2.63 -10.59 78.66
C ASP A 476 -1.14 -10.59 78.99
N LYS A 477 -0.33 -11.25 78.17
CA LYS A 477 1.11 -11.08 78.22
C LYS A 477 1.68 -10.56 76.91
N ILE A 478 0.82 -10.31 75.92
CA ILE A 478 1.28 -9.69 74.68
C ILE A 478 1.52 -8.21 74.93
N THR A 479 2.72 -7.73 74.55
CA THR A 479 3.08 -6.34 74.83
C THR A 479 2.50 -5.39 73.79
N HIS A 480 2.66 -5.71 72.50
CA HIS A 480 2.27 -4.78 71.44
C HIS A 480 1.72 -5.54 70.26
N TYR A 481 1.17 -4.77 69.30
CA TYR A 481 0.81 -5.27 67.98
C TYR A 481 1.78 -4.69 66.95
N ASN A 482 1.96 -5.42 65.85
CA ASN A 482 2.90 -5.00 64.82
C ASN A 482 2.23 -5.07 63.45
N TYR A 483 2.63 -4.17 62.55
CA TYR A 483 1.96 -4.06 61.27
C TYR A 483 2.95 -3.74 60.16
N LEU A 484 2.62 -4.24 58.96
CA LEU A 484 3.33 -3.95 57.72
C LEU A 484 2.29 -3.61 56.66
N ILE A 485 2.47 -2.48 55.98
CA ILE A 485 1.57 -2.03 54.93
C ILE A 485 2.33 -2.11 53.61
N LEU A 486 1.76 -2.85 52.66
CA LEU A 486 2.36 -3.07 51.35
C LEU A 486 1.48 -2.49 50.26
N SER A 487 2.11 -2.04 49.18
CA SER A 487 1.38 -1.53 48.03
C SER A 487 2.24 -1.65 46.79
N LYS A 488 1.67 -2.18 45.71
CA LYS A 488 2.35 -2.33 44.42
C LYS A 488 3.66 -3.12 44.59
N GLY A 489 3.63 -4.12 45.46
CA GLY A 489 4.78 -5.00 45.63
C GLY A 489 5.89 -4.43 46.46
N LYS A 490 5.65 -3.37 47.22
CA LYS A 490 6.68 -2.75 48.04
C LYS A 490 6.12 -2.44 49.42
N ILE A 491 6.92 -2.70 50.45
CA ILE A 491 6.50 -2.38 51.83
C ILE A 491 6.56 -0.87 51.99
N ILE A 492 5.40 -0.23 52.06
CA ILE A 492 5.37 1.22 52.20
C ILE A 492 5.38 1.66 53.66
N HIS A 493 4.83 0.85 54.57
CA HIS A 493 4.80 1.26 55.97
C HIS A 493 5.04 0.05 56.88
N PHE A 494 5.35 0.36 58.13
CA PHE A 494 5.60 -0.65 59.16
C PHE A 494 5.61 0.04 60.51
N GLY A 495 5.27 -0.70 61.56
CA GLY A 495 5.32 -0.11 62.88
C GLY A 495 4.68 -1.00 63.93
N THR A 496 4.43 -0.39 65.09
CA THR A 496 4.03 -1.08 66.30
C THR A 496 3.09 -0.19 67.09
N ARG A 497 2.05 -0.79 67.68
CA ARG A 497 1.08 -0.08 68.49
C ARG A 497 0.98 -0.72 69.87
N GLU A 498 0.75 0.11 70.88
CA GLU A 498 0.64 -0.37 72.25
C GLU A 498 -0.65 -1.15 72.46
N LYS A 499 -0.55 -2.29 73.13
CA LYS A 499 -1.69 -3.15 73.40
C LYS A 499 -2.31 -2.76 74.75
N PHE A 500 -3.58 -2.40 74.73
CA PHE A 500 -4.28 -2.01 75.95
C PHE A 500 -4.68 -3.25 76.73
N SER A 501 -4.24 -3.33 77.99
CA SER A 501 -4.59 -4.45 78.85
C SER A 501 -6.05 -4.44 79.28
N ASP A 502 -6.80 -3.38 78.96
CA ASP A 502 -8.19 -3.25 79.38
C ASP A 502 -9.13 -3.32 78.19
N ALA A 503 -9.07 -4.41 77.44
CA ALA A 503 -9.95 -4.67 76.30
C ALA A 503 -9.51 -5.98 75.66
N SER A 504 -10.36 -6.50 74.77
CA SER A 504 -9.98 -7.60 73.90
C SER A 504 -9.47 -7.11 72.55
N TYR A 505 -10.15 -6.12 71.98
CA TYR A 505 -9.75 -5.47 70.74
C TYR A 505 -9.34 -4.03 71.02
N GLN A 506 -8.58 -3.47 70.09
CA GLN A 506 -8.25 -2.05 70.16
C GLN A 506 -8.09 -1.53 68.74
N SER A 507 -8.54 -0.30 68.52
CA SER A 507 -8.57 0.29 67.19
C SER A 507 -7.19 0.81 66.84
N ILE A 508 -6.63 0.30 65.73
CA ILE A 508 -5.40 0.82 65.15
C ILE A 508 -5.80 1.71 63.97
N ASN A 509 -5.36 2.96 64.00
CA ASN A 509 -5.70 3.91 62.95
C ASN A 509 -4.58 3.96 61.92
N ILE A 510 -4.96 3.91 60.64
CA ILE A 510 -4.01 3.97 59.53
C ILE A 510 -4.47 5.03 58.56
N PRO A 511 -3.77 6.17 58.47
CA PRO A 511 -4.12 7.18 57.46
C PRO A 511 -3.86 6.65 56.06
N VAL A 512 -4.89 6.63 55.23
CA VAL A 512 -4.76 6.14 53.85
C VAL A 512 -4.15 7.25 53.00
N THR A 513 -3.01 6.95 52.38
CA THR A 513 -2.24 7.93 51.62
C THR A 513 -2.23 7.57 50.14
N GLN A 514 -1.67 8.49 49.35
CA GLN A 514 -1.59 8.28 47.90
C GLN A 514 -0.69 7.09 47.55
N ASN A 515 0.25 6.75 48.43
CA ASN A 515 1.10 5.57 48.20
C ASN A 515 0.29 4.29 48.12
N MET A 516 -0.94 4.29 48.63
CA MET A 516 -1.74 3.09 48.72
C MET A 516 -2.67 2.88 47.53
N VAL A 517 -2.75 3.85 46.63
CA VAL A 517 -3.53 3.72 45.41
C VAL A 517 -2.86 2.69 44.48
N PRO A 518 -3.64 1.81 43.85
CA PRO A 518 -5.10 1.61 43.91
C PRO A 518 -5.51 0.50 44.86
N SER A 519 -4.54 -0.18 45.45
CA SER A 519 -4.80 -1.26 46.38
C SER A 519 -3.60 -1.42 47.30
N SER A 520 -3.86 -2.00 48.47
CA SER A 520 -2.80 -2.25 49.45
C SER A 520 -3.13 -3.51 50.22
N ARG A 521 -2.15 -4.00 50.98
CA ARG A 521 -2.33 -5.16 51.82
C ARG A 521 -1.77 -4.83 53.19
N LEU A 522 -2.50 -5.21 54.23
CA LEU A 522 -2.10 -4.95 55.60
C LEU A 522 -1.89 -6.27 56.32
N LEU A 523 -0.73 -6.41 56.95
CA LEU A 523 -0.43 -7.59 57.76
C LEU A 523 -0.18 -7.13 59.18
N VAL A 524 -0.94 -7.70 60.12
CA VAL A 524 -0.81 -7.39 61.54
C VAL A 524 -0.48 -8.69 62.26
N TYR A 525 0.45 -8.62 63.22
CA TYR A 525 0.83 -9.81 63.96
C TYR A 525 1.27 -9.42 65.37
N TYR A 526 1.12 -10.39 66.28
CA TYR A 526 1.66 -10.29 67.62
C TYR A 526 2.48 -11.54 67.92
N ILE A 527 3.35 -11.44 68.92
CA ILE A 527 4.30 -12.50 69.23
C ILE A 527 3.88 -13.18 70.52
N VAL A 528 3.65 -14.48 70.44
CA VAL A 528 3.46 -15.31 71.62
C VAL A 528 4.81 -15.92 71.98
N THR A 529 5.21 -15.72 73.23
CA THR A 529 6.56 -16.06 73.67
C THR A 529 6.48 -16.96 74.88
N GLY A 530 7.65 -17.29 75.43
CA GLY A 530 7.75 -18.18 76.57
C GLY A 530 8.78 -19.26 76.37
N GLU A 531 8.40 -20.52 76.60
CA GLU A 531 9.28 -21.64 76.33
C GLU A 531 8.97 -22.20 74.95
N GLN A 532 9.54 -23.36 74.63
CA GLN A 532 9.50 -23.95 73.29
C GLN A 532 10.14 -23.02 72.28
N THR A 533 9.35 -22.30 71.49
CA THR A 533 9.90 -21.38 70.51
C THR A 533 8.88 -20.27 70.25
N ALA A 534 9.39 -19.06 70.04
CA ALA A 534 8.52 -17.92 69.76
C ALA A 534 7.61 -18.21 68.57
N GLU A 535 6.42 -17.62 68.61
CA GLU A 535 5.40 -17.85 67.60
C GLU A 535 4.87 -16.51 67.12
N LEU A 536 4.75 -16.35 65.80
CA LEU A 536 4.14 -15.18 65.21
C LEU A 536 2.69 -15.49 64.86
N VAL A 537 1.76 -14.70 65.38
CA VAL A 537 0.33 -14.85 65.13
C VAL A 537 -0.08 -13.68 64.25
N SER A 538 -0.45 -13.98 63.01
CA SER A 538 -0.59 -12.96 61.98
C SER A 538 -1.92 -13.10 61.26
N ASP A 539 -2.33 -11.99 60.64
CA ASP A 539 -3.48 -11.95 59.75
C ASP A 539 -3.26 -10.82 58.76
N SER A 540 -3.94 -10.89 57.62
CA SER A 540 -3.76 -9.88 56.57
C SER A 540 -5.09 -9.61 55.89
N VAL A 541 -5.23 -8.40 55.35
CA VAL A 541 -6.44 -7.97 54.66
C VAL A 541 -6.03 -7.18 53.42
N TRP A 542 -6.91 -7.21 52.42
CA TRP A 542 -6.71 -6.50 51.17
C TRP A 542 -7.58 -5.24 51.16
N LEU A 543 -6.94 -4.09 50.95
CA LEU A 543 -7.60 -2.80 50.97
C LEU A 543 -7.74 -2.29 49.54
N ASN A 544 -8.98 -2.26 49.04
CA ASN A 544 -9.26 -1.68 47.74
C ASN A 544 -9.50 -0.18 47.92
N ILE A 545 -8.68 0.62 47.25
CA ILE A 545 -8.68 2.07 47.43
C ILE A 545 -8.99 2.74 46.10
N GLU A 546 -9.66 3.90 46.18
CA GLU A 546 -10.09 4.61 44.99
C GLU A 546 -8.93 4.87 44.05
N GLU A 547 -9.19 4.73 42.75
CA GLU A 547 -8.16 4.92 41.72
C GLU A 547 -8.03 6.41 41.46
N LYS A 548 -7.04 7.03 42.09
CA LYS A 548 -6.84 8.47 42.02
C LYS A 548 -5.44 8.75 41.50
N CYS A 549 -5.35 9.57 40.47
CA CYS A 549 -4.06 9.92 39.90
C CYS A 549 -3.25 10.76 40.89
N GLY A 550 -1.94 10.54 40.89
CA GLY A 550 -1.06 11.41 41.65
C GLY A 550 -1.00 12.81 41.08
N ASN A 551 -1.03 12.93 39.76
CA ASN A 551 -1.05 14.21 39.06
C ASN A 551 -2.24 14.16 38.10
N GLN A 552 -3.39 14.63 38.56
CA GLN A 552 -4.63 14.41 37.85
C GLN A 552 -4.69 15.27 36.58
N LEU A 553 -5.07 14.63 35.47
CA LEU A 553 -5.19 15.30 34.18
C LEU A 553 -6.66 15.47 33.81
N GLN A 554 -6.99 16.63 33.23
CA GLN A 554 -8.35 16.90 32.82
C GLN A 554 -8.32 17.75 31.55
N VAL A 555 -9.06 17.33 30.53
CA VAL A 555 -9.14 18.04 29.25
C VAL A 555 -10.59 18.43 28.99
N HIS A 556 -10.78 19.64 28.46
CA HIS A 556 -12.11 20.15 28.16
C HIS A 556 -12.09 20.88 26.83
N LEU A 557 -13.27 21.00 26.21
CA LEU A 557 -13.43 21.67 24.94
C LEU A 557 -14.29 22.92 25.12
N SER A 558 -13.74 24.07 24.76
CA SER A 558 -14.51 25.31 24.74
C SER A 558 -14.66 25.76 23.30
N PRO A 559 -15.90 26.01 22.86
CA PRO A 559 -17.11 25.90 23.69
C PRO A 559 -17.64 24.48 23.83
N ASP A 560 -18.36 24.22 24.91
CA ASP A 560 -18.95 22.91 25.14
C ASP A 560 -20.29 22.84 24.41
N ALA A 561 -20.45 21.84 23.54
CA ALA A 561 -21.67 21.68 22.77
C ALA A 561 -21.89 20.21 22.47
N ASP A 562 -23.16 19.84 22.28
CA ASP A 562 -23.48 18.46 21.94
C ASP A 562 -22.96 18.08 20.56
N ALA A 563 -22.82 19.06 19.66
CA ALA A 563 -22.33 18.82 18.32
C ALA A 563 -21.66 20.08 17.81
N TYR A 564 -20.66 19.89 16.95
CA TYR A 564 -19.89 20.98 16.35
C TYR A 564 -20.07 20.97 14.84
N SER A 565 -19.66 22.07 14.21
CA SER A 565 -19.71 22.21 12.76
C SER A 565 -18.33 22.02 12.14
N PRO A 566 -18.25 21.56 10.90
CA PRO A 566 -16.93 21.30 10.29
C PRO A 566 -16.11 22.58 10.15
N GLY A 567 -14.81 22.46 10.37
CA GLY A 567 -13.90 23.58 10.27
C GLY A 567 -13.99 24.58 11.40
N GLN A 568 -14.74 24.28 12.45
CA GLN A 568 -14.94 25.24 13.54
C GLN A 568 -13.67 25.38 14.36
N THR A 569 -13.27 26.62 14.60
CA THR A 569 -12.14 26.89 15.48
C THR A 569 -12.58 26.68 16.92
N VAL A 570 -11.86 25.81 17.64
CA VAL A 570 -12.23 25.42 18.99
C VAL A 570 -10.96 25.39 19.84
N SER A 571 -11.12 25.61 21.14
CA SER A 571 -10.01 25.61 22.08
C SER A 571 -10.09 24.42 23.01
N LEU A 572 -8.95 23.76 23.23
CA LEU A 572 -8.83 22.64 24.14
C LEU A 572 -8.05 23.09 25.37
N ASN A 573 -8.62 22.87 26.55
CA ASN A 573 -8.03 23.29 27.81
C ASN A 573 -7.52 22.06 28.56
N MET A 574 -6.23 22.06 28.87
CA MET A 574 -5.60 21.00 29.63
C MET A 574 -5.24 21.52 31.01
N ALA A 575 -5.59 20.76 32.05
CA ALA A 575 -5.33 21.14 33.43
C ALA A 575 -4.78 19.94 34.19
N THR A 576 -3.66 20.15 34.88
CA THR A 576 -3.03 19.12 35.69
C THR A 576 -2.77 19.67 37.08
N GLY A 577 -2.68 18.76 38.05
CA GLY A 577 -2.40 19.17 39.41
C GLY A 577 -1.00 19.76 39.55
N MET A 578 -0.02 19.16 38.89
CA MET A 578 1.34 19.66 38.87
C MET A 578 1.86 19.63 37.44
N ASP A 579 3.00 20.28 37.22
CA ASP A 579 3.64 20.28 35.90
C ASP A 579 3.78 18.85 35.38
N SER A 580 3.14 18.59 34.24
CA SER A 580 3.07 17.24 33.71
C SER A 580 3.14 17.27 32.19
N TRP A 581 3.74 16.24 31.62
CA TRP A 581 3.64 16.03 30.18
C TRP A 581 2.26 15.45 29.85
N VAL A 582 1.78 15.75 28.65
CA VAL A 582 0.46 15.30 28.21
C VAL A 582 0.56 14.88 26.76
N ALA A 583 0.24 13.62 26.47
CA ALA A 583 0.17 13.11 25.12
C ALA A 583 -1.29 13.11 24.69
N LEU A 584 -1.58 13.79 23.58
CA LEU A 584 -2.94 13.96 23.09
C LEU A 584 -3.17 13.09 21.87
N ALA A 585 -4.45 12.77 21.64
CA ALA A 585 -4.84 12.05 20.44
C ALA A 585 -6.28 12.43 20.10
N ALA A 586 -6.58 12.43 18.80
CA ALA A 586 -7.94 12.69 18.32
C ALA A 586 -8.26 11.66 17.24
N VAL A 587 -9.14 10.71 17.57
CA VAL A 587 -9.37 9.54 16.74
C VAL A 587 -10.85 9.43 16.40
N ASP A 588 -11.15 9.03 15.16
CA ASP A 588 -12.54 8.74 14.79
C ASP A 588 -13.05 7.57 15.63
N SER A 589 -14.00 7.84 16.52
CA SER A 589 -14.48 6.82 17.46
C SER A 589 -15.05 5.60 16.75
N ALA A 590 -15.47 5.74 15.49
CA ALA A 590 -16.05 4.62 14.76
C ALA A 590 -15.08 3.45 14.64
N VAL A 591 -13.78 3.67 14.84
CA VAL A 591 -12.83 2.57 14.79
C VAL A 591 -13.03 1.57 15.91
N TYR A 592 -13.69 1.97 16.99
CA TYR A 592 -13.83 1.08 18.14
C TYR A 592 -15.09 0.23 18.10
N GLY A 593 -16.06 0.58 17.27
CA GLY A 593 -17.28 -0.20 17.14
C GLY A 593 -18.10 -0.25 18.41
N LEU A 602 -10.04 2.03 25.04
CA LEU A 602 -9.96 0.56 25.06
C LEU A 602 -9.13 0.04 26.22
N GLU A 603 -8.04 0.74 26.53
CA GLU A 603 -7.08 0.28 27.52
C GLU A 603 -7.40 0.84 28.90
N ARG A 604 -7.10 0.04 29.92
CA ARG A 604 -7.23 0.44 31.31
C ARG A 604 -5.91 0.12 32.02
N VAL A 605 -5.25 1.15 32.52
CA VAL A 605 -3.90 0.99 33.04
C VAL A 605 -3.88 0.57 34.52
N PHE A 606 -4.86 1.02 35.30
CA PHE A 606 -4.83 0.76 36.75
C PHE A 606 -4.90 -0.72 37.08
N GLN A 607 -5.55 -1.52 36.22
CA GLN A 607 -5.66 -2.94 36.48
C GLN A 607 -4.40 -3.69 36.06
N PHE A 608 -3.83 -3.33 34.91
CA PHE A 608 -2.56 -3.92 34.47
C PHE A 608 -1.39 -3.46 35.32
N LEU A 609 -1.56 -2.41 36.12
CA LEU A 609 -0.48 -1.90 36.94
C LEU A 609 -0.30 -2.70 38.22
N GLU A 610 -1.40 -3.18 38.81
CA GLU A 610 -1.29 -3.97 40.04
C GLU A 610 -1.08 -5.45 39.78
N LYS A 611 -0.32 -5.77 38.73
CA LYS A 611 0.25 -7.12 38.62
C LYS A 611 1.54 -7.23 39.44
N SER A 612 2.10 -6.11 39.86
CA SER A 612 3.31 -6.10 40.66
C SER A 612 3.03 -6.41 42.13
N ASP A 613 1.77 -6.41 42.53
CA ASP A 613 1.39 -6.87 43.86
C ASP A 613 1.59 -8.38 43.94
N LEU A 614 2.57 -8.81 44.74
CA LEU A 614 2.90 -10.22 44.87
C LEU A 614 1.94 -10.98 45.78
N GLY A 615 0.96 -10.31 46.38
CA GLY A 615 -0.04 -10.98 47.19
C GLY A 615 -1.20 -11.52 46.38
N CYS A 616 -1.98 -12.39 47.02
CA CYS A 616 -3.13 -13.02 46.38
C CYS A 616 -4.27 -13.12 47.38
N GLY A 617 -5.49 -13.21 46.85
CA GLY A 617 -6.65 -13.44 47.69
C GLY A 617 -6.99 -12.22 48.53
N ALA A 618 -7.99 -12.42 49.40
CA ALA A 618 -8.47 -11.35 50.27
C ALA A 618 -7.73 -11.28 51.60
N GLY A 619 -6.73 -12.12 51.82
CA GLY A 619 -5.97 -12.12 53.05
C GLY A 619 -6.09 -13.43 53.80
N GLY A 620 -5.38 -13.50 54.92
CA GLY A 620 -5.39 -14.68 55.75
C GLY A 620 -4.32 -15.68 55.37
N GLY A 621 -4.51 -16.91 55.85
CA GLY A 621 -3.56 -17.97 55.56
C GLY A 621 -3.74 -19.18 56.44
N LEU A 622 -3.20 -20.33 56.02
CA LEU A 622 -3.29 -21.55 56.82
C LEU A 622 -2.49 -21.44 58.11
N ASN A 623 -1.40 -20.68 58.10
CA ASN A 623 -0.61 -20.42 59.30
C ASN A 623 0.12 -19.09 59.09
N ASN A 624 1.06 -18.79 59.99
CA ASN A 624 1.78 -17.52 59.91
C ASN A 624 2.54 -17.41 58.59
N ALA A 625 3.31 -18.45 58.25
CA ALA A 625 4.09 -18.41 57.02
C ALA A 625 3.19 -18.25 55.80
N ASN A 626 2.03 -18.92 55.80
CA ASN A 626 1.09 -18.76 54.70
C ASN A 626 0.48 -17.37 54.67
N VAL A 627 0.27 -16.75 55.84
CA VAL A 627 -0.20 -15.37 55.87
C VAL A 627 0.81 -14.44 55.21
N PHE A 628 2.08 -14.60 55.57
CA PHE A 628 3.12 -13.78 54.94
C PHE A 628 3.23 -14.05 53.45
N HIS A 629 3.13 -15.32 53.05
CA HIS A 629 3.26 -15.67 51.65
C HIS A 629 2.12 -15.08 50.82
N LEU A 630 0.88 -15.25 51.28
CA LEU A 630 -0.26 -14.73 50.53
C LEU A 630 -0.30 -13.21 50.51
N ALA A 631 0.47 -12.54 51.36
CA ALA A 631 0.61 -11.10 51.32
C ALA A 631 1.77 -10.64 50.44
N GLY A 632 2.52 -11.56 49.84
CA GLY A 632 3.64 -11.21 48.99
C GLY A 632 4.90 -10.86 49.75
N LEU A 633 5.21 -11.61 50.81
CA LEU A 633 6.31 -11.30 51.70
C LEU A 633 7.14 -12.56 51.98
N THR A 634 8.45 -12.39 52.03
CA THR A 634 9.33 -13.35 52.68
C THR A 634 9.82 -12.73 53.98
N PHE A 635 10.13 -13.57 54.95
CA PHE A 635 10.52 -13.10 56.26
C PHE A 635 11.63 -13.98 56.81
N LEU A 636 12.47 -13.38 57.66
CA LEU A 636 13.54 -14.06 58.38
C LEU A 636 13.26 -13.93 59.87
N THR A 637 13.19 -15.06 60.58
CA THR A 637 12.82 -15.04 61.97
C THR A 637 13.52 -16.17 62.72
N ASN A 638 13.85 -15.91 63.98
CA ASN A 638 14.23 -16.98 64.90
C ASN A 638 13.01 -17.71 65.45
N ALA A 639 11.82 -17.16 65.25
CA ALA A 639 10.58 -17.83 65.61
C ALA A 639 10.28 -18.96 64.62
N ASN A 640 9.19 -19.68 64.88
CA ASN A 640 8.81 -20.78 64.03
C ASN A 640 8.53 -20.29 62.61
N ALA A 641 9.17 -20.93 61.63
CA ALA A 641 9.05 -20.53 60.23
C ALA A 641 8.60 -21.69 59.35
N ASP A 642 7.88 -22.64 59.93
CA ASP A 642 7.40 -23.80 59.19
C ASP A 642 6.44 -23.39 58.08
N ASP A 643 6.88 -23.49 56.83
CA ASP A 643 6.09 -23.14 55.66
C ASP A 643 5.81 -24.39 54.86
N SER A 644 5.06 -24.24 53.79
CA SER A 644 4.74 -25.35 52.90
C SER A 644 5.99 -25.71 52.09
N GLN A 645 5.83 -26.65 51.17
CA GLN A 645 6.93 -27.19 50.40
C GLN A 645 7.13 -26.39 49.12
N GLU A 646 8.41 -26.21 48.74
CA GLU A 646 8.78 -25.55 47.49
C GLU A 646 8.15 -24.17 47.38
N ASN A 647 7.94 -23.49 48.51
CA ASN A 647 7.24 -22.21 48.54
C ASN A 647 8.26 -21.09 48.34
N ASP A 648 8.68 -20.93 47.09
CA ASP A 648 9.66 -19.92 46.72
C ASP A 648 9.12 -18.93 45.69
N GLU A 649 8.33 -19.40 44.73
CA GLU A 649 7.70 -18.49 43.79
C GLU A 649 6.54 -17.78 44.47
N PRO A 650 6.14 -16.61 43.99
CA PRO A 650 4.98 -15.92 44.56
C PRO A 650 3.71 -16.74 44.33
N CYS A 651 2.72 -16.48 45.18
CA CYS A 651 1.43 -17.13 45.02
C CYS A 651 0.82 -16.77 43.67
N LYS A 652 -0.10 -17.62 43.21
CA LYS A 652 -0.86 -17.37 42.00
C LYS A 652 -2.32 -17.24 42.34
N GLU A 653 -2.93 -16.13 41.89
CA GLU A 653 -4.35 -15.91 42.14
C GLU A 653 -5.18 -17.05 41.55
N ILE A 654 -6.04 -17.64 42.37
CA ILE A 654 -6.77 -18.83 41.95
C ILE A 654 -8.01 -18.42 41.16
N LEU A 655 -8.33 -19.21 40.14
CA LEU A 655 -9.51 -18.99 39.32
C LEU A 655 -10.47 -20.17 39.50
N ARG A 656 -11.74 -19.94 39.18
CA ARG A 656 -12.77 -20.93 39.46
C ARG A 656 -13.63 -21.25 38.23
N LEU B 1 -32.68 -31.66 -3.15
CA LEU B 1 -31.78 -30.60 -3.62
C LEU B 1 -30.76 -30.22 -2.55
N GLN B 2 -31.21 -30.12 -1.29
CA GLN B 2 -30.29 -29.85 -0.19
C GLN B 2 -29.37 -31.04 0.05
N LYS B 3 -29.93 -32.25 0.10
CA LYS B 3 -29.13 -33.45 0.29
C LYS B 3 -28.19 -33.68 -0.89
N LYS B 4 -28.65 -33.40 -2.10
CA LYS B 4 -27.77 -33.50 -3.26
C LYS B 4 -26.59 -32.54 -3.18
N ILE B 5 -26.65 -31.53 -2.30
CA ILE B 5 -25.53 -30.60 -2.14
C ILE B 5 -24.87 -30.88 -0.80
N GLU B 6 -25.67 -31.36 0.15
CA GLU B 6 -25.11 -31.77 1.44
C GLU B 6 -24.07 -32.86 1.25
N GLU B 7 -24.32 -33.78 0.31
CA GLU B 7 -23.32 -34.80 -0.01
C GLU B 7 -22.06 -34.18 -0.60
N ILE B 8 -22.23 -33.19 -1.47
CA ILE B 8 -21.09 -32.53 -2.11
C ILE B 8 -20.22 -31.84 -1.07
N ALA B 9 -20.84 -30.98 -0.25
CA ALA B 9 -20.10 -30.25 0.77
C ALA B 9 -19.47 -31.21 1.77
N ALA B 10 -20.23 -32.21 2.23
CA ALA B 10 -19.69 -33.18 3.17
C ALA B 10 -18.52 -33.95 2.59
N LYS B 11 -18.51 -34.17 1.27
CA LYS B 11 -17.40 -34.88 0.64
C LYS B 11 -16.10 -34.08 0.74
N TYR B 12 -16.20 -32.74 0.64
CA TYR B 12 -15.02 -31.88 0.60
C TYR B 12 -14.94 -30.94 1.79
N LYS B 13 -15.59 -31.28 2.91
CA LYS B 13 -15.53 -30.42 4.09
C LYS B 13 -14.11 -30.32 4.61
N HIS B 14 -13.45 -31.46 4.83
CA HIS B 14 -12.08 -31.50 5.30
C HIS B 14 -11.13 -32.05 4.24
N SER B 15 -11.50 -31.96 2.97
CA SER B 15 -10.67 -32.50 1.90
C SER B 15 -9.42 -31.65 1.72
N VAL B 16 -8.33 -32.31 1.32
CA VAL B 16 -7.09 -31.60 1.02
C VAL B 16 -7.32 -30.61 -0.13
N VAL B 17 -8.01 -31.06 -1.17
CA VAL B 17 -8.35 -30.21 -2.31
C VAL B 17 -9.82 -29.82 -2.13
N LYS B 18 -10.02 -28.65 -1.51
CA LYS B 18 -11.35 -28.16 -1.19
C LYS B 18 -11.75 -26.94 -1.99
N LYS B 19 -10.81 -26.03 -2.25
CA LYS B 19 -11.13 -24.84 -3.03
C LYS B 19 -11.44 -25.21 -4.48
N CYS B 20 -10.72 -26.18 -5.04
CA CYS B 20 -10.94 -26.56 -6.43
C CYS B 20 -12.37 -27.02 -6.65
N CYS B 21 -12.95 -27.73 -5.69
CA CYS B 21 -14.36 -28.07 -5.77
C CYS B 21 -15.23 -26.83 -5.70
N TYR B 22 -14.90 -25.90 -4.81
CA TYR B 22 -15.71 -24.69 -4.65
C TYR B 22 -15.77 -23.89 -5.94
N ASP B 23 -14.63 -23.35 -6.38
CA ASP B 23 -14.67 -22.56 -7.60
C ASP B 23 -14.87 -23.42 -8.84
N GLY B 24 -14.88 -24.75 -8.70
CA GLY B 24 -15.39 -25.58 -9.78
C GLY B 24 -16.89 -25.44 -9.95
N ALA B 25 -17.61 -25.37 -8.84
CA ALA B 25 -19.07 -25.26 -8.86
C ALA B 25 -19.55 -23.86 -9.20
N CYS B 26 -18.65 -22.91 -9.44
CA CYS B 26 -19.08 -21.55 -9.77
C CYS B 26 -19.63 -21.48 -11.19
N VAL B 27 -20.52 -20.52 -11.41
CA VAL B 27 -21.24 -20.43 -12.68
C VAL B 27 -20.30 -19.89 -13.76
N ASN B 28 -20.29 -20.55 -14.92
CA ASN B 28 -19.54 -20.08 -16.08
C ASN B 28 -20.29 -20.57 -17.31
N ASN B 29 -21.15 -19.70 -17.84
CA ASN B 29 -21.98 -20.06 -18.99
C ASN B 29 -21.24 -19.94 -20.31
N ASP B 30 -19.96 -19.59 -20.29
CA ASP B 30 -19.21 -19.40 -21.52
C ASP B 30 -18.20 -20.50 -21.82
N GLU B 31 -17.83 -21.32 -20.82
CA GLU B 31 -16.85 -22.36 -21.01
C GLU B 31 -17.32 -23.64 -20.34
N THR B 32 -17.03 -24.78 -20.96
CA THR B 32 -17.38 -26.07 -20.38
C THR B 32 -16.47 -26.36 -19.18
N CYS B 33 -16.82 -27.41 -18.44
CA CYS B 33 -16.02 -27.79 -17.28
C CYS B 33 -14.62 -28.21 -17.70
N GLU B 34 -14.50 -28.96 -18.79
CA GLU B 34 -13.17 -29.41 -19.21
C GLU B 34 -12.32 -28.26 -19.72
N GLN B 35 -12.95 -27.25 -20.33
CA GLN B 35 -12.19 -26.09 -20.79
C GLN B 35 -11.67 -25.28 -19.62
N ARG B 36 -12.45 -25.18 -18.54
CA ARG B 36 -11.98 -24.47 -17.36
C ARG B 36 -10.89 -25.26 -16.65
N ALA B 37 -11.10 -26.57 -16.49
CA ALA B 37 -10.09 -27.41 -15.86
C ALA B 37 -8.82 -27.49 -16.69
N ALA B 38 -8.89 -27.18 -17.99
CA ALA B 38 -7.70 -27.20 -18.82
C ALA B 38 -6.68 -26.16 -18.39
N ARG B 39 -7.09 -25.14 -17.64
CA ARG B 39 -6.19 -24.11 -17.15
C ARG B 39 -5.64 -24.39 -15.76
N ILE B 40 -6.11 -25.44 -15.09
CA ILE B 40 -5.68 -25.72 -13.73
C ILE B 40 -4.25 -26.26 -13.73
N SER B 41 -3.40 -25.69 -12.88
CA SER B 41 -2.00 -26.08 -12.79
C SER B 41 -1.62 -26.57 -11.40
N LEU B 42 -2.59 -27.12 -10.66
CA LEU B 42 -2.35 -27.57 -9.29
C LEU B 42 -2.40 -29.09 -9.15
N GLY B 43 -2.46 -29.83 -10.25
CA GLY B 43 -2.34 -31.27 -10.18
C GLY B 43 -3.61 -32.01 -10.53
N PRO B 44 -3.52 -33.33 -10.58
CA PRO B 44 -4.69 -34.13 -11.02
C PRO B 44 -5.82 -34.17 -10.02
N ARG B 45 -5.52 -34.14 -8.71
CA ARG B 45 -6.59 -34.19 -7.71
C ARG B 45 -7.43 -32.92 -7.75
N CYS B 46 -6.79 -31.77 -7.90
CA CYS B 46 -7.53 -30.51 -8.03
C CYS B 46 -8.35 -30.50 -9.32
N ILE B 47 -7.81 -31.09 -10.40
CA ILE B 47 -8.54 -31.12 -11.66
C ILE B 47 -9.77 -32.03 -11.53
N LYS B 48 -9.64 -33.16 -10.82
CA LYS B 48 -10.76 -34.09 -10.70
C LYS B 48 -11.84 -33.57 -9.76
N ALA B 49 -11.44 -32.95 -8.64
CA ALA B 49 -12.42 -32.32 -7.76
C ALA B 49 -13.13 -31.18 -8.48
N PHE B 50 -12.37 -30.31 -9.13
CA PHE B 50 -12.94 -29.22 -9.92
C PHE B 50 -13.92 -29.74 -10.95
N THR B 51 -13.52 -30.78 -11.71
CA THR B 51 -14.38 -31.29 -12.75
C THR B 51 -15.65 -31.91 -12.17
N GLU B 52 -15.51 -32.68 -11.09
CA GLU B 52 -16.68 -33.29 -10.46
C GLU B 52 -17.67 -32.22 -10.00
N CYS B 53 -17.22 -31.32 -9.14
CA CYS B 53 -18.13 -30.31 -8.59
C CYS B 53 -18.66 -29.39 -9.68
N CYS B 54 -17.88 -29.19 -10.75
CA CYS B 54 -18.36 -28.39 -11.86
C CYS B 54 -19.49 -29.09 -12.61
N VAL B 55 -19.31 -30.37 -12.91
CA VAL B 55 -20.32 -31.11 -13.66
C VAL B 55 -21.59 -31.26 -12.83
N VAL B 56 -21.46 -31.64 -11.56
CA VAL B 56 -22.64 -31.81 -10.72
C VAL B 56 -23.35 -30.48 -10.51
N ALA B 57 -22.59 -29.41 -10.29
CA ALA B 57 -23.20 -28.09 -10.13
C ALA B 57 -23.93 -27.67 -11.40
N SER B 58 -23.37 -27.98 -12.57
CA SER B 58 -24.05 -27.63 -13.82
C SER B 58 -25.31 -28.46 -14.02
N GLN B 59 -25.30 -29.71 -13.57
CA GLN B 59 -26.50 -30.54 -13.70
C GLN B 59 -27.59 -30.07 -12.75
N LEU B 60 -27.22 -29.68 -11.52
CA LEU B 60 -28.22 -29.22 -10.57
C LEU B 60 -28.81 -27.87 -10.96
N ARG B 61 -28.02 -27.00 -11.60
CA ARG B 61 -28.49 -25.69 -12.01
C ARG B 61 -29.45 -25.72 -13.19
N ALA B 62 -29.94 -26.89 -13.62
CA ALA B 62 -30.88 -26.95 -14.72
C ALA B 62 -32.29 -26.70 -14.19
N ASN B 63 -32.97 -25.69 -14.73
CA ASN B 63 -34.34 -25.35 -14.35
C ASN B 63 -34.44 -25.09 -12.85
N ILE B 64 -33.54 -24.27 -12.33
CA ILE B 64 -33.51 -23.95 -10.90
C ILE B 64 -34.45 -22.78 -10.62
N SER B 65 -34.65 -22.49 -9.34
CA SER B 65 -35.29 -21.27 -8.90
C SER B 65 -34.25 -20.38 -8.23
N HIS B 66 -34.54 -19.08 -8.20
CA HIS B 66 -33.60 -18.13 -7.60
C HIS B 66 -33.34 -18.47 -6.13
N LYS B 67 -34.38 -18.92 -5.41
CA LYS B 67 -34.18 -19.30 -4.01
C LYS B 67 -33.32 -20.56 -3.91
N ASP B 68 -33.49 -21.51 -4.84
CA ASP B 68 -32.67 -22.71 -4.82
C ASP B 68 -31.22 -22.39 -5.16
N MET B 69 -30.99 -21.54 -6.16
CA MET B 69 -29.63 -21.12 -6.49
C MET B 69 -28.97 -20.43 -5.31
N GLN B 70 -29.69 -19.48 -4.68
CA GLN B 70 -29.11 -18.73 -3.58
C GLN B 70 -28.84 -19.62 -2.37
N LEU B 71 -29.75 -20.58 -2.10
CA LEU B 71 -29.53 -21.51 -1.00
C LEU B 71 -28.34 -22.42 -1.28
N GLY B 72 -28.17 -22.84 -2.54
CA GLY B 72 -27.00 -23.63 -2.90
C GLY B 72 -25.71 -22.85 -2.72
N ARG B 73 -25.71 -21.59 -3.14
CA ARG B 73 -24.55 -20.73 -2.88
C ARG B 73 -24.34 -20.50 -1.38
N LEU B 74 -25.40 -20.63 -0.58
CA LEU B 74 -25.23 -20.56 0.86
C LEU B 74 -24.54 -21.81 1.40
N HIS B 75 -24.97 -22.98 0.93
CA HIS B 75 -24.35 -24.23 1.37
C HIS B 75 -22.88 -24.28 0.97
N MET B 76 -22.58 -23.95 -0.28
CA MET B 76 -21.20 -24.02 -0.75
C MET B 76 -20.35 -22.91 -0.15
N LYS B 77 -20.89 -21.68 -0.09
CA LYS B 77 -20.10 -20.49 0.20
C LYS B 77 -19.67 -20.41 1.66
N THR B 78 -20.17 -21.29 2.53
CA THR B 78 -19.84 -21.24 3.94
C THR B 78 -18.93 -22.38 4.38
N LEU B 79 -19.24 -23.60 3.96
CA LEU B 79 -18.51 -24.75 4.50
C LEU B 79 -17.11 -24.88 3.91
N LEU B 80 -16.93 -24.51 2.66
CA LEU B 80 -15.65 -24.76 2.01
C LEU B 80 -14.65 -23.62 2.22
N PRO B 81 -15.01 -22.34 1.99
CA PRO B 81 -14.00 -21.26 2.18
C PRO B 81 -13.65 -21.06 3.65
N VAL B 82 -12.69 -20.17 3.91
CA VAL B 82 -12.28 -19.88 5.27
C VAL B 82 -12.79 -18.50 5.67
N SER B 83 -11.94 -17.48 5.50
CA SER B 83 -12.30 -16.11 5.84
C SER B 83 -11.28 -15.18 5.20
N LYS B 84 -11.60 -13.89 5.17
CA LYS B 84 -10.72 -12.91 4.57
C LYS B 84 -10.85 -11.57 5.29
N PRO B 85 -9.74 -11.01 5.78
CA PRO B 85 -9.82 -9.74 6.53
C PRO B 85 -10.10 -8.57 5.60
N GLU B 86 -11.25 -7.92 5.82
CA GLU B 86 -11.63 -6.77 5.01
C GLU B 86 -12.59 -5.90 5.80
N ILE B 87 -12.73 -4.66 5.34
CA ILE B 87 -13.51 -3.64 6.03
C ILE B 87 -14.32 -2.88 5.00
N ARG B 88 -15.56 -2.54 5.36
CA ARG B 88 -16.45 -1.82 4.46
C ARG B 88 -16.43 -0.32 4.67
N SER B 89 -15.85 0.15 5.78
CA SER B 89 -15.81 1.57 6.10
C SER B 89 -14.37 2.05 6.13
N TYR B 90 -14.18 3.31 5.75
CA TYR B 90 -12.89 3.96 5.83
C TYR B 90 -12.86 4.86 7.08
N PHE B 91 -11.69 4.94 7.70
CA PHE B 91 -11.52 5.77 8.89
C PHE B 91 -10.49 6.85 8.60
N PRO B 92 -10.83 8.13 8.78
CA PRO B 92 -9.88 9.19 8.45
C PRO B 92 -8.66 9.17 9.36
N GLU B 93 -7.64 9.89 8.94
CA GLU B 93 -6.41 9.96 9.73
C GLU B 93 -6.67 10.66 11.05
N SER B 94 -5.99 10.19 12.09
CA SER B 94 -6.07 10.83 13.38
C SER B 94 -5.25 12.12 13.38
N TRP B 95 -5.49 12.96 14.38
CA TRP B 95 -4.80 14.23 14.51
C TRP B 95 -4.60 14.54 15.98
N LEU B 96 -4.07 15.74 16.25
CA LEU B 96 -3.71 16.17 17.61
C LEU B 96 -2.73 15.21 18.27
N TRP B 97 -2.02 14.41 17.47
CA TRP B 97 -1.06 13.44 17.97
C TRP B 97 0.23 14.18 18.32
N GLU B 98 0.22 14.81 19.50
CA GLU B 98 1.33 15.62 19.94
C GLU B 98 1.52 15.48 21.45
N VAL B 99 2.68 15.92 21.91
CA VAL B 99 3.02 15.92 23.33
C VAL B 99 3.25 17.35 23.76
N HIS B 100 2.71 17.72 24.93
CA HIS B 100 2.80 19.08 25.43
C HIS B 100 3.28 19.08 26.87
N LEU B 101 4.12 20.06 27.20
CA LEU B 101 4.46 20.32 28.60
C LEU B 101 3.37 21.22 29.18
N VAL B 102 2.62 20.69 30.14
CA VAL B 102 1.49 21.39 30.72
C VAL B 102 1.90 21.87 32.11
N PRO B 103 2.20 23.23 32.31
CA PRO B 103 2.48 23.76 33.66
C PRO B 103 1.17 23.96 34.45
N ARG B 104 0.57 22.84 34.83
CA ARG B 104 -0.69 22.78 35.58
C ARG B 104 -1.88 23.30 34.76
N ARG B 105 -1.59 24.05 33.69
CA ARG B 105 -2.64 24.67 32.89
C ARG B 105 -2.10 25.10 31.53
N LYS B 106 -2.74 24.67 30.45
CA LYS B 106 -2.32 25.08 29.11
C LYS B 106 -3.48 24.91 28.16
N GLN B 107 -3.85 25.98 27.47
CA GLN B 107 -4.91 25.96 26.48
C GLN B 107 -4.28 26.05 25.10
N LEU B 108 -4.83 25.31 24.15
CA LEU B 108 -4.35 25.37 22.77
C LEU B 108 -5.55 25.33 21.86
N GLN B 109 -5.59 26.25 20.90
CA GLN B 109 -6.73 26.37 19.99
C GLN B 109 -6.33 25.92 18.58
N PHE B 110 -7.30 25.36 17.87
CA PHE B 110 -7.09 24.82 16.52
C PHE B 110 -8.41 24.87 15.77
N ALA B 111 -8.46 24.18 14.64
CA ALA B 111 -9.66 24.09 13.81
C ALA B 111 -10.00 22.63 13.59
N LEU B 112 -11.27 22.27 13.80
CA LEU B 112 -11.68 20.90 13.59
C LEU B 112 -11.59 20.55 12.11
N PRO B 113 -11.21 19.32 11.78
CA PRO B 113 -11.07 18.95 10.37
C PRO B 113 -12.41 18.95 9.65
N ASP B 114 -12.34 19.02 8.33
CA ASP B 114 -13.54 19.02 7.49
C ASP B 114 -13.97 17.59 7.29
N SER B 115 -14.94 17.15 8.09
CA SER B 115 -15.43 15.78 8.03
C SER B 115 -16.68 15.69 8.88
N LEU B 116 -17.52 14.69 8.58
CA LEU B 116 -18.66 14.36 9.42
C LEU B 116 -18.22 13.18 10.27
N THR B 117 -17.73 13.45 11.47
CA THR B 117 -17.07 12.44 12.26
C THR B 117 -17.28 12.73 13.74
N THR B 118 -17.47 11.67 14.52
CA THR B 118 -17.49 11.79 15.98
C THR B 118 -16.07 11.58 16.47
N TRP B 119 -15.36 12.69 16.68
CA TRP B 119 -13.97 12.63 17.13
C TRP B 119 -13.89 12.37 18.62
N GLU B 120 -12.87 11.62 19.01
CA GLU B 120 -12.65 11.20 20.39
C GLU B 120 -11.27 11.68 20.78
N ILE B 121 -11.21 12.63 21.72
CA ILE B 121 -9.96 13.22 22.17
C ILE B 121 -9.55 12.56 23.48
N GLN B 122 -8.32 12.02 23.50
CA GLN B 122 -7.79 11.24 24.60
C GLN B 122 -6.48 11.85 25.06
N GLY B 123 -6.35 12.08 26.36
CA GLY B 123 -5.13 12.63 26.94
C GLY B 123 -4.52 11.65 27.92
N VAL B 124 -3.19 11.57 27.91
CA VAL B 124 -2.43 10.69 28.81
C VAL B 124 -1.31 11.53 29.42
N GLY B 125 -1.40 11.78 30.72
CA GLY B 125 -0.40 12.57 31.41
C GLY B 125 0.68 11.70 32.02
N ILE B 126 1.92 12.16 31.90
CA ILE B 126 3.09 11.50 32.46
C ILE B 126 3.84 12.51 33.32
N SER B 127 4.09 12.14 34.58
CA SER B 127 4.83 13.00 35.49
C SER B 127 5.54 12.11 36.50
N ASN B 128 6.28 12.75 37.41
CA ASN B 128 6.97 11.98 38.43
C ASN B 128 6.02 11.26 39.37
N THR B 129 4.73 11.57 39.31
CA THR B 129 3.72 10.87 40.08
C THR B 129 3.07 9.73 39.32
N GLY B 130 3.48 9.47 38.08
CA GLY B 130 3.02 8.34 37.31
C GLY B 130 2.29 8.75 36.05
N ILE B 131 1.31 7.92 35.67
CA ILE B 131 0.54 8.09 34.44
C ILE B 131 -0.91 8.33 34.82
N CYS B 132 -1.57 9.20 34.08
CA CYS B 132 -2.98 9.53 34.31
C CYS B 132 -3.70 9.58 32.97
N VAL B 133 -4.58 8.61 32.73
CA VAL B 133 -5.41 8.62 31.52
C VAL B 133 -6.62 9.50 31.80
N ALA B 134 -6.67 10.67 31.18
CA ALA B 134 -7.79 11.58 31.39
C ALA B 134 -9.07 11.00 30.80
N ASP B 135 -10.20 11.58 31.22
CA ASP B 135 -11.48 11.19 30.65
C ASP B 135 -11.53 11.59 29.18
N THR B 136 -11.88 10.63 28.32
CA THR B 136 -11.98 10.91 26.91
C THR B 136 -13.15 11.86 26.64
N VAL B 137 -12.88 12.94 25.92
CA VAL B 137 -13.90 13.95 25.61
C VAL B 137 -14.29 13.81 24.15
N LYS B 138 -15.59 13.89 23.89
CA LYS B 138 -16.14 13.70 22.55
C LYS B 138 -16.35 15.04 21.85
N ALA B 139 -16.22 15.02 20.52
CA ALA B 139 -16.41 16.22 19.70
C ALA B 139 -16.98 15.76 18.36
N LYS B 140 -18.29 15.91 18.21
CA LYS B 140 -18.99 15.42 17.02
C LYS B 140 -19.13 16.56 16.02
N VAL B 141 -18.39 16.48 14.91
CA VAL B 141 -18.55 17.41 13.80
C VAL B 141 -19.60 16.82 12.85
N PHE B 142 -20.70 17.54 12.69
CA PHE B 142 -21.91 17.00 12.09
C PHE B 142 -22.62 18.10 11.32
N LYS B 143 -23.19 17.73 10.18
CA LYS B 143 -23.97 18.64 9.35
C LYS B 143 -25.31 17.97 9.06
N ASP B 144 -26.41 18.68 9.35
CA ASP B 144 -27.73 18.07 9.21
C ASP B 144 -28.28 18.16 7.79
N VAL B 145 -27.86 19.14 7.00
CA VAL B 145 -28.32 19.31 5.62
C VAL B 145 -27.12 19.66 4.77
N PHE B 146 -26.81 18.84 3.78
CA PHE B 146 -25.63 19.12 2.98
C PHE B 146 -25.74 18.48 1.61
N LEU B 147 -25.10 19.10 0.62
CA LEU B 147 -25.10 18.61 -0.74
C LEU B 147 -23.77 17.95 -1.07
N GLU B 148 -23.83 16.84 -1.80
CA GLU B 148 -22.63 16.31 -2.43
C GLU B 148 -22.93 15.97 -3.89
N MET B 149 -21.91 16.13 -4.74
CA MET B 149 -22.02 15.88 -6.17
C MET B 149 -21.02 14.82 -6.58
N ASN B 150 -21.42 13.95 -7.50
CA ASN B 150 -20.57 12.89 -8.02
C ASN B 150 -20.09 13.30 -9.40
N ILE B 151 -18.85 13.76 -9.48
CA ILE B 151 -18.25 14.22 -10.72
C ILE B 151 -17.36 13.11 -11.26
N PRO B 152 -17.52 12.71 -12.52
CA PRO B 152 -16.68 11.62 -13.06
C PRO B 152 -15.23 12.06 -13.18
N TYR B 153 -14.36 11.06 -13.33
CA TYR B 153 -12.92 11.32 -13.44
C TYR B 153 -12.62 12.17 -14.66
N SER B 154 -13.09 11.76 -15.83
CA SER B 154 -12.87 12.52 -17.05
C SER B 154 -14.11 12.47 -17.92
N VAL B 155 -14.18 13.43 -18.82
CA VAL B 155 -15.28 13.57 -19.77
C VAL B 155 -14.69 14.02 -21.10
N VAL B 156 -15.09 13.35 -22.18
CA VAL B 156 -14.58 13.70 -23.51
C VAL B 156 -15.31 14.93 -24.03
N ARG B 157 -14.56 15.85 -24.63
CA ARG B 157 -15.16 17.07 -25.18
C ARG B 157 -16.27 16.73 -26.16
N GLY B 158 -17.38 17.45 -26.05
CA GLY B 158 -18.54 17.25 -26.90
C GLY B 158 -19.61 16.37 -26.29
N GLU B 159 -19.28 15.59 -25.27
CA GLU B 159 -20.26 14.70 -24.67
C GLU B 159 -21.22 15.48 -23.78
N GLN B 160 -22.51 15.11 -23.85
CA GLN B 160 -23.51 15.70 -22.97
C GLN B 160 -23.62 14.84 -21.72
N ILE B 161 -23.16 15.39 -20.59
CA ILE B 161 -23.01 14.67 -19.34
C ILE B 161 -24.13 15.05 -18.38
N GLN B 162 -24.70 14.06 -17.71
CA GLN B 162 -25.62 14.26 -16.59
C GLN B 162 -24.83 14.13 -15.30
N LEU B 163 -24.65 15.24 -14.58
CA LEU B 163 -23.96 15.24 -13.30
C LEU B 163 -24.98 14.99 -12.19
N LYS B 164 -24.83 13.87 -11.50
CA LYS B 164 -25.74 13.45 -10.44
C LYS B 164 -25.19 13.86 -9.07
N GLY B 165 -26.11 14.15 -8.16
CA GLY B 165 -25.76 14.54 -6.81
C GLY B 165 -26.91 14.23 -5.89
N THR B 166 -26.70 14.51 -4.61
CA THR B 166 -27.68 14.22 -3.58
C THR B 166 -27.60 15.30 -2.51
N VAL B 167 -28.76 15.80 -2.07
CA VAL B 167 -28.86 16.62 -0.87
C VAL B 167 -29.40 15.77 0.28
N TYR B 168 -28.70 15.81 1.40
CA TYR B 168 -29.02 15.02 2.59
C TYR B 168 -29.67 15.90 3.62
N ASN B 169 -30.78 15.40 4.20
CA ASN B 169 -31.49 16.08 5.28
C ASN B 169 -31.65 15.09 6.44
N TYR B 170 -30.82 15.25 7.47
CA TYR B 170 -30.89 14.39 8.65
C TYR B 170 -31.79 14.94 9.73
N ARG B 171 -32.28 16.16 9.57
CA ARG B 171 -33.29 16.68 10.49
C ARG B 171 -34.59 15.89 10.32
N THR B 172 -35.35 15.80 11.42
CA THR B 172 -36.57 15.03 11.41
C THR B 172 -37.69 15.71 10.62
N SER B 173 -37.54 16.98 10.28
CA SER B 173 -38.56 17.72 9.54
C SER B 173 -38.04 18.10 8.16
N GLY B 174 -38.89 17.92 7.16
CA GLY B 174 -38.55 18.30 5.80
C GLY B 174 -38.39 19.81 5.67
N MET B 175 -37.79 20.21 4.54
CA MET B 175 -37.48 21.62 4.35
C MET B 175 -37.30 21.92 2.87
N GLN B 176 -37.38 23.20 2.54
CA GLN B 176 -37.19 23.70 1.18
C GLN B 176 -35.71 23.99 0.94
N PHE B 177 -35.34 23.98 -0.33
CA PHE B 177 -33.95 24.19 -0.74
C PHE B 177 -33.92 24.43 -2.24
N CYS B 178 -32.73 24.74 -2.74
CA CYS B 178 -32.50 24.80 -4.18
C CYS B 178 -31.00 24.78 -4.44
N VAL B 179 -30.58 23.96 -5.39
CA VAL B 179 -29.20 23.88 -5.83
C VAL B 179 -29.08 24.58 -7.18
N LYS B 180 -28.06 25.41 -7.31
CA LYS B 180 -27.78 26.09 -8.56
C LYS B 180 -26.34 25.82 -8.95
N MET B 181 -26.07 25.88 -10.25
CA MET B 181 -24.77 25.52 -10.80
C MET B 181 -24.05 26.78 -11.28
N SER B 182 -22.73 26.78 -11.14
CA SER B 182 -21.92 27.93 -11.53
C SER B 182 -21.50 27.77 -12.99
N ALA B 183 -21.95 28.70 -13.83
CA ALA B 183 -21.67 28.65 -15.26
C ALA B 183 -20.25 29.12 -15.54
N VAL B 184 -19.42 28.21 -16.05
CA VAL B 184 -18.09 28.56 -16.53
C VAL B 184 -18.15 28.69 -18.05
N GLU B 185 -17.19 29.44 -18.61
CA GLU B 185 -17.25 29.80 -20.03
C GLU B 185 -17.25 28.58 -20.93
N GLY B 186 -16.31 27.65 -20.71
CA GLY B 186 -16.19 26.51 -21.61
C GLY B 186 -17.31 25.50 -21.47
N ILE B 187 -18.02 25.49 -20.35
CA ILE B 187 -19.05 24.48 -20.09
C ILE B 187 -20.39 25.03 -20.59
N CYS B 188 -20.96 24.38 -21.60
CA CYS B 188 -22.20 24.83 -22.22
C CYS B 188 -23.39 24.16 -21.55
N THR B 189 -24.31 24.95 -21.02
CA THR B 189 -25.51 24.44 -20.39
C THR B 189 -26.73 24.85 -21.19
N SER B 190 -27.78 24.03 -21.11
CA SER B 190 -28.97 24.27 -21.92
C SER B 190 -29.67 25.55 -21.52
N GLU B 191 -29.80 25.79 -20.21
CA GLU B 191 -30.37 27.03 -19.73
C GLU B 191 -29.31 28.15 -19.81
N SER B 192 -29.66 29.32 -19.33
CA SER B 192 -28.75 30.45 -19.40
C SER B 192 -28.62 31.11 -18.04
N PRO B 193 -27.45 31.67 -17.74
CA PRO B 193 -27.25 32.29 -16.43
C PRO B 193 -28.18 33.48 -16.24
N VAL B 194 -28.67 33.64 -15.02
CA VAL B 194 -29.58 34.73 -14.69
C VAL B 194 -28.84 35.90 -14.04
N ILE B 195 -28.06 35.63 -12.97
CA ILE B 195 -27.31 36.64 -12.22
C ILE B 195 -26.59 35.97 -11.05
N LYS B 201 -23.49 35.16 -12.44
CA LYS B 201 -24.05 34.35 -13.53
C LYS B 201 -23.96 32.86 -13.18
N SER B 202 -25.02 32.34 -12.55
CA SER B 202 -24.99 30.95 -12.10
C SER B 202 -26.43 30.45 -11.96
N SER B 203 -26.97 29.90 -13.05
CA SER B 203 -28.16 29.05 -13.03
C SER B 203 -29.37 29.71 -12.36
N LYS B 204 -30.35 28.90 -11.97
CA LYS B 204 -31.61 29.37 -11.41
C LYS B 204 -31.98 28.52 -10.19
N CYS B 205 -32.68 29.13 -9.25
CA CYS B 205 -33.09 28.48 -7.99
C CYS B 205 -34.54 28.04 -8.11
N VAL B 206 -34.74 26.74 -8.30
CA VAL B 206 -36.08 26.14 -8.32
C VAL B 206 -36.28 25.44 -6.98
N ARG B 207 -37.20 25.96 -6.17
CA ARG B 207 -37.34 25.51 -4.79
C ARG B 207 -38.01 24.14 -4.75
N GLN B 208 -37.31 23.18 -4.15
CA GLN B 208 -37.80 21.83 -3.91
C GLN B 208 -37.83 21.57 -2.41
N LYS B 209 -38.38 20.42 -2.04
CA LYS B 209 -38.50 20.04 -0.63
C LYS B 209 -37.94 18.65 -0.41
N VAL B 210 -37.05 18.53 0.57
CA VAL B 210 -36.60 17.23 1.06
C VAL B 210 -37.46 16.83 2.25
N GLU B 211 -37.88 15.57 2.26
CA GLU B 211 -38.62 15.06 3.41
C GLU B 211 -37.67 14.85 4.58
N GLY B 212 -38.24 14.85 5.78
CA GLY B 212 -37.42 14.71 6.98
C GLY B 212 -36.70 13.38 6.99
N SER B 213 -35.43 13.41 7.40
CA SER B 213 -34.59 12.23 7.56
C SER B 213 -34.57 11.42 6.26
N SER B 214 -34.15 12.08 5.19
CA SER B 214 -34.00 11.39 3.90
C SER B 214 -33.08 12.24 3.01
N SER B 215 -33.31 12.18 1.70
CA SER B 215 -32.45 12.84 0.74
C SER B 215 -33.28 13.21 -0.49
N HIS B 216 -32.64 13.94 -1.40
CA HIS B 216 -33.29 14.35 -2.64
C HIS B 216 -32.25 14.35 -3.75
N LEU B 217 -32.64 13.91 -4.93
CA LEU B 217 -31.71 13.79 -6.05
C LEU B 217 -31.46 15.13 -6.71
N VAL B 218 -30.28 15.26 -7.30
CA VAL B 218 -29.83 16.45 -8.00
C VAL B 218 -29.26 16.03 -9.34
N THR B 219 -29.60 16.77 -10.39
CA THR B 219 -29.10 16.49 -11.73
C THR B 219 -28.77 17.80 -12.45
N PHE B 220 -27.64 17.83 -13.14
CA PHE B 220 -27.28 18.97 -13.97
C PHE B 220 -26.68 18.47 -15.27
N THR B 221 -27.33 18.78 -16.38
CA THR B 221 -26.81 18.41 -17.70
C THR B 221 -25.90 19.51 -18.23
N VAL B 222 -24.67 19.14 -18.59
CA VAL B 222 -23.69 20.06 -19.16
C VAL B 222 -23.05 19.43 -20.39
N LEU B 223 -22.36 20.26 -21.16
CA LEU B 223 -21.69 19.83 -22.38
C LEU B 223 -20.40 20.61 -22.53
N PRO B 224 -19.25 20.00 -22.21
CA PRO B 224 -17.98 20.73 -22.30
C PRO B 224 -17.59 20.98 -23.74
N LEU B 225 -17.29 22.25 -24.05
CA LEU B 225 -16.81 22.60 -25.37
C LEU B 225 -15.29 22.76 -25.43
N GLU B 226 -14.63 22.90 -24.29
CA GLU B 226 -13.20 23.14 -24.26
C GLU B 226 -12.50 22.07 -23.43
N ILE B 227 -11.28 21.75 -23.83
CA ILE B 227 -10.48 20.71 -23.21
C ILE B 227 -9.74 21.29 -22.02
N GLY B 228 -9.57 20.51 -20.96
CA GLY B 228 -8.82 20.91 -19.79
C GLY B 228 -9.65 20.78 -18.53
N LEU B 229 -9.07 21.25 -17.42
CA LEU B 229 -9.74 21.22 -16.12
C LEU B 229 -10.52 22.52 -15.93
N HIS B 230 -11.83 22.40 -15.72
CA HIS B 230 -12.71 23.55 -15.56
C HIS B 230 -13.37 23.50 -14.19
N ASN B 231 -13.29 24.60 -13.45
CA ASN B 231 -13.93 24.68 -12.15
C ASN B 231 -15.43 24.86 -12.31
N ILE B 232 -16.20 24.05 -11.59
CA ILE B 232 -17.65 24.21 -11.51
C ILE B 232 -18.05 24.21 -10.04
N ASN B 233 -18.87 25.19 -9.65
CA ASN B 233 -19.35 25.31 -8.28
C ASN B 233 -20.82 24.90 -8.21
N PHE B 234 -21.22 24.38 -7.06
CA PHE B 234 -22.60 23.98 -6.80
C PHE B 234 -23.06 24.62 -5.50
N SER B 235 -24.13 25.40 -5.57
CA SER B 235 -24.66 26.10 -4.41
C SER B 235 -25.92 25.41 -3.91
N LEU B 236 -25.94 25.08 -2.62
CA LEU B 236 -27.13 24.56 -1.94
C LEU B 236 -27.67 25.65 -1.02
N GLU B 237 -28.89 26.09 -1.28
CA GLU B 237 -29.50 27.17 -0.51
C GLU B 237 -30.73 26.65 0.22
N THR B 238 -30.85 27.08 1.48
CA THR B 238 -31.98 26.71 2.32
C THR B 238 -32.33 27.90 3.20
N TRP B 239 -33.53 27.85 3.78
CA TRP B 239 -34.00 28.94 4.63
C TRP B 239 -33.15 29.08 5.89
N PHE B 240 -32.14 28.21 6.04
CA PHE B 240 -31.24 28.25 7.17
C PHE B 240 -29.78 28.50 6.78
N GLY B 241 -29.48 28.73 5.51
CA GLY B 241 -28.11 29.04 5.14
C GLY B 241 -27.85 28.77 3.67
N LYS B 242 -26.57 28.83 3.33
CA LYS B 242 -26.11 28.69 1.95
C LYS B 242 -24.73 28.06 1.96
N GLU B 243 -24.53 27.03 1.16
CA GLU B 243 -23.29 26.29 1.08
C GLU B 243 -22.81 26.26 -0.36
N ILE B 244 -21.50 26.35 -0.55
CA ILE B 244 -20.88 26.31 -1.87
C ILE B 244 -19.92 25.11 -1.90
N LEU B 245 -20.06 24.30 -2.94
CA LEU B 245 -19.24 23.11 -3.14
C LEU B 245 -18.41 23.35 -4.39
N VAL B 246 -17.10 23.45 -4.21
CA VAL B 246 -16.19 23.73 -5.31
C VAL B 246 -15.76 22.41 -5.93
N LYS B 247 -15.87 22.31 -7.25
CA LYS B 247 -15.64 21.07 -7.96
C LYS B 247 -14.84 21.37 -9.22
N THR B 248 -14.33 20.30 -9.83
CA THR B 248 -13.53 20.43 -11.04
C THR B 248 -13.86 19.30 -12.02
N LEU B 249 -14.17 19.68 -13.25
CA LEU B 249 -14.48 18.75 -14.34
C LEU B 249 -13.27 18.66 -15.28
N ARG B 250 -12.80 17.44 -15.49
CA ARG B 250 -11.65 17.18 -16.36
C ARG B 250 -12.16 16.79 -17.74
N VAL B 251 -11.90 17.65 -18.73
CA VAL B 251 -12.34 17.44 -20.11
C VAL B 251 -11.16 16.97 -20.94
N VAL B 252 -11.32 15.81 -21.58
CA VAL B 252 -10.27 15.11 -22.31
C VAL B 252 -10.56 15.18 -23.80
N PRO B 253 -9.55 15.30 -24.67
CA PRO B 253 -9.80 15.31 -26.11
C PRO B 253 -10.31 13.96 -26.61
N GLU B 254 -10.82 13.96 -27.84
CA GLU B 254 -11.20 12.74 -28.52
C GLU B 254 -9.97 11.93 -28.90
N GLY B 255 -10.20 10.73 -29.43
CA GLY B 255 -9.14 9.88 -29.93
C GLY B 255 -8.22 9.32 -28.85
N VAL B 256 -7.08 8.80 -29.32
CA VAL B 256 -6.09 8.16 -28.46
C VAL B 256 -4.99 9.17 -28.13
N LYS B 257 -4.48 9.09 -26.91
CA LYS B 257 -3.27 9.81 -26.56
C LYS B 257 -2.05 9.05 -27.08
N ARG B 258 -1.15 9.75 -27.74
CA ARG B 258 0.11 9.19 -28.19
C ARG B 258 1.24 10.12 -27.77
N GLU B 259 2.34 9.53 -27.31
CA GLU B 259 3.41 10.25 -26.64
C GLU B 259 4.74 9.89 -27.31
N SER B 260 5.41 10.90 -27.86
CA SER B 260 6.74 10.72 -28.45
C SER B 260 7.77 11.47 -27.61
N TYR B 261 9.02 11.03 -27.71
CA TYR B 261 10.08 11.54 -26.85
C TYR B 261 11.31 11.91 -27.68
N SER B 262 11.98 12.99 -27.28
CA SER B 262 13.22 13.41 -27.94
C SER B 262 14.27 13.75 -26.89
N GLY B 263 15.47 13.23 -27.08
CA GLY B 263 16.54 13.40 -26.11
C GLY B 263 17.79 13.99 -26.72
N VAL B 264 18.44 14.87 -25.96
CA VAL B 264 19.63 15.59 -26.40
C VAL B 264 20.58 15.74 -25.22
N THR B 265 21.86 15.49 -25.47
CA THR B 265 22.89 15.64 -24.45
C THR B 265 23.74 16.87 -24.76
N LEU B 266 23.93 17.72 -23.75
CA LEU B 266 24.69 18.96 -23.88
C LEU B 266 26.06 18.76 -23.23
N ASP B 267 27.10 18.72 -24.06
CA ASP B 267 28.50 18.61 -23.64
C ASP B 267 29.22 19.79 -24.29
N PRO B 268 29.22 20.96 -23.65
CA PRO B 268 29.75 22.15 -24.32
C PRO B 268 31.24 22.09 -24.61
N ARG B 269 32.02 21.34 -23.83
CA ARG B 269 33.45 21.25 -24.04
C ARG B 269 33.89 19.93 -24.67
N GLY B 270 32.93 19.08 -25.05
CA GLY B 270 33.25 17.82 -25.69
C GLY B 270 34.17 16.92 -24.88
N ILE B 271 33.84 16.74 -23.60
CA ILE B 271 34.67 15.92 -22.72
C ILE B 271 34.41 14.44 -22.97
N TYR B 272 33.15 14.06 -23.14
CA TYR B 272 32.77 12.68 -23.35
C TYR B 272 32.52 12.34 -24.82
N GLY B 273 32.79 13.28 -25.72
CA GLY B 273 32.55 13.04 -27.13
C GLY B 273 32.69 14.33 -27.91
N THR B 274 31.95 14.42 -29.01
CA THR B 274 31.96 15.64 -29.79
C THR B 274 31.24 16.76 -29.03
N ILE B 275 31.60 18.00 -29.35
CA ILE B 275 30.98 19.15 -28.70
C ILE B 275 29.50 19.20 -29.06
N SER B 276 28.69 19.62 -28.09
CA SER B 276 27.24 19.68 -28.26
C SER B 276 26.73 20.90 -27.49
N ARG B 277 26.54 22.01 -28.20
CA ARG B 277 26.09 23.25 -27.58
C ARG B 277 24.68 23.65 -27.98
N ARG B 278 24.17 23.18 -29.11
CA ARG B 278 22.86 23.56 -29.62
C ARG B 278 22.09 22.34 -30.08
N LYS B 279 20.76 22.45 -30.04
CA LYS B 279 19.90 21.47 -30.66
C LYS B 279 18.53 22.08 -30.89
N GLU B 280 17.90 21.66 -31.98
CA GLU B 280 16.64 22.22 -32.45
C GLU B 280 15.60 21.10 -32.47
N PHE B 281 14.57 21.26 -31.64
CA PHE B 281 13.43 20.34 -31.67
C PHE B 281 12.38 20.91 -32.61
N PRO B 282 12.19 20.34 -33.79
CA PRO B 282 11.23 20.93 -34.73
C PRO B 282 9.79 20.65 -34.32
N TYR B 283 8.92 21.58 -34.67
CA TYR B 283 7.49 21.44 -34.44
C TYR B 283 6.88 20.80 -35.68
N ARG B 284 6.39 19.57 -35.53
CA ARG B 284 5.81 18.83 -36.64
C ARG B 284 4.42 18.33 -36.23
N ILE B 285 3.43 18.64 -37.05
CA ILE B 285 2.05 18.23 -36.77
C ILE B 285 1.85 16.80 -37.25
N PRO B 286 1.40 15.90 -36.40
CA PRO B 286 1.18 14.51 -36.82
C PRO B 286 0.05 14.41 -37.83
N LEU B 287 -0.08 13.22 -38.39
CA LEU B 287 -1.02 13.00 -39.48
C LEU B 287 -2.47 13.09 -39.02
N ASP B 288 -2.90 12.13 -38.19
CA ASP B 288 -4.29 12.05 -37.78
C ASP B 288 -4.59 12.85 -36.52
N LEU B 289 -4.06 14.07 -36.41
CA LEU B 289 -4.25 14.86 -35.20
C LEU B 289 -5.72 15.26 -35.05
N VAL B 290 -6.23 15.11 -33.83
CA VAL B 290 -7.61 15.55 -33.57
C VAL B 290 -7.72 17.05 -33.83
N PRO B 291 -8.73 17.51 -34.56
CA PRO B 291 -8.82 18.94 -34.86
C PRO B 291 -9.12 19.76 -33.61
N LYS B 292 -8.67 21.02 -33.66
CA LYS B 292 -8.86 21.98 -32.58
C LYS B 292 -8.35 21.42 -31.24
N THR B 293 -7.22 20.72 -31.31
CA THR B 293 -6.49 20.27 -30.13
C THR B 293 -5.04 20.73 -30.24
N GLU B 294 -4.49 21.18 -29.12
CA GLU B 294 -3.13 21.67 -29.09
C GLU B 294 -2.14 20.52 -28.97
N ILE B 295 -1.01 20.65 -29.66
CA ILE B 295 0.09 19.70 -29.51
C ILE B 295 0.84 20.07 -28.24
N LYS B 296 0.78 19.22 -27.23
CA LYS B 296 1.45 19.52 -25.97
C LYS B 296 2.88 19.02 -26.04
N ARG B 297 3.79 19.74 -25.38
CA ARG B 297 5.15 19.23 -25.22
C ARG B 297 5.82 19.90 -24.03
N ILE B 298 6.45 19.09 -23.18
CA ILE B 298 7.13 19.56 -21.98
C ILE B 298 8.63 19.46 -22.19
N LEU B 299 9.35 20.45 -21.67
CA LEU B 299 10.80 20.54 -21.77
C LEU B 299 11.43 20.36 -20.38
N SER B 300 12.35 19.41 -20.27
CA SER B 300 13.04 19.12 -19.03
C SER B 300 14.54 19.17 -19.25
N VAL B 301 15.22 20.07 -18.55
CA VAL B 301 16.67 20.24 -18.68
C VAL B 301 17.28 20.03 -17.30
N LYS B 302 17.95 18.90 -17.12
CA LYS B 302 18.55 18.53 -15.84
C LYS B 302 20.07 18.56 -15.93
N GLY B 303 20.70 18.54 -14.76
CA GLY B 303 22.11 18.86 -14.62
C GLY B 303 23.10 17.78 -14.98
N LEU B 304 22.82 16.52 -14.64
CA LEU B 304 23.79 15.45 -14.83
C LEU B 304 23.15 14.31 -15.65
N LEU B 305 23.96 13.27 -15.91
CA LEU B 305 23.42 12.04 -16.49
C LEU B 305 22.41 11.41 -15.55
N VAL B 306 22.64 11.53 -14.25
CA VAL B 306 21.71 11.04 -13.26
C VAL B 306 20.69 12.10 -12.82
N GLY B 307 20.68 13.29 -13.44
CA GLY B 307 19.82 14.37 -12.93
C GLY B 307 18.33 14.08 -13.01
N GLU B 308 17.90 13.35 -14.03
CA GLU B 308 16.48 13.07 -14.18
C GLU B 308 15.96 12.19 -13.05
N ILE B 309 16.72 11.16 -12.67
CA ILE B 309 16.31 10.31 -11.56
C ILE B 309 16.39 11.08 -10.25
N LEU B 310 17.45 11.88 -10.07
CA LEU B 310 17.54 12.74 -8.90
C LEU B 310 16.30 13.61 -8.76
N SER B 311 15.88 14.25 -9.85
CA SER B 311 14.68 15.07 -9.80
C SER B 311 13.44 14.23 -9.53
N ALA B 312 13.40 13.00 -10.06
CA ALA B 312 12.23 12.14 -9.86
C ALA B 312 12.05 11.79 -8.39
N VAL B 313 13.14 11.48 -7.69
CA VAL B 313 13.04 11.06 -6.30
C VAL B 313 12.93 12.27 -5.37
N LEU B 314 13.77 13.28 -5.58
CA LEU B 314 13.87 14.39 -4.64
C LEU B 314 12.70 15.35 -4.74
N SER B 315 12.04 15.42 -5.91
CA SER B 315 10.82 16.21 -6.05
C SER B 315 9.63 15.27 -5.82
N GLN B 316 8.96 15.45 -4.68
CA GLN B 316 7.97 14.49 -4.19
C GLN B 316 6.56 14.79 -4.71
N GLU B 317 6.42 15.35 -5.91
CA GLU B 317 5.08 15.54 -6.46
C GLU B 317 4.44 14.22 -6.91
N GLY B 318 5.22 13.15 -6.95
CA GLY B 318 4.72 11.81 -7.22
C GLY B 318 5.69 10.79 -6.66
N ILE B 319 6.33 9.99 -7.51
CA ILE B 319 6.11 9.94 -8.95
C ILE B 319 6.62 8.58 -9.44
N ASN B 320 5.93 8.00 -10.42
CA ASN B 320 6.36 6.74 -11.02
C ASN B 320 6.97 7.02 -12.38
N ILE B 321 8.16 6.45 -12.61
CA ILE B 321 8.83 6.60 -13.89
C ILE B 321 8.25 5.71 -14.97
N LEU B 322 7.31 4.82 -14.63
CA LEU B 322 6.66 3.91 -15.55
C LEU B 322 5.16 3.89 -15.30
N THR B 323 4.55 5.08 -15.27
CA THR B 323 3.11 5.17 -14.98
C THR B 323 2.29 4.43 -16.02
N HIS B 324 2.78 4.33 -17.26
CA HIS B 324 2.02 3.66 -18.30
C HIS B 324 1.93 2.16 -18.07
N LEU B 325 2.73 1.61 -17.19
CA LEU B 325 2.60 0.20 -16.89
C LEU B 325 1.80 0.02 -15.60
N PRO B 326 0.89 -0.95 -15.55
CA PRO B 326 0.02 -1.08 -14.38
C PRO B 326 0.70 -1.84 -13.24
N LYS B 327 0.18 -1.59 -12.03
CA LYS B 327 0.58 -2.36 -10.86
C LYS B 327 -0.12 -3.71 -10.86
N GLY B 328 0.31 -4.59 -9.95
CA GLY B 328 -0.28 -5.90 -9.84
C GLY B 328 0.75 -6.98 -9.61
N SER B 329 1.83 -6.95 -10.39
CA SER B 329 2.94 -7.86 -10.21
C SER B 329 3.89 -7.34 -9.13
N ALA B 330 4.58 -8.27 -8.47
CA ALA B 330 5.59 -7.88 -7.49
C ALA B 330 6.72 -7.10 -8.13
N GLU B 331 6.99 -7.38 -9.41
CA GLU B 331 7.99 -6.60 -10.13
C GLU B 331 7.74 -5.11 -9.99
N ALA B 332 6.46 -4.71 -10.00
CA ALA B 332 6.13 -3.29 -9.86
C ALA B 332 6.50 -2.79 -8.46
N GLU B 333 6.25 -3.61 -7.44
CA GLU B 333 6.61 -3.24 -6.07
C GLU B 333 8.12 -3.05 -5.91
N LEU B 334 8.93 -3.85 -6.60
CA LEU B 334 10.38 -3.63 -6.54
C LEU B 334 10.79 -2.40 -7.36
N MET B 335 10.23 -2.27 -8.56
CA MET B 335 10.50 -1.11 -9.39
C MET B 335 10.16 0.20 -8.68
N SER B 336 9.23 0.15 -7.71
CA SER B 336 8.91 1.36 -6.95
C SER B 336 10.10 1.83 -6.11
N VAL B 337 10.95 0.89 -5.67
CA VAL B 337 12.11 1.23 -4.86
C VAL B 337 13.40 1.35 -5.69
N VAL B 338 13.37 0.97 -6.97
CA VAL B 338 14.55 1.11 -7.83
C VAL B 338 15.11 2.54 -7.87
N PRO B 339 14.31 3.57 -8.19
CA PRO B 339 14.88 4.92 -8.31
C PRO B 339 15.44 5.46 -7.00
N VAL B 340 14.72 5.30 -5.90
CA VAL B 340 15.23 5.76 -4.61
C VAL B 340 16.56 5.08 -4.30
N PHE B 341 16.66 3.80 -4.64
CA PHE B 341 17.92 3.11 -4.36
C PHE B 341 19.06 3.71 -5.17
N TYR B 342 18.87 3.89 -6.47
CA TYR B 342 19.98 4.38 -7.28
C TYR B 342 20.34 5.82 -6.95
N VAL B 343 19.36 6.64 -6.57
CA VAL B 343 19.66 8.00 -6.12
C VAL B 343 20.49 7.95 -4.83
N PHE B 344 20.06 7.14 -3.87
CA PHE B 344 20.82 7.01 -2.64
C PHE B 344 22.23 6.50 -2.92
N HIS B 345 22.36 5.54 -3.83
CA HIS B 345 23.67 4.97 -4.16
C HIS B 345 24.58 6.04 -4.75
N TYR B 346 24.04 6.88 -5.62
CA TYR B 346 24.82 8.00 -6.16
C TYR B 346 25.24 8.97 -5.04
N LEU B 347 24.27 9.42 -4.23
CA LEU B 347 24.58 10.44 -3.23
C LEU B 347 25.56 9.93 -2.19
N GLU B 348 25.46 8.66 -1.82
CA GLU B 348 26.32 8.13 -0.76
C GLU B 348 27.68 7.72 -1.31
N THR B 349 27.72 6.99 -2.42
CA THR B 349 28.99 6.53 -2.95
C THR B 349 29.88 7.70 -3.41
N GLY B 350 29.30 8.66 -4.12
CA GLY B 350 30.06 9.82 -4.55
C GLY B 350 30.15 10.94 -3.53
N ASN B 351 29.46 10.82 -2.40
CA ASN B 351 29.42 11.86 -1.37
C ASN B 351 29.03 13.21 -1.98
N HIS B 352 27.78 13.27 -2.40
CA HIS B 352 27.20 14.45 -3.04
C HIS B 352 26.04 15.00 -2.22
N TRP B 353 26.12 14.89 -0.90
CA TRP B 353 25.04 15.37 -0.04
C TRP B 353 25.00 16.90 0.05
N ASN B 354 26.03 17.59 -0.41
CA ASN B 354 26.05 19.04 -0.42
C ASN B 354 25.12 19.63 -1.48
N ILE B 355 24.56 18.80 -2.36
CA ILE B 355 23.60 19.28 -3.35
C ILE B 355 22.41 19.93 -2.67
N PHE B 356 22.02 19.43 -1.49
CA PHE B 356 20.94 20.01 -0.73
C PHE B 356 21.40 21.32 -0.09
N HIS B 357 20.58 22.37 -0.24
CA HIS B 357 20.90 23.65 0.38
C HIS B 357 20.64 23.63 1.88
N SER B 358 19.83 22.68 2.36
CA SER B 358 19.49 22.57 3.77
C SER B 358 20.44 21.56 4.42
N ASP B 359 20.01 20.97 5.54
CA ASP B 359 20.84 20.02 6.25
C ASP B 359 20.92 18.71 5.48
N PRO B 360 22.11 18.27 5.07
CA PRO B 360 22.19 17.00 4.32
C PRO B 360 21.85 15.79 5.16
N LEU B 361 22.07 15.84 6.47
CA LEU B 361 21.82 14.67 7.32
C LEU B 361 20.33 14.35 7.39
N ILE B 362 19.48 15.37 7.42
CA ILE B 362 18.04 15.14 7.42
C ILE B 362 17.58 14.59 6.08
N GLU B 363 18.21 15.01 4.98
CA GLU B 363 17.84 14.49 3.66
C GLU B 363 18.27 13.03 3.51
N LYS B 364 19.46 12.70 4.01
CA LYS B 364 19.89 11.30 4.01
C LYS B 364 18.98 10.46 4.89
N GLN B 365 18.51 11.03 6.00
CA GLN B 365 17.51 10.36 6.83
C GLN B 365 16.24 10.06 6.03
N LYS B 366 15.68 11.10 5.39
CA LYS B 366 14.44 10.92 4.64
C LYS B 366 14.62 9.87 3.55
N LEU B 367 15.74 9.91 2.82
CA LEU B 367 15.93 8.96 1.74
C LEU B 367 16.11 7.55 2.29
N LYS B 368 16.79 7.41 3.42
CA LYS B 368 16.91 6.10 4.04
C LYS B 368 15.54 5.55 4.42
N LYS B 369 14.68 6.40 4.98
CA LYS B 369 13.35 5.97 5.38
C LYS B 369 12.50 5.56 4.18
N LYS B 370 12.51 6.39 3.12
CA LYS B 370 11.77 6.04 1.91
C LYS B 370 12.32 4.78 1.26
N LEU B 371 13.63 4.55 1.40
CA LEU B 371 14.22 3.32 0.88
C LEU B 371 13.72 2.09 1.64
N LYS B 372 13.68 2.17 2.97
CA LYS B 372 13.16 1.06 3.76
C LYS B 372 11.69 0.81 3.45
N GLU B 373 10.89 1.87 3.46
CA GLU B 373 9.46 1.73 3.16
C GLU B 373 9.25 1.15 1.77
N GLY B 374 10.05 1.58 0.80
CA GLY B 374 9.94 1.00 -0.53
C GLY B 374 10.31 -0.47 -0.54
N MET B 375 11.31 -0.84 0.26
CA MET B 375 11.75 -2.23 0.29
C MET B 375 10.70 -3.12 0.93
N LEU B 376 9.85 -2.58 1.81
CA LEU B 376 8.81 -3.41 2.42
C LEU B 376 7.68 -3.73 1.45
N SER B 377 7.57 -3.02 0.33
CA SER B 377 6.40 -3.16 -0.53
C SER B 377 6.23 -4.58 -1.06
N ILE B 378 7.32 -5.34 -1.15
CA ILE B 378 7.25 -6.66 -1.79
C ILE B 378 6.97 -7.78 -0.80
N MET B 379 6.98 -7.49 0.51
CA MET B 379 6.83 -8.55 1.50
C MET B 379 5.54 -9.33 1.32
N SER B 380 4.47 -8.69 0.82
CA SER B 380 3.21 -9.39 0.59
C SER B 380 3.36 -10.57 -0.38
N TYR B 381 4.27 -10.44 -1.34
CA TYR B 381 4.44 -11.46 -2.36
C TYR B 381 5.39 -12.58 -1.94
N ARG B 382 5.84 -12.59 -0.68
CA ARG B 382 6.74 -13.63 -0.20
C ARG B 382 5.97 -14.72 0.51
N ASN B 383 6.28 -15.97 0.20
CA ASN B 383 5.63 -17.12 0.78
C ASN B 383 6.32 -17.51 2.10
N ALA B 384 5.75 -18.50 2.78
CA ALA B 384 6.28 -18.90 4.08
C ALA B 384 7.69 -19.45 3.97
N ASP B 385 8.02 -20.10 2.86
CA ASP B 385 9.35 -20.65 2.64
C ASP B 385 10.31 -19.62 2.06
N TYR B 386 9.98 -18.33 2.14
CA TYR B 386 10.81 -17.20 1.72
C TYR B 386 11.04 -17.14 0.23
N SER B 387 10.29 -17.91 -0.56
CA SER B 387 10.23 -17.70 -1.99
C SER B 387 9.30 -16.54 -2.30
N TYR B 388 9.32 -16.09 -3.56
CA TYR B 388 8.49 -14.98 -3.99
C TYR B 388 7.62 -15.39 -5.16
N SER B 389 6.40 -14.84 -5.20
CA SER B 389 5.42 -15.12 -6.24
C SER B 389 5.21 -13.88 -7.09
N VAL B 390 5.05 -14.07 -8.40
CA VAL B 390 4.77 -12.95 -9.30
C VAL B 390 3.43 -12.32 -8.95
N TRP B 391 2.42 -13.15 -8.73
CA TRP B 391 1.08 -12.70 -8.38
C TRP B 391 0.78 -13.09 -6.95
N LYS B 392 0.23 -12.14 -6.18
CA LYS B 392 -0.06 -12.37 -4.78
C LYS B 392 -0.99 -13.57 -4.65
N GLY B 393 -0.57 -14.55 -3.85
CA GLY B 393 -1.30 -15.79 -3.72
C GLY B 393 -1.01 -16.83 -4.79
N GLY B 394 -0.35 -16.44 -5.88
CA GLY B 394 0.02 -17.39 -6.91
C GLY B 394 1.25 -18.22 -6.54
N SER B 395 1.66 -19.04 -7.51
CA SER B 395 2.79 -19.94 -7.31
C SER B 395 4.11 -19.17 -7.24
N ALA B 396 5.06 -19.74 -6.50
CA ALA B 396 6.37 -19.13 -6.36
C ALA B 396 7.11 -19.16 -7.69
N SER B 397 7.87 -18.10 -7.96
CA SER B 397 8.58 -17.96 -9.22
C SER B 397 10.08 -17.92 -8.97
N THR B 398 10.82 -18.77 -9.72
CA THR B 398 12.27 -18.67 -9.74
C THR B 398 12.72 -17.31 -10.23
N TRP B 399 12.08 -16.82 -11.30
CA TRP B 399 12.45 -15.54 -11.89
C TRP B 399 12.27 -14.41 -10.88
N LEU B 400 11.07 -14.28 -10.32
CA LEU B 400 10.81 -13.16 -9.43
C LEU B 400 11.61 -13.26 -8.14
N THR B 401 11.83 -14.47 -7.63
CA THR B 401 12.70 -14.62 -6.47
C THR B 401 14.11 -14.15 -6.78
N ALA B 402 14.61 -14.46 -7.99
CA ALA B 402 15.92 -13.95 -8.37
C ALA B 402 15.92 -12.43 -8.40
N PHE B 403 14.86 -11.82 -8.96
CA PHE B 403 14.84 -10.36 -9.06
C PHE B 403 14.76 -9.71 -7.69
N ALA B 404 13.91 -10.24 -6.81
CA ALA B 404 13.85 -9.75 -5.44
C ALA B 404 15.20 -9.90 -4.76
N LEU B 405 15.91 -10.98 -5.03
CA LEU B 405 17.23 -11.12 -4.45
C LEU B 405 18.19 -10.07 -5.00
N ARG B 406 18.00 -9.65 -6.25
CA ARG B 406 18.84 -8.59 -6.78
C ARG B 406 18.57 -7.27 -6.08
N VAL B 407 17.30 -6.85 -6.04
CA VAL B 407 16.96 -5.56 -5.44
C VAL B 407 17.32 -5.56 -3.95
N LEU B 408 16.90 -6.60 -3.24
CA LEU B 408 17.26 -6.72 -1.82
C LEU B 408 18.76 -6.72 -1.63
N GLY B 409 19.49 -7.45 -2.49
CA GLY B 409 20.93 -7.55 -2.32
C GLY B 409 21.63 -6.21 -2.52
N GLN B 410 21.11 -5.40 -3.44
CA GLN B 410 21.68 -4.08 -3.65
C GLN B 410 21.30 -3.13 -2.51
N VAL B 411 20.05 -3.19 -2.05
CA VAL B 411 19.58 -2.27 -1.01
C VAL B 411 20.28 -2.56 0.32
N ASN B 412 20.66 -3.83 0.56
CA ASN B 412 21.28 -4.21 1.82
C ASN B 412 22.51 -3.38 2.15
N LYS B 413 23.14 -2.78 1.14
CA LYS B 413 24.35 -1.99 1.39
C LYS B 413 24.04 -0.77 2.25
N TYR B 414 22.86 -0.17 2.06
CA TYR B 414 22.49 1.06 2.76
C TYR B 414 21.41 0.86 3.81
N VAL B 415 20.54 -0.13 3.65
CA VAL B 415 19.57 -0.53 4.65
C VAL B 415 19.75 -2.02 4.86
N GLU B 416 20.34 -2.41 5.98
CA GLU B 416 20.70 -3.80 6.22
C GLU B 416 19.46 -4.69 6.16
N GLN B 417 19.58 -5.81 5.47
CA GLN B 417 18.49 -6.75 5.30
C GLN B 417 18.63 -7.94 6.25
N ASN B 418 17.50 -8.61 6.50
CA ASN B 418 17.47 -9.77 7.37
C ASN B 418 18.25 -10.91 6.72
N GLN B 419 19.41 -11.24 7.30
CA GLN B 419 20.29 -12.24 6.70
C GLN B 419 19.61 -13.60 6.61
N ASN B 420 18.85 -13.99 7.65
CA ASN B 420 18.24 -15.31 7.67
C ASN B 420 17.21 -15.47 6.55
N SER B 421 16.43 -14.41 6.28
CA SER B 421 15.47 -14.44 5.19
C SER B 421 16.16 -14.58 3.84
N ILE B 422 17.19 -13.76 3.61
CA ILE B 422 17.95 -13.84 2.36
C ILE B 422 18.54 -15.22 2.18
N CYS B 423 19.10 -15.79 3.25
CA CYS B 423 19.63 -17.15 3.19
C CYS B 423 18.56 -18.13 2.77
N ASN B 424 17.37 -18.05 3.38
CA ASN B 424 16.30 -18.97 3.02
C ASN B 424 15.87 -18.81 1.56
N SER B 425 15.91 -17.58 1.03
CA SER B 425 15.52 -17.37 -0.36
C SER B 425 16.56 -17.96 -1.31
N LEU B 426 17.83 -17.65 -1.08
CA LEU B 426 18.90 -18.23 -1.87
C LEU B 426 18.87 -19.74 -1.85
N LEU B 427 18.73 -20.33 -0.66
CA LEU B 427 18.71 -21.77 -0.54
C LEU B 427 17.47 -22.36 -1.21
N TRP B 428 16.34 -21.65 -1.17
CA TRP B 428 15.17 -22.12 -1.92
C TRP B 428 15.45 -22.17 -3.41
N LEU B 429 16.23 -21.21 -3.92
CA LEU B 429 16.62 -21.26 -5.32
C LEU B 429 17.54 -22.45 -5.60
N VAL B 430 18.69 -22.50 -4.92
CA VAL B 430 19.72 -23.47 -5.32
C VAL B 430 19.39 -24.89 -4.89
N GLU B 431 18.49 -25.09 -3.93
CA GLU B 431 18.21 -26.43 -3.42
C GLU B 431 17.13 -27.16 -4.20
N ASN B 432 16.30 -26.45 -4.95
CA ASN B 432 15.14 -27.06 -5.59
C ASN B 432 15.10 -26.89 -7.10
N TYR B 433 15.46 -25.71 -7.61
CA TYR B 433 15.23 -25.41 -9.02
C TYR B 433 16.52 -25.17 -9.79
N GLN B 434 17.59 -25.87 -9.42
CA GLN B 434 18.80 -25.90 -10.23
C GLN B 434 19.02 -27.33 -10.71
N LEU B 435 19.13 -27.50 -12.02
CA LEU B 435 19.29 -28.82 -12.61
C LEU B 435 20.74 -29.27 -12.54
N ASP B 436 20.97 -30.52 -12.94
CA ASP B 436 22.31 -31.09 -12.84
C ASP B 436 23.29 -30.34 -13.74
N ASN B 437 22.82 -29.89 -14.90
CA ASN B 437 23.70 -29.19 -15.83
C ASN B 437 24.04 -27.77 -15.38
N GLY B 438 23.49 -27.30 -14.26
CA GLY B 438 23.78 -25.98 -13.75
C GLY B 438 22.73 -24.94 -14.06
N SER B 439 21.83 -25.20 -15.01
CA SER B 439 20.79 -24.25 -15.35
C SER B 439 19.72 -24.21 -14.26
N PHE B 440 18.90 -23.16 -14.31
CA PHE B 440 17.75 -23.00 -13.41
C PHE B 440 16.47 -23.17 -14.21
N LYS B 441 15.45 -23.72 -13.55
CA LYS B 441 14.14 -23.91 -14.15
C LYS B 441 13.10 -23.11 -13.39
N GLU B 442 12.02 -22.76 -14.07
CA GLU B 442 10.95 -21.96 -13.50
C GLU B 442 9.87 -22.87 -12.92
N ASN B 443 9.38 -22.52 -11.74
CA ASN B 443 8.33 -23.28 -11.09
C ASN B 443 6.96 -22.89 -11.62
N SER B 444 6.69 -21.59 -11.73
CA SER B 444 5.37 -21.10 -12.11
C SER B 444 5.22 -21.08 -13.63
N GLN B 445 4.02 -20.74 -14.08
CA GLN B 445 3.73 -20.56 -15.50
C GLN B 445 3.98 -19.13 -15.97
N TYR B 446 4.70 -18.32 -15.18
CA TYR B 446 4.93 -16.94 -15.55
C TYR B 446 5.96 -16.87 -16.67
N GLN B 447 5.61 -16.20 -17.76
CA GLN B 447 6.51 -16.05 -18.90
C GLN B 447 6.92 -14.58 -19.03
N PRO B 448 8.08 -14.19 -18.50
CA PRO B 448 8.46 -12.77 -18.58
C PRO B 448 8.82 -12.32 -19.98
N ILE B 449 9.31 -13.21 -20.85
CA ILE B 449 9.80 -12.81 -22.16
C ILE B 449 9.43 -13.84 -23.21
N LYS B 450 9.23 -13.36 -24.44
CA LYS B 450 8.98 -14.20 -25.60
C LYS B 450 10.24 -14.26 -26.46
N LEU B 451 10.75 -15.46 -26.70
CA LEU B 451 11.96 -15.63 -27.49
C LEU B 451 11.66 -16.38 -28.80
N GLN B 452 12.60 -16.30 -29.73
CA GLN B 452 12.44 -16.89 -31.05
C GLN B 452 12.82 -18.36 -31.05
N GLY B 453 12.74 -18.97 -32.23
CA GLY B 453 13.14 -20.36 -32.41
C GLY B 453 11.97 -21.32 -32.28
N THR B 454 12.22 -22.56 -32.69
CA THR B 454 11.26 -23.63 -32.50
C THR B 454 11.14 -23.95 -31.01
N LEU B 455 10.16 -24.79 -30.67
CA LEU B 455 9.94 -25.17 -29.28
C LEU B 455 11.21 -25.68 -28.59
N PRO B 456 12.03 -26.55 -29.19
CA PRO B 456 13.31 -26.88 -28.54
C PRO B 456 14.26 -25.71 -28.48
N VAL B 457 14.39 -24.95 -29.56
CA VAL B 457 15.31 -23.81 -29.58
C VAL B 457 14.83 -22.72 -28.64
N GLU B 458 13.51 -22.47 -28.61
CA GLU B 458 12.96 -21.54 -27.63
C GLU B 458 13.20 -22.02 -26.21
N ALA B 459 13.17 -23.34 -25.99
CA ALA B 459 13.44 -23.88 -24.66
C ALA B 459 14.89 -23.62 -24.26
N ARG B 460 15.84 -23.89 -25.16
CA ARG B 460 17.24 -23.61 -24.88
C ARG B 460 17.45 -22.12 -24.58
N GLU B 461 16.87 -21.25 -25.42
CA GLU B 461 17.02 -19.82 -25.22
C GLU B 461 16.48 -19.38 -23.87
N ASN B 462 15.25 -19.79 -23.53
CA ASN B 462 14.66 -19.40 -22.26
C ASN B 462 15.45 -19.96 -21.09
N SER B 463 16.03 -21.16 -21.25
CA SER B 463 16.84 -21.73 -20.18
C SER B 463 18.10 -20.91 -19.95
N LEU B 464 18.78 -20.52 -21.04
CA LEU B 464 19.95 -19.67 -20.91
C LEU B 464 19.59 -18.34 -20.25
N TYR B 465 18.50 -17.72 -20.70
CA TYR B 465 18.07 -16.44 -20.13
C TYR B 465 17.77 -16.57 -18.64
N LEU B 466 16.98 -17.56 -18.25
CA LEU B 466 16.61 -17.71 -16.85
C LEU B 466 17.84 -18.01 -15.99
N THR B 467 18.77 -18.82 -16.50
CA THR B 467 19.98 -19.13 -15.74
C THR B 467 20.80 -17.87 -15.52
N ALA B 468 20.96 -17.04 -16.56
CA ALA B 468 21.73 -15.80 -16.39
C ALA B 468 21.02 -14.85 -15.43
N PHE B 469 19.69 -14.76 -15.52
CA PHE B 469 18.92 -13.88 -14.63
C PHE B 469 19.08 -14.31 -13.18
N THR B 470 18.93 -15.61 -12.93
CA THR B 470 19.12 -16.13 -11.58
C THR B 470 20.54 -15.90 -11.09
N VAL B 471 21.54 -16.09 -11.96
CA VAL B 471 22.92 -15.82 -11.58
C VAL B 471 23.09 -14.37 -11.15
N ILE B 472 22.52 -13.44 -11.91
CA ILE B 472 22.60 -12.03 -11.53
C ILE B 472 22.01 -11.82 -10.15
N GLY B 473 20.83 -12.41 -9.90
CA GLY B 473 20.19 -12.22 -8.61
C GLY B 473 21.04 -12.77 -7.47
N ILE B 474 21.58 -13.97 -7.64
CA ILE B 474 22.36 -14.59 -6.58
C ILE B 474 23.65 -13.83 -6.36
N ARG B 475 24.28 -13.35 -7.43
CA ARG B 475 25.51 -12.58 -7.28
C ARG B 475 25.26 -11.27 -6.54
N LYS B 476 24.14 -10.61 -6.82
CA LYS B 476 23.85 -9.32 -6.20
C LYS B 476 23.58 -9.44 -4.71
N ALA B 477 23.21 -10.62 -4.23
CA ALA B 477 22.85 -10.84 -2.84
C ALA B 477 23.76 -11.83 -2.14
N PHE B 478 24.90 -12.18 -2.74
CA PHE B 478 25.72 -13.24 -2.18
C PHE B 478 26.41 -12.81 -0.89
N ASP B 479 26.84 -11.55 -0.81
CA ASP B 479 27.59 -11.10 0.36
C ASP B 479 26.73 -11.11 1.62
N ILE B 480 25.40 -11.05 1.48
CA ILE B 480 24.52 -11.13 2.65
C ILE B 480 24.62 -12.51 3.28
N CYS B 481 24.74 -13.55 2.46
CA CYS B 481 24.72 -14.94 2.92
C CYS B 481 25.76 -15.75 2.15
N PRO B 482 27.05 -15.50 2.40
CA PRO B 482 28.10 -16.16 1.59
C PRO B 482 28.30 -17.63 1.91
N LEU B 483 27.36 -18.47 1.49
CA LEU B 483 27.40 -19.90 1.76
C LEU B 483 28.22 -20.61 0.70
N VAL B 484 28.98 -21.63 1.13
CA VAL B 484 29.75 -22.43 0.20
C VAL B 484 28.83 -23.17 -0.76
N LYS B 485 27.65 -23.58 -0.29
CA LYS B 485 26.73 -24.33 -1.12
C LYS B 485 26.27 -23.50 -2.32
N ILE B 486 25.88 -22.26 -2.08
CA ILE B 486 25.42 -21.41 -3.17
C ILE B 486 26.57 -20.90 -4.02
N ASP B 487 27.80 -20.88 -3.48
CA ASP B 487 28.95 -20.59 -4.34
C ASP B 487 29.20 -21.73 -5.31
N THR B 488 29.08 -22.97 -4.84
CA THR B 488 29.15 -24.12 -5.73
C THR B 488 28.05 -24.05 -6.79
N ALA B 489 26.81 -23.74 -6.37
CA ALA B 489 25.75 -23.53 -7.35
C ALA B 489 26.13 -22.47 -8.38
N LEU B 490 26.73 -21.36 -7.91
CA LEU B 490 27.15 -20.31 -8.83
C LEU B 490 28.19 -20.82 -9.81
N ILE B 491 29.06 -21.71 -9.35
CA ILE B 491 30.07 -22.28 -10.24
C ILE B 491 29.40 -23.14 -11.31
N LYS B 492 28.46 -23.99 -10.91
CA LYS B 492 27.80 -24.86 -11.89
C LYS B 492 27.03 -24.03 -12.91
N ALA B 493 26.29 -23.02 -12.45
CA ALA B 493 25.53 -22.17 -13.36
C ALA B 493 26.45 -21.41 -14.30
N ASP B 494 27.55 -20.86 -13.76
CA ASP B 494 28.52 -20.18 -14.61
C ASP B 494 29.08 -21.11 -15.67
N ASN B 495 29.30 -22.38 -15.31
CA ASN B 495 29.75 -23.34 -16.32
C ASN B 495 28.70 -23.54 -17.41
N PHE B 496 27.42 -23.67 -17.01
CA PHE B 496 26.37 -23.83 -18.01
C PHE B 496 26.34 -22.64 -18.96
N LEU B 497 26.39 -21.42 -18.42
CA LEU B 497 26.42 -20.24 -19.26
C LEU B 497 27.63 -20.24 -20.18
N LEU B 498 28.79 -20.64 -19.66
CA LEU B 498 30.00 -20.63 -20.49
C LEU B 498 29.88 -21.61 -21.65
N GLU B 499 29.32 -22.79 -21.40
CA GLU B 499 29.30 -23.81 -22.44
C GLU B 499 28.13 -23.63 -23.42
N ASN B 500 27.03 -23.01 -23.00
CA ASN B 500 25.81 -23.02 -23.80
C ASN B 500 25.46 -21.69 -24.42
N THR B 501 26.22 -20.62 -24.17
CA THR B 501 25.87 -19.32 -24.72
C THR B 501 26.16 -19.26 -26.21
N LEU B 502 27.33 -19.69 -26.63
CA LEU B 502 27.68 -19.74 -28.05
C LEU B 502 27.43 -21.15 -28.59
N PRO B 503 26.90 -21.24 -29.82
CA PRO B 503 26.56 -20.13 -30.71
C PRO B 503 25.28 -19.41 -30.29
N ALA B 504 25.30 -18.09 -30.38
CA ALA B 504 24.20 -17.29 -29.87
C ALA B 504 22.96 -17.45 -30.75
N GLN B 505 21.80 -17.24 -30.14
CA GLN B 505 20.52 -17.24 -30.84
C GLN B 505 19.87 -15.86 -30.87
N SER B 506 20.33 -14.94 -30.01
CA SER B 506 19.79 -13.60 -29.99
C SER B 506 20.78 -12.71 -29.24
N THR B 507 20.85 -11.45 -29.64
CA THR B 507 21.74 -10.52 -28.96
C THR B 507 21.30 -10.29 -27.52
N PHE B 508 20.01 -10.47 -27.24
CA PHE B 508 19.49 -10.23 -25.90
C PHE B 508 20.05 -11.24 -24.90
N THR B 509 19.88 -12.53 -25.19
CA THR B 509 20.40 -13.57 -24.30
C THR B 509 21.92 -13.59 -24.29
N LEU B 510 22.55 -13.23 -25.40
CA LEU B 510 24.00 -13.10 -25.42
C LEU B 510 24.45 -12.02 -24.45
N ALA B 511 23.77 -10.86 -24.47
CA ALA B 511 24.15 -9.76 -23.59
C ALA B 511 23.92 -10.12 -22.13
N ILE B 512 22.74 -10.66 -21.81
CA ILE B 512 22.47 -10.96 -20.41
C ILE B 512 23.40 -12.05 -19.90
N SER B 513 23.74 -13.02 -20.75
CA SER B 513 24.73 -14.02 -20.34
C SER B 513 26.10 -13.39 -20.11
N ALA B 514 26.49 -12.46 -20.97
CA ALA B 514 27.77 -11.80 -20.81
C ALA B 514 27.82 -11.01 -19.49
N TYR B 515 26.73 -10.34 -19.15
CA TYR B 515 26.71 -9.57 -17.91
C TYR B 515 26.67 -10.47 -16.68
N ALA B 516 25.91 -11.56 -16.76
CA ALA B 516 25.90 -12.52 -15.66
C ALA B 516 27.29 -13.09 -15.42
N LEU B 517 27.99 -13.48 -16.49
CA LEU B 517 29.35 -14.00 -16.35
C LEU B 517 30.35 -12.90 -15.94
N SER B 518 30.08 -11.63 -16.27
CA SER B 518 30.98 -10.56 -15.85
C SER B 518 30.99 -10.37 -14.33
N LEU B 519 29.96 -10.84 -13.65
CA LEU B 519 29.90 -10.75 -12.20
C LEU B 519 30.76 -11.80 -11.50
N GLY B 520 31.39 -12.70 -12.25
CA GLY B 520 32.24 -13.71 -11.65
C GLY B 520 33.67 -13.62 -12.13
N ASP B 521 34.21 -14.72 -12.64
CA ASP B 521 35.57 -14.77 -13.15
C ASP B 521 35.64 -14.13 -14.52
N LYS B 522 36.26 -12.96 -14.60
CA LYS B 522 36.38 -12.22 -15.86
C LYS B 522 37.59 -12.64 -16.68
N THR B 523 38.31 -13.68 -16.25
CA THR B 523 39.49 -14.14 -16.95
C THR B 523 39.25 -15.44 -17.70
N HIS B 524 38.06 -16.03 -17.60
CA HIS B 524 37.78 -17.27 -18.31
C HIS B 524 37.81 -17.01 -19.82
N PRO B 525 38.47 -17.87 -20.60
CA PRO B 525 38.57 -17.61 -22.05
C PRO B 525 37.22 -17.58 -22.75
N GLN B 526 36.31 -18.48 -22.38
CA GLN B 526 35.01 -18.52 -23.03
C GLN B 526 34.20 -17.26 -22.75
N PHE B 527 34.36 -16.69 -21.56
CA PHE B 527 33.73 -15.40 -21.29
C PHE B 527 34.27 -14.31 -22.21
N ARG B 528 35.59 -14.27 -22.40
CA ARG B 528 36.17 -13.30 -23.33
C ARG B 528 35.63 -13.51 -24.75
N SER B 529 35.44 -14.77 -25.14
CA SER B 529 34.85 -15.06 -26.45
C SER B 529 33.43 -14.52 -26.53
N ILE B 530 32.65 -14.67 -25.46
CA ILE B 530 31.27 -14.16 -25.44
C ILE B 530 31.27 -12.64 -25.53
N VAL B 531 32.20 -11.97 -24.85
CA VAL B 531 32.30 -10.52 -24.92
C VAL B 531 32.68 -10.09 -26.33
N SER B 532 33.59 -10.84 -26.98
CA SER B 532 33.94 -10.52 -28.36
C SER B 532 32.73 -10.65 -29.27
N ALA B 533 31.98 -11.75 -29.14
CA ALA B 533 30.79 -11.95 -29.96
C ALA B 533 29.76 -10.85 -29.72
N LEU B 534 29.65 -10.37 -28.47
CA LEU B 534 28.73 -9.28 -28.18
C LEU B 534 29.19 -7.98 -28.83
N LYS B 535 30.49 -7.69 -28.76
CA LYS B 535 31.03 -6.51 -29.42
C LYS B 535 30.81 -6.58 -30.92
N ARG B 536 30.82 -7.78 -31.50
CA ARG B 536 30.68 -7.93 -32.95
C ARG B 536 29.31 -7.46 -33.42
N GLU B 537 28.31 -7.52 -32.56
CA GLU B 537 26.94 -7.14 -32.89
C GLU B 537 26.68 -5.65 -32.67
N ALA B 538 27.69 -4.87 -32.29
CA ALA B 538 27.47 -3.48 -31.95
C ALA B 538 27.06 -2.66 -33.17
N LEU B 539 26.08 -1.80 -32.98
CA LEU B 539 25.68 -0.79 -33.94
C LEU B 539 26.26 0.56 -33.53
N VAL B 540 26.62 1.38 -34.53
CA VAL B 540 27.16 2.70 -34.28
C VAL B 540 26.46 3.73 -35.16
N LYS B 541 26.23 4.92 -34.60
CA LYS B 541 25.81 6.07 -35.37
C LYS B 541 27.00 7.02 -35.47
N GLY B 542 27.46 7.24 -36.69
CA GLY B 542 28.61 8.09 -36.97
C GLY B 542 29.88 7.29 -37.17
N ASN B 543 30.85 7.92 -37.82
CA ASN B 543 32.20 7.37 -37.95
C ASN B 543 33.22 8.49 -38.06
N PRO B 544 33.98 8.76 -36.99
CA PRO B 544 34.00 8.10 -35.67
C PRO B 544 32.65 8.13 -34.94
N PRO B 545 32.32 7.05 -34.25
CA PRO B 545 30.94 6.87 -33.78
C PRO B 545 30.58 7.90 -32.71
N ILE B 546 29.43 8.55 -32.92
CA ILE B 546 28.86 9.36 -31.86
C ILE B 546 28.02 8.50 -30.93
N TYR B 547 27.35 7.47 -31.47
CA TYR B 547 26.54 6.59 -30.65
C TYR B 547 26.95 5.15 -30.87
N ARG B 548 26.74 4.33 -29.83
CA ARG B 548 26.92 2.89 -29.92
C ARG B 548 25.81 2.22 -29.13
N PHE B 549 25.10 1.30 -29.77
CA PHE B 549 23.97 0.63 -29.12
C PHE B 549 23.85 -0.77 -29.70
N TRP B 550 22.86 -1.52 -29.20
CA TRP B 550 22.67 -2.89 -29.62
C TRP B 550 21.21 -3.14 -29.99
N LYS B 551 21.02 -3.94 -31.02
CA LYS B 551 19.73 -4.44 -31.45
C LYS B 551 19.55 -5.85 -30.89
N ASP B 552 18.34 -6.18 -30.44
CA ASP B 552 18.17 -7.45 -29.73
C ASP B 552 18.21 -8.66 -30.66
N ASN B 553 18.00 -8.48 -31.96
CA ASN B 553 18.15 -9.57 -32.91
C ASN B 553 19.57 -9.67 -33.43
N LEU B 554 20.01 -10.89 -33.69
CA LEU B 554 21.34 -11.11 -34.23
C LEU B 554 21.42 -10.62 -35.67
N GLN B 555 22.62 -10.17 -36.07
CA GLN B 555 22.80 -9.60 -37.40
C GLN B 555 22.53 -10.63 -38.49
N HIS B 556 23.04 -11.86 -38.33
CA HIS B 556 22.86 -12.87 -39.37
C HIS B 556 21.41 -13.30 -39.53
N LYS B 557 20.54 -12.93 -38.61
CA LYS B 557 19.11 -13.21 -38.73
C LYS B 557 18.32 -12.02 -39.24
N ASP B 558 18.81 -10.79 -39.01
CA ASP B 558 18.08 -9.59 -39.40
C ASP B 558 19.09 -8.46 -39.54
N SER B 559 19.28 -7.98 -40.77
CA SER B 559 20.29 -6.96 -41.04
C SER B 559 19.74 -5.54 -41.01
N SER B 560 18.43 -5.37 -40.79
CA SER B 560 17.83 -4.04 -40.76
C SER B 560 18.12 -3.34 -39.43
N VAL B 561 18.25 -2.03 -39.49
CA VAL B 561 18.61 -1.20 -38.34
C VAL B 561 17.34 -0.48 -37.86
N PRO B 562 16.99 -0.59 -36.59
CA PRO B 562 15.77 0.07 -36.10
C PRO B 562 15.89 1.59 -36.16
N ASN B 563 14.75 2.23 -36.39
CA ASN B 563 14.69 3.69 -36.45
C ASN B 563 14.29 4.33 -35.12
N THR B 564 13.64 3.59 -34.24
CA THR B 564 13.34 4.05 -32.88
C THR B 564 13.66 2.94 -31.90
N GLY B 565 13.91 3.33 -30.66
CA GLY B 565 14.27 2.37 -29.64
C GLY B 565 13.07 1.61 -29.10
N THR B 566 13.37 0.43 -28.55
CA THR B 566 12.38 -0.40 -27.87
C THR B 566 12.94 -0.81 -26.52
N ALA B 567 12.13 -1.55 -25.76
CA ALA B 567 12.59 -2.00 -24.45
C ALA B 567 13.72 -3.01 -24.57
N ARG B 568 13.63 -3.94 -25.53
CA ARG B 568 14.70 -4.92 -25.71
C ARG B 568 16.01 -4.25 -26.15
N MET B 569 15.90 -3.18 -26.93
CA MET B 569 17.09 -2.44 -27.35
C MET B 569 17.80 -1.83 -26.15
N VAL B 570 17.05 -1.15 -25.30
CA VAL B 570 17.64 -0.52 -24.13
C VAL B 570 18.15 -1.56 -23.16
N GLU B 571 17.47 -2.71 -23.06
CA GLU B 571 17.90 -3.72 -22.10
C GLU B 571 19.17 -4.44 -22.57
N THR B 572 19.23 -4.78 -23.86
CA THR B 572 20.45 -5.36 -24.42
C THR B 572 21.61 -4.38 -24.31
N THR B 573 21.39 -3.14 -24.73
CA THR B 573 22.44 -2.12 -24.64
C THR B 573 22.87 -1.93 -23.19
N ALA B 574 21.92 -1.96 -22.25
CA ALA B 574 22.27 -1.81 -20.82
C ALA B 574 23.12 -2.98 -20.34
N TYR B 575 22.74 -4.21 -20.68
CA TYR B 575 23.55 -5.37 -20.30
C TYR B 575 24.96 -5.26 -20.87
N ALA B 576 25.09 -4.86 -22.14
CA ALA B 576 26.42 -4.72 -22.73
C ALA B 576 27.21 -3.61 -22.04
N LEU B 577 26.53 -2.52 -21.68
CA LEU B 577 27.21 -1.43 -21.00
C LEU B 577 27.71 -1.86 -19.63
N LEU B 578 26.89 -2.57 -18.87
CA LEU B 578 27.31 -3.04 -17.55
C LEU B 578 28.44 -4.07 -17.66
N THR B 579 28.39 -4.93 -18.69
CA THR B 579 29.49 -5.85 -18.94
C THR B 579 30.78 -5.08 -19.21
N SER B 580 30.71 -4.02 -20.00
CA SER B 580 31.92 -3.25 -20.29
C SER B 580 32.41 -2.51 -19.06
N LEU B 581 31.51 -1.99 -18.24
CA LEU B 581 31.92 -1.30 -17.02
C LEU B 581 32.60 -2.27 -16.05
N ASN B 582 32.07 -3.48 -15.93
CA ASN B 582 32.72 -4.49 -15.10
C ASN B 582 34.09 -4.90 -15.65
N LEU B 583 34.33 -4.67 -16.94
CA LEU B 583 35.63 -4.94 -17.54
C LEU B 583 36.52 -3.71 -17.58
N LYS B 584 36.04 -2.56 -17.10
CA LYS B 584 36.80 -1.31 -17.07
C LYS B 584 37.22 -0.89 -18.48
N ASP B 585 36.31 -1.03 -19.45
CA ASP B 585 36.58 -0.70 -20.85
C ASP B 585 36.05 0.70 -21.12
N ILE B 586 36.84 1.69 -20.70
CA ILE B 586 36.36 3.07 -20.69
C ILE B 586 36.33 3.67 -22.10
N ASN B 587 37.15 3.17 -23.01
CA ASN B 587 37.16 3.71 -24.36
C ASN B 587 35.89 3.35 -25.12
N TYR B 588 35.18 2.32 -24.68
CA TYR B 588 34.09 1.73 -25.45
C TYR B 588 32.71 2.22 -25.02
N VAL B 589 32.59 2.84 -23.85
CA VAL B 589 31.28 3.08 -23.25
C VAL B 589 30.72 4.47 -23.50
N ASN B 590 31.55 5.44 -23.86
CA ASN B 590 31.06 6.82 -23.98
C ASN B 590 29.93 6.95 -25.00
N PRO B 591 30.04 6.46 -26.24
CA PRO B 591 28.89 6.56 -27.14
C PRO B 591 27.70 5.74 -26.67
N VAL B 592 27.95 4.64 -25.96
CA VAL B 592 26.86 3.87 -25.36
C VAL B 592 26.15 4.70 -24.29
N ILE B 593 26.92 5.36 -23.42
CA ILE B 593 26.33 6.21 -22.40
C ILE B 593 25.52 7.33 -23.04
N LYS B 594 26.02 7.90 -24.14
CA LYS B 594 25.27 8.95 -24.82
C LYS B 594 23.96 8.41 -25.37
N TRP B 595 24.00 7.21 -25.96
CA TRP B 595 22.78 6.63 -26.52
C TRP B 595 21.75 6.30 -25.44
N LEU B 596 22.19 5.68 -24.33
CA LEU B 596 21.26 5.38 -23.25
C LEU B 596 20.74 6.66 -22.60
N SER B 597 21.59 7.67 -22.48
CA SER B 597 21.15 8.92 -21.87
C SER B 597 20.08 9.60 -22.72
N GLU B 598 20.30 9.65 -24.05
CA GLU B 598 19.30 10.31 -24.90
C GLU B 598 18.06 9.45 -25.09
N GLU B 599 18.18 8.13 -24.94
CA GLU B 599 17.03 7.26 -24.99
C GLU B 599 16.19 7.33 -23.72
N GLN B 600 16.71 7.97 -22.66
CA GLN B 600 15.99 8.14 -21.42
C GLN B 600 14.77 9.03 -21.65
N ARG B 601 13.90 9.04 -20.66
CA ARG B 601 12.62 9.71 -20.78
C ARG B 601 12.46 10.69 -19.64
N TYR B 602 11.72 11.77 -19.88
CA TYR B 602 11.40 12.72 -18.83
C TYR B 602 10.72 11.98 -17.68
N GLY B 603 11.30 12.08 -16.49
CA GLY B 603 10.91 11.28 -15.35
C GLY B 603 11.98 10.32 -14.90
N GLY B 604 12.89 9.94 -15.79
CA GLY B 604 14.01 9.10 -15.45
C GLY B 604 13.90 7.69 -16.00
N GLY B 605 12.70 7.21 -16.28
CA GLY B 605 12.52 5.84 -16.73
C GLY B 605 12.70 5.67 -18.22
N PHE B 606 12.47 4.43 -18.67
CA PHE B 606 12.60 4.09 -20.07
C PHE B 606 11.31 3.46 -20.60
N TYR B 607 11.43 2.32 -21.29
CA TYR B 607 10.26 1.74 -21.96
C TYR B 607 9.49 0.79 -21.05
N SER B 608 10.18 -0.17 -20.45
CA SER B 608 9.56 -1.13 -19.54
C SER B 608 10.36 -1.18 -18.24
N THR B 609 10.28 -2.31 -17.53
CA THR B 609 10.87 -2.38 -16.20
C THR B 609 12.35 -2.80 -16.22
N GLN B 610 12.65 -3.91 -16.89
CA GLN B 610 14.02 -4.44 -16.87
C GLN B 610 15.00 -3.48 -17.54
N ASP B 611 14.64 -2.97 -18.72
CA ASP B 611 15.51 -2.00 -19.37
C ASP B 611 15.69 -0.77 -18.48
N THR B 612 14.64 -0.37 -17.76
CA THR B 612 14.75 0.78 -16.87
C THR B 612 15.77 0.53 -15.77
N ILE B 613 15.64 -0.57 -15.04
CA ILE B 613 16.54 -0.77 -13.90
C ILE B 613 17.98 -0.93 -14.38
N ASN B 614 18.20 -1.69 -15.47
CA ASN B 614 19.57 -1.91 -15.90
C ASN B 614 20.18 -0.65 -16.52
N ALA B 615 19.37 0.17 -17.19
CA ALA B 615 19.87 1.42 -17.73
C ALA B 615 20.18 2.43 -16.61
N ILE B 616 19.35 2.47 -15.57
CA ILE B 616 19.63 3.34 -14.44
C ILE B 616 20.93 2.92 -13.76
N GLU B 617 21.13 1.61 -13.59
CA GLU B 617 22.38 1.15 -13.01
C GLU B 617 23.58 1.51 -13.89
N GLY B 618 23.42 1.42 -15.21
CA GLY B 618 24.52 1.77 -16.11
C GLY B 618 24.88 3.24 -16.03
N LEU B 619 23.86 4.11 -16.13
CA LEU B 619 24.11 5.55 -16.06
C LEU B 619 24.70 5.94 -14.72
N THR B 620 24.17 5.37 -13.62
CA THR B 620 24.64 5.74 -12.29
C THR B 620 26.06 5.24 -12.05
N GLU B 621 26.31 3.98 -12.39
CA GLU B 621 27.64 3.41 -12.17
C GLU B 621 28.68 4.15 -13.01
N TYR B 622 28.33 4.49 -14.25
CA TYR B 622 29.22 5.31 -15.05
C TYR B 622 29.44 6.67 -14.40
N SER B 623 28.38 7.26 -13.84
CA SER B 623 28.51 8.58 -13.22
C SER B 623 29.40 8.53 -12.00
N LEU B 624 29.44 7.40 -11.30
CA LEU B 624 30.32 7.25 -10.15
C LEU B 624 31.73 6.85 -10.54
N LEU B 625 31.90 6.32 -11.75
CA LEU B 625 33.21 5.83 -12.15
C LEU B 625 34.08 6.92 -12.79
N VAL B 626 33.48 7.95 -13.39
CA VAL B 626 34.21 8.99 -14.08
C VAL B 626 34.28 10.23 -13.19
N LYS B 627 35.23 11.10 -13.48
CA LYS B 627 35.44 12.31 -12.70
C LYS B 627 34.21 13.21 -12.76
N GLN B 628 33.77 13.68 -11.60
CA GLN B 628 32.65 14.62 -11.51
C GLN B 628 33.14 16.01 -11.90
N LEU B 629 32.65 16.51 -13.03
CA LEU B 629 33.06 17.82 -13.53
C LEU B 629 32.24 18.93 -12.87
N ARG B 630 32.85 20.11 -12.78
CA ARG B 630 32.13 21.28 -12.31
C ARG B 630 31.03 21.64 -13.31
N LEU B 631 29.92 22.13 -12.79
CA LEU B 631 28.74 22.39 -13.60
C LEU B 631 28.50 23.89 -13.65
N SER B 632 28.53 24.46 -14.87
CA SER B 632 28.29 25.90 -15.06
C SER B 632 27.96 26.12 -16.53
N MET B 633 26.66 26.32 -16.81
CA MET B 633 26.18 26.58 -18.16
C MET B 633 25.18 27.72 -18.15
N ASP B 634 25.10 28.43 -19.27
CA ASP B 634 24.03 29.40 -19.52
C ASP B 634 23.13 28.78 -20.57
N ILE B 635 22.05 28.15 -20.12
CA ILE B 635 21.17 27.39 -21.01
C ILE B 635 20.01 28.27 -21.43
N ASP B 636 19.92 28.57 -22.72
CA ASP B 636 18.88 29.42 -23.27
C ASP B 636 17.97 28.59 -24.16
N VAL B 637 16.68 28.58 -23.85
CA VAL B 637 15.67 27.94 -24.68
C VAL B 637 14.81 29.04 -25.30
N SER B 638 14.68 29.00 -26.62
CA SER B 638 13.98 30.04 -27.36
C SER B 638 13.33 29.43 -28.59
N TYR B 639 12.29 30.09 -29.08
CA TYR B 639 11.69 29.68 -30.33
C TYR B 639 12.47 30.29 -31.49
N LYS B 640 12.41 29.63 -32.65
CA LYS B 640 13.12 30.11 -33.82
C LYS B 640 12.50 31.40 -34.32
N HIS B 641 11.27 31.33 -34.84
CA HIS B 641 10.57 32.51 -35.33
C HIS B 641 9.54 32.99 -34.30
N LYS B 642 10.01 33.19 -33.08
CA LYS B 642 9.17 33.71 -32.01
C LYS B 642 10.08 34.22 -30.90
N GLY B 643 9.46 34.72 -29.84
CA GLY B 643 10.22 35.28 -28.75
C GLY B 643 11.05 34.23 -28.03
N ALA B 644 12.01 34.71 -27.25
CA ALA B 644 12.79 33.83 -26.41
C ALA B 644 11.94 33.29 -25.28
N LEU B 645 11.93 31.96 -25.13
CA LEU B 645 11.15 31.33 -24.08
C LEU B 645 11.69 31.75 -22.72
N HIS B 646 12.86 31.25 -22.34
CA HIS B 646 13.56 31.73 -21.15
C HIS B 646 14.94 31.09 -21.12
N ASN B 647 15.72 31.45 -20.11
CA ASN B 647 17.07 30.93 -19.97
C ASN B 647 17.40 30.88 -18.48
N TYR B 648 18.23 29.91 -18.10
CA TYR B 648 18.68 29.78 -16.73
C TYR B 648 20.14 29.38 -16.69
N LYS B 649 20.82 29.85 -15.66
CA LYS B 649 22.21 29.49 -15.40
C LYS B 649 22.23 28.25 -14.52
N MET B 650 22.68 27.15 -15.08
CA MET B 650 22.73 25.87 -14.39
C MET B 650 24.09 25.73 -13.70
N THR B 651 24.08 25.49 -12.40
CA THR B 651 25.29 25.28 -11.61
C THR B 651 25.06 24.10 -10.68
N ASP B 652 26.10 23.74 -9.92
CA ASP B 652 25.94 22.69 -8.92
C ASP B 652 24.99 23.11 -7.81
N LYS B 653 24.72 24.42 -7.69
CA LYS B 653 23.76 24.90 -6.69
C LYS B 653 22.36 24.41 -7.03
N ASN B 654 21.86 24.78 -8.21
CA ASN B 654 20.60 24.26 -8.71
C ASN B 654 20.79 23.72 -10.11
N PHE B 655 20.41 22.47 -10.31
CA PHE B 655 20.46 21.85 -11.63
C PHE B 655 19.32 20.87 -11.86
N LEU B 656 18.42 20.69 -10.90
CA LEU B 656 17.20 19.90 -11.06
C LEU B 656 15.99 20.79 -11.28
N GLY B 657 16.14 21.79 -12.14
CA GLY B 657 15.08 22.78 -12.30
C GLY B 657 13.79 22.18 -12.79
N ARG B 658 12.69 22.84 -12.45
CA ARG B 658 11.37 22.37 -12.83
C ARG B 658 11.21 22.41 -14.35
N PRO B 659 10.37 21.53 -14.92
CA PRO B 659 10.12 21.57 -16.36
C PRO B 659 9.42 22.84 -16.81
N VAL B 660 9.22 23.00 -18.12
CA VAL B 660 8.54 24.16 -18.68
C VAL B 660 7.71 23.70 -19.87
N GLU B 661 6.46 24.14 -19.92
CA GLU B 661 5.57 23.75 -21.00
C GLU B 661 5.83 24.64 -22.21
N VAL B 662 5.94 24.01 -23.37
CA VAL B 662 6.16 24.73 -24.63
C VAL B 662 4.79 24.88 -25.28
N LEU B 663 4.22 26.07 -25.19
CA LEU B 663 2.87 26.32 -25.69
C LEU B 663 2.85 26.73 -27.16
N LEU B 664 3.77 27.61 -27.56
CA LEU B 664 3.74 28.15 -28.91
C LEU B 664 4.06 27.07 -29.94
N ASN B 665 3.53 27.26 -31.15
CA ASN B 665 3.63 26.28 -32.24
C ASN B 665 4.86 26.49 -33.10
N ASP B 666 5.97 26.90 -32.51
CA ASP B 666 7.21 27.17 -33.25
C ASP B 666 8.26 26.12 -32.89
N ASP B 667 9.31 26.05 -33.72
CA ASP B 667 10.41 25.14 -33.45
C ASP B 667 11.20 25.60 -32.23
N LEU B 668 11.55 24.66 -31.37
CA LEU B 668 12.28 24.96 -30.14
C LEU B 668 13.78 24.86 -30.38
N ILE B 669 14.54 25.70 -29.68
CA ILE B 669 15.99 25.76 -29.82
C ILE B 669 16.59 25.88 -28.43
N VAL B 670 17.37 24.88 -28.04
CA VAL B 670 18.08 24.86 -26.78
C VAL B 670 19.56 25.04 -27.08
N SER B 671 20.17 26.07 -26.50
CA SER B 671 21.56 26.40 -26.81
C SER B 671 22.28 26.80 -25.54
N THR B 672 23.61 26.70 -25.59
CA THR B 672 24.45 27.10 -24.48
C THR B 672 25.79 27.56 -25.03
N GLY B 673 26.44 28.47 -24.31
CA GLY B 673 27.73 28.99 -24.69
C GLY B 673 28.85 28.07 -24.27
N PHE B 674 30.01 28.66 -23.98
CA PHE B 674 31.09 27.91 -23.37
C PHE B 674 30.71 27.56 -21.94
N GLY B 675 30.77 26.28 -21.60
CA GLY B 675 30.31 25.83 -20.31
C GLY B 675 31.18 24.70 -19.78
N SER B 676 30.95 24.40 -18.50
CA SER B 676 31.53 23.25 -17.84
C SER B 676 30.39 22.39 -17.34
N GLY B 677 30.45 21.09 -17.63
CA GLY B 677 29.46 20.16 -17.15
C GLY B 677 28.87 19.36 -18.29
N LEU B 678 27.76 18.69 -17.99
CA LEU B 678 27.13 17.78 -18.96
C LEU B 678 25.64 17.69 -18.61
N ALA B 679 24.81 18.42 -19.35
CA ALA B 679 23.39 18.49 -19.04
C ALA B 679 22.57 17.64 -20.00
N THR B 680 21.32 17.36 -19.60
CA THR B 680 20.39 16.59 -20.42
C THR B 680 19.16 17.42 -20.73
N VAL B 681 18.70 17.32 -21.97
CA VAL B 681 17.54 18.07 -22.46
C VAL B 681 16.59 17.09 -23.09
N HIS B 682 15.43 16.90 -22.48
CA HIS B 682 14.41 15.99 -22.98
C HIS B 682 13.13 16.77 -23.28
N VAL B 683 12.47 16.40 -24.37
CA VAL B 683 11.19 16.99 -24.74
C VAL B 683 10.20 15.86 -24.91
N THR B 684 9.07 15.93 -24.19
CA THR B 684 8.01 14.95 -24.30
C THR B 684 6.85 15.58 -25.04
N THR B 685 6.47 15.00 -26.17
CA THR B 685 5.36 15.48 -26.96
C THR B 685 4.14 14.59 -26.74
N VAL B 686 3.02 15.21 -26.38
CA VAL B 686 1.74 14.52 -26.23
C VAL B 686 0.80 15.04 -27.30
N VAL B 687 0.28 14.15 -28.13
CA VAL B 687 -0.73 14.48 -29.13
C VAL B 687 -1.90 13.52 -28.97
N HIS B 688 -3.00 13.87 -29.63
CA HIS B 688 -4.18 13.02 -29.67
C HIS B 688 -4.53 12.75 -31.12
N LYS B 689 -4.66 11.47 -31.46
CA LYS B 689 -4.88 11.06 -32.84
C LYS B 689 -6.26 10.43 -32.98
N THR B 690 -6.80 10.52 -34.19
CA THR B 690 -8.13 10.01 -34.52
C THR B 690 -8.12 8.59 -35.05
N SER B 691 -6.94 8.04 -35.36
CA SER B 691 -6.84 6.74 -36.00
C SER B 691 -5.66 5.96 -35.45
N THR B 692 -5.69 4.66 -35.70
CA THR B 692 -4.63 3.74 -35.28
C THR B 692 -4.21 2.81 -36.41
N SER B 693 -4.67 3.09 -37.64
CA SER B 693 -4.47 2.15 -38.75
C SER B 693 -3.01 2.05 -39.15
N GLU B 694 -2.28 3.17 -39.14
CA GLU B 694 -0.89 3.17 -39.55
C GLU B 694 0.07 2.68 -38.48
N GLU B 695 -0.43 2.06 -37.42
CA GLU B 695 0.40 1.49 -36.36
C GLU B 695 0.47 -0.01 -36.52
N VAL B 696 1.66 -0.58 -36.26
CA VAL B 696 1.85 -2.01 -36.39
C VAL B 696 1.14 -2.72 -35.24
N CYS B 697 0.24 -3.64 -35.58
CA CYS B 697 -0.53 -4.39 -34.60
C CYS B 697 0.06 -5.79 -34.44
N SER B 698 0.55 -6.08 -33.24
CA SER B 698 1.04 -7.42 -32.89
C SER B 698 -0.03 -8.30 -32.24
N PHE B 699 -1.29 -7.87 -32.30
CA PHE B 699 -2.40 -8.65 -31.74
C PHE B 699 -3.62 -8.45 -32.63
N TYR B 700 -4.34 -9.54 -32.89
CA TYR B 700 -5.69 -9.43 -33.42
C TYR B 700 -6.64 -9.09 -32.28
N LEU B 701 -7.43 -8.04 -32.46
CA LEU B 701 -8.36 -7.57 -31.44
C LEU B 701 -9.78 -7.62 -31.98
N LYS B 702 -10.73 -7.91 -31.09
CA LYS B 702 -12.13 -7.69 -31.40
C LYS B 702 -12.87 -7.47 -30.10
N ILE B 703 -13.83 -6.55 -30.10
CA ILE B 703 -14.54 -6.22 -28.87
C ILE B 703 -15.97 -5.84 -29.22
N ASP B 704 -16.92 -6.35 -28.43
CA ASP B 704 -18.34 -6.11 -28.68
C ASP B 704 -19.08 -5.97 -27.37
N THR B 705 -20.26 -5.35 -27.45
CA THR B 705 -21.20 -5.31 -26.35
C THR B 705 -22.42 -6.14 -26.72
N GLN B 706 -22.90 -6.93 -25.78
CA GLN B 706 -24.01 -7.85 -26.02
C GLN B 706 -25.12 -7.61 -25.00
N ASP B 707 -26.30 -8.10 -25.34
CA ASP B 707 -27.38 -8.22 -24.38
C ASP B 707 -27.33 -9.62 -23.79
N ILE B 708 -27.54 -9.71 -22.47
CA ILE B 708 -27.43 -10.98 -21.78
C ILE B 708 -28.78 -11.38 -21.23
N GLU B 709 -28.93 -12.67 -20.93
CA GLU B 709 -30.19 -13.23 -20.45
C GLU B 709 -30.26 -13.26 -18.92
N ALA B 710 -29.70 -14.30 -18.32
CA ALA B 710 -29.69 -14.45 -16.86
C ALA B 710 -28.51 -15.30 -16.42
N LYS B 722 -26.41 -5.44 -20.56
CA LYS B 722 -25.25 -5.24 -21.42
C LYS B 722 -23.97 -5.83 -20.82
N ARG B 723 -23.17 -6.48 -21.67
CA ARG B 723 -21.93 -7.11 -21.27
C ARG B 723 -20.85 -6.87 -22.33
N ILE B 724 -19.63 -6.58 -21.88
CA ILE B 724 -18.51 -6.37 -22.80
C ILE B 724 -17.76 -7.68 -22.97
N VAL B 725 -17.46 -8.02 -24.21
CA VAL B 725 -16.64 -9.18 -24.58
C VAL B 725 -15.47 -8.66 -25.38
N ALA B 726 -14.26 -8.76 -24.82
CA ALA B 726 -13.06 -8.24 -25.44
C ALA B 726 -12.08 -9.39 -25.65
N CYS B 727 -11.77 -9.68 -26.90
CA CYS B 727 -10.91 -10.79 -27.28
C CYS B 727 -9.63 -10.27 -27.92
N ALA B 728 -8.53 -10.95 -27.60
CA ALA B 728 -7.24 -10.69 -28.22
C ALA B 728 -6.59 -12.01 -28.59
N SER B 729 -5.67 -11.94 -29.56
CA SER B 729 -4.87 -13.09 -29.96
C SER B 729 -3.50 -12.59 -30.43
N TYR B 730 -2.45 -13.35 -30.09
CA TYR B 730 -1.09 -12.90 -30.35
C TYR B 730 -0.67 -13.19 -31.78
N LYS B 731 0.02 -12.22 -32.40
CA LYS B 731 0.54 -12.37 -33.76
C LYS B 731 2.03 -12.63 -33.68
N PRO B 732 2.48 -13.87 -33.78
CA PRO B 732 3.90 -14.17 -33.58
C PRO B 732 4.77 -13.46 -34.60
N SER B 733 5.90 -12.94 -34.13
CA SER B 733 6.89 -12.30 -34.98
C SER B 733 7.59 -13.37 -35.82
N ARG B 734 8.61 -12.95 -36.55
CA ARG B 734 9.36 -13.88 -37.38
C ARG B 734 10.15 -14.84 -36.50
N GLU B 735 10.06 -16.13 -36.82
CA GLU B 735 10.74 -17.22 -36.11
C GLU B 735 10.21 -17.43 -34.69
N GLU B 736 9.08 -16.83 -34.33
CA GLU B 736 8.48 -17.08 -33.03
C GLU B 736 7.51 -18.24 -33.11
N SER B 737 7.50 -19.06 -32.06
CA SER B 737 6.64 -20.24 -32.02
C SER B 737 5.19 -19.84 -31.81
N SER B 738 4.30 -20.82 -31.96
CA SER B 738 2.88 -20.61 -31.75
C SER B 738 2.48 -20.74 -30.29
N SER B 739 3.44 -20.76 -29.37
CA SER B 739 3.14 -20.98 -27.96
C SER B 739 2.40 -19.80 -27.33
N GLY B 740 2.44 -18.62 -27.95
CA GLY B 740 1.75 -17.46 -27.45
C GLY B 740 2.71 -16.40 -26.92
N SER B 741 2.11 -15.30 -26.49
CA SER B 741 2.88 -14.15 -26.03
C SER B 741 3.42 -14.41 -24.63
N SER B 742 4.11 -13.41 -24.11
CA SER B 742 4.62 -13.44 -22.76
C SER B 742 3.63 -12.70 -21.85
N HIS B 743 4.09 -12.22 -20.70
CA HIS B 743 3.27 -11.42 -19.79
C HIS B 743 2.58 -10.29 -20.54
N ALA B 744 1.25 -10.31 -20.57
CA ALA B 744 0.46 -9.41 -21.38
C ALA B 744 -0.49 -8.59 -20.52
N VAL B 745 -0.95 -7.49 -21.11
CA VAL B 745 -1.87 -6.55 -20.49
C VAL B 745 -3.00 -6.28 -21.47
N MET B 746 -4.23 -6.41 -20.99
CA MET B 746 -5.43 -6.02 -21.72
C MET B 746 -6.05 -4.84 -20.98
N ASP B 747 -5.91 -3.65 -21.56
CA ASP B 747 -6.40 -2.40 -21.02
C ASP B 747 -7.64 -1.99 -21.82
N ILE B 748 -8.79 -1.96 -21.15
CA ILE B 748 -10.05 -1.60 -21.77
C ILE B 748 -10.51 -0.27 -21.19
N SER B 749 -10.41 0.79 -21.98
CA SER B 749 -10.94 2.08 -21.56
C SER B 749 -12.46 2.01 -21.51
N LEU B 750 -13.05 2.50 -20.41
CA LEU B 750 -14.51 2.46 -20.43
C LEU B 750 -15.06 3.80 -20.92
N PRO B 751 -16.14 3.78 -21.69
CA PRO B 751 -16.74 5.03 -22.14
C PRO B 751 -17.28 5.82 -20.96
N THR B 752 -17.55 7.10 -21.21
CA THR B 752 -18.02 7.99 -20.15
C THR B 752 -19.37 7.51 -19.62
N GLY B 753 -19.46 7.39 -18.29
CA GLY B 753 -20.68 6.96 -17.63
C GLY B 753 -20.92 5.47 -17.63
N ILE B 754 -20.00 4.68 -18.17
CA ILE B 754 -20.10 3.23 -18.19
C ILE B 754 -19.29 2.67 -17.03
N SER B 755 -19.91 1.79 -16.26
CA SER B 755 -19.27 1.19 -15.10
C SER B 755 -19.21 -0.32 -15.28
N ALA B 756 -18.10 -0.92 -14.86
CA ALA B 756 -17.90 -2.36 -15.01
C ALA B 756 -18.34 -3.09 -13.75
N ASN B 757 -18.84 -4.31 -13.94
CA ASN B 757 -19.21 -5.19 -12.84
C ASN B 757 -17.95 -5.84 -12.29
N GLU B 758 -17.54 -5.42 -11.09
CA GLU B 758 -16.31 -5.92 -10.49
C GLU B 758 -16.41 -7.37 -10.05
N GLU B 759 -17.63 -7.88 -9.82
CA GLU B 759 -17.79 -9.28 -9.43
C GLU B 759 -17.41 -10.20 -10.58
N ASP B 760 -17.82 -9.86 -11.80
CA ASP B 760 -17.44 -10.67 -12.96
C ASP B 760 -15.94 -10.74 -13.12
N LEU B 761 -15.25 -9.62 -12.89
CA LEU B 761 -13.80 -9.61 -13.00
C LEU B 761 -13.16 -10.42 -11.89
N LYS B 762 -13.66 -10.27 -10.65
CA LYS B 762 -13.16 -11.08 -9.55
C LYS B 762 -13.26 -12.57 -9.88
N ALA B 763 -14.40 -13.01 -10.41
CA ALA B 763 -14.61 -14.42 -10.71
C ALA B 763 -13.66 -14.95 -11.77
N LEU B 764 -13.03 -14.07 -12.56
CA LEU B 764 -12.12 -14.51 -13.60
C LEU B 764 -10.68 -14.65 -13.13
N VAL B 765 -10.36 -14.20 -11.91
CA VAL B 765 -8.98 -14.27 -11.43
C VAL B 765 -8.90 -15.07 -10.13
N GLU B 766 -9.95 -15.02 -9.32
CA GLU B 766 -9.87 -15.57 -7.96
C GLU B 766 -9.89 -17.10 -7.92
N GLY B 767 -10.30 -17.76 -9.00
CA GLY B 767 -10.46 -19.19 -8.96
C GLY B 767 -9.25 -19.95 -9.50
N VAL B 768 -9.27 -21.26 -9.26
CA VAL B 768 -8.22 -22.13 -9.76
C VAL B 768 -8.27 -22.24 -11.27
N ASP B 769 -9.46 -22.05 -11.86
CA ASP B 769 -9.61 -22.01 -13.31
C ASP B 769 -9.47 -20.61 -13.87
N GLN B 770 -8.65 -19.77 -13.23
CA GLN B 770 -8.58 -18.37 -13.60
C GLN B 770 -8.22 -18.20 -15.08
N LEU B 771 -8.87 -17.26 -15.74
CA LEU B 771 -8.48 -16.87 -17.08
C LEU B 771 -7.44 -15.76 -17.07
N PHE B 772 -7.54 -14.86 -16.09
CA PHE B 772 -6.60 -13.76 -15.92
C PHE B 772 -5.94 -13.86 -14.55
N THR B 773 -4.79 -13.23 -14.43
CA THR B 773 -3.94 -13.37 -13.26
C THR B 773 -4.03 -12.18 -12.32
N ASP B 774 -4.62 -11.07 -12.77
CA ASP B 774 -4.80 -9.88 -11.96
C ASP B 774 -5.73 -8.94 -12.72
N TYR B 775 -6.52 -8.18 -11.96
CA TYR B 775 -7.39 -7.18 -12.55
C TYR B 775 -7.39 -5.95 -11.67
N GLN B 776 -7.78 -4.82 -12.27
CA GLN B 776 -7.95 -3.58 -11.52
C GLN B 776 -8.79 -2.62 -12.33
N ILE B 777 -9.41 -1.67 -11.64
CA ILE B 777 -10.14 -0.58 -12.27
C ILE B 777 -9.50 0.70 -11.80
N LYS B 778 -8.86 1.43 -12.72
CA LYS B 778 -8.15 2.67 -12.41
C LYS B 778 -8.55 3.74 -13.42
N ASP B 779 -9.10 4.85 -12.92
CA ASP B 779 -9.37 6.04 -13.72
C ASP B 779 -10.21 5.70 -14.96
N GLY B 780 -11.28 4.93 -14.75
CA GLY B 780 -12.17 4.55 -15.83
C GLY B 780 -11.64 3.49 -16.75
N HIS B 781 -10.54 2.82 -16.38
CA HIS B 781 -9.95 1.76 -17.18
C HIS B 781 -10.05 0.43 -16.45
N VAL B 782 -10.40 -0.61 -17.20
CA VAL B 782 -10.37 -1.98 -16.73
C VAL B 782 -9.07 -2.60 -17.23
N ILE B 783 -8.12 -2.79 -16.33
CA ILE B 783 -6.79 -3.27 -16.67
C ILE B 783 -6.65 -4.69 -16.16
N LEU B 784 -6.51 -5.64 -17.09
CA LEU B 784 -6.27 -7.04 -16.78
C LEU B 784 -4.85 -7.43 -17.17
N GLN B 785 -4.26 -8.32 -16.41
CA GLN B 785 -2.94 -8.83 -16.74
C GLN B 785 -3.01 -10.35 -16.89
N LEU B 786 -2.00 -10.89 -17.56
CA LEU B 786 -2.10 -12.25 -18.08
C LEU B 786 -0.69 -12.83 -18.22
N ASN B 787 -0.57 -14.14 -17.99
CA ASN B 787 0.72 -14.79 -18.17
C ASN B 787 1.08 -14.91 -19.65
N SER B 788 0.10 -15.13 -20.51
CA SER B 788 0.32 -15.35 -21.93
C SER B 788 -1.02 -15.22 -22.66
N ILE B 789 -0.98 -14.60 -23.83
CA ILE B 789 -2.12 -14.54 -24.74
C ILE B 789 -1.85 -15.50 -25.88
N PRO B 790 -2.79 -16.39 -26.21
CA PRO B 790 -2.51 -17.43 -27.20
C PRO B 790 -2.36 -16.87 -28.61
N SER B 791 -1.64 -17.63 -29.43
CA SER B 791 -1.56 -17.38 -30.87
C SER B 791 -2.57 -18.20 -31.65
N SER B 792 -2.86 -19.42 -31.19
CA SER B 792 -3.71 -20.33 -31.95
C SER B 792 -5.15 -19.85 -32.01
N ASP B 793 -5.66 -19.28 -30.92
CA ASP B 793 -7.06 -18.90 -30.83
C ASP B 793 -7.18 -17.59 -30.08
N PHE B 794 -8.41 -17.08 -29.98
CA PHE B 794 -8.71 -15.86 -29.26
C PHE B 794 -8.90 -16.15 -27.78
N LEU B 795 -8.58 -15.16 -26.95
CA LEU B 795 -8.88 -15.19 -25.52
C LEU B 795 -9.73 -13.96 -25.18
N CYS B 796 -10.84 -14.18 -24.47
CA CYS B 796 -11.85 -13.15 -24.28
C CYS B 796 -12.13 -12.92 -22.80
N VAL B 797 -12.11 -11.66 -22.40
CA VAL B 797 -12.62 -11.24 -21.10
C VAL B 797 -14.06 -10.81 -21.30
N ARG B 798 -14.94 -11.27 -20.41
CA ARG B 798 -16.36 -10.99 -20.49
C ARG B 798 -16.81 -10.44 -19.14
N PHE B 799 -17.33 -9.21 -19.13
CA PHE B 799 -17.79 -8.64 -17.87
C PHE B 799 -18.98 -7.73 -18.13
N ARG B 800 -19.97 -7.81 -17.26
CA ARG B 800 -21.18 -7.00 -17.42
C ARG B 800 -20.86 -5.54 -17.13
N ILE B 801 -21.66 -4.65 -17.75
CA ILE B 801 -21.51 -3.22 -17.58
C ILE B 801 -22.89 -2.63 -17.35
N PHE B 802 -22.91 -1.48 -16.66
CA PHE B 802 -24.15 -0.76 -16.44
C PHE B 802 -23.87 0.73 -16.58
N GLU B 803 -24.95 1.48 -16.83
CA GLU B 803 -24.85 2.91 -17.06
C GLU B 803 -24.95 3.63 -15.72
N LEU B 804 -23.88 4.34 -15.36
CA LEU B 804 -23.84 5.09 -14.10
C LEU B 804 -24.66 6.37 -14.22
N PHE B 805 -24.33 7.20 -15.21
CA PHE B 805 -25.10 8.40 -15.48
C PHE B 805 -25.30 8.53 -16.98
N GLU B 806 -26.27 9.34 -17.38
CA GLU B 806 -26.61 9.46 -18.79
C GLU B 806 -25.57 10.29 -19.54
N VAL B 807 -25.20 9.82 -20.72
CA VAL B 807 -24.25 10.52 -21.58
C VAL B 807 -24.82 10.58 -22.99
N GLY B 808 -24.88 11.78 -23.55
CA GLY B 808 -25.25 11.96 -24.95
C GLY B 808 -24.03 12.21 -25.82
N PHE B 809 -24.14 11.85 -27.09
CA PHE B 809 -23.03 11.96 -28.04
C PHE B 809 -21.77 11.27 -27.51
N LEU B 810 -21.97 10.03 -27.09
CA LEU B 810 -20.92 9.24 -26.45
C LEU B 810 -19.71 9.09 -27.37
N SER B 811 -18.55 9.53 -26.89
CA SER B 811 -17.30 9.40 -27.63
C SER B 811 -16.76 7.98 -27.49
N PRO B 812 -16.23 7.40 -28.56
CA PRO B 812 -15.71 6.03 -28.48
C PRO B 812 -14.55 5.93 -27.50
N ALA B 813 -14.31 4.71 -27.04
CA ALA B 813 -13.22 4.38 -26.13
C ALA B 813 -12.22 3.49 -26.85
N THR B 814 -11.13 3.16 -26.16
CA THR B 814 -10.03 2.41 -26.75
C THR B 814 -9.85 1.06 -26.06
N PHE B 815 -9.34 0.09 -26.82
CA PHE B 815 -9.02 -1.25 -26.34
C PHE B 815 -7.58 -1.53 -26.75
N THR B 816 -6.68 -1.58 -25.78
CA THR B 816 -5.25 -1.74 -26.01
C THR B 816 -4.77 -3.02 -25.35
N VAL B 817 -4.02 -3.84 -26.08
CA VAL B 817 -3.32 -4.95 -25.44
C VAL B 817 -1.86 -4.89 -25.84
N TYR B 818 -0.98 -5.29 -24.92
CA TYR B 818 0.46 -5.18 -25.18
C TYR B 818 1.22 -6.12 -24.26
N GLU B 819 2.44 -6.44 -24.66
CA GLU B 819 3.34 -7.22 -23.81
C GLU B 819 3.94 -6.31 -22.75
N TYR B 820 3.84 -6.73 -21.49
CA TYR B 820 4.30 -5.92 -20.37
C TYR B 820 5.77 -5.54 -20.52
N HIS B 821 6.61 -6.49 -20.90
CA HIS B 821 8.03 -6.23 -21.11
C HIS B 821 8.36 -5.84 -22.54
N ARG B 822 7.36 -5.76 -23.42
CA ARG B 822 7.55 -5.27 -24.78
C ARG B 822 6.36 -4.41 -25.16
N PRO B 823 6.25 -3.21 -24.57
CA PRO B 823 5.12 -2.33 -24.92
C PRO B 823 5.06 -1.97 -26.40
N ASP B 824 6.15 -2.18 -27.15
CA ASP B 824 6.12 -1.96 -28.59
C ASP B 824 5.33 -3.04 -29.32
N LYS B 825 5.17 -4.22 -28.73
CA LYS B 825 4.30 -5.25 -29.28
C LYS B 825 2.90 -4.98 -28.73
N GLN B 826 2.11 -4.24 -29.49
CA GLN B 826 0.83 -3.75 -29.00
C GLN B 826 -0.17 -3.71 -30.13
N CYS B 827 -1.40 -3.34 -29.78
CA CYS B 827 -2.45 -3.10 -30.75
C CYS B 827 -3.54 -2.29 -30.07
N THR B 828 -3.93 -1.17 -30.68
CA THR B 828 -4.96 -0.30 -30.15
C THR B 828 -6.12 -0.22 -31.11
N MET B 829 -7.33 -0.35 -30.58
CA MET B 829 -8.54 -0.37 -31.39
C MET B 829 -9.61 0.48 -30.71
N PHE B 830 -10.40 1.18 -31.52
CA PHE B 830 -11.51 1.98 -31.01
C PHE B 830 -12.76 1.12 -30.89
N TYR B 831 -13.61 1.49 -29.94
CA TYR B 831 -14.92 0.83 -29.80
C TYR B 831 -15.86 1.77 -29.07
N SER B 832 -17.15 1.51 -29.24
CA SER B 832 -18.18 2.27 -28.55
C SER B 832 -19.14 1.29 -27.88
N THR B 833 -19.60 1.65 -26.70
CA THR B 833 -20.55 0.80 -26.02
C THR B 833 -21.98 1.09 -26.44
N SER B 834 -22.21 2.18 -27.17
CA SER B 834 -23.52 2.56 -27.65
C SER B 834 -23.62 2.33 -29.15
N ASN B 835 -24.73 1.74 -29.56
CA ASN B 835 -25.05 1.53 -30.97
C ASN B 835 -25.58 2.77 -31.66
N ILE B 836 -25.64 3.90 -30.95
CA ILE B 836 -26.61 4.94 -31.28
C ILE B 836 -26.26 5.61 -32.60
N LYS B 837 -27.18 5.48 -33.56
CA LYS B 837 -27.30 6.25 -34.78
C LYS B 837 -28.83 6.33 -34.78
N ILE B 838 -29.48 7.33 -35.38
CA ILE B 838 -28.92 8.30 -36.31
C ILE B 838 -28.57 9.63 -35.65
N GLN B 839 -27.93 10.50 -36.43
CA GLN B 839 -27.54 11.85 -36.08
C GLN B 839 -28.16 12.82 -37.10
N LYS B 840 -29.46 12.66 -37.33
CA LYS B 840 -30.14 13.39 -38.41
C LYS B 840 -30.24 14.88 -38.11
N VAL B 841 -30.76 15.23 -36.92
CA VAL B 841 -30.94 16.64 -36.59
C VAL B 841 -31.15 16.82 -35.09
N CYS B 842 -31.06 18.06 -34.64
CA CYS B 842 -31.10 18.39 -33.24
C CYS B 842 -32.36 19.14 -32.84
N GLU B 843 -33.18 19.52 -33.82
CA GLU B 843 -34.55 20.02 -33.63
C GLU B 843 -34.65 21.28 -32.78
N GLY B 844 -34.42 22.44 -33.40
CA GLY B 844 -34.72 23.72 -32.79
C GLY B 844 -33.78 24.16 -31.68
N ALA B 845 -34.32 24.26 -30.47
CA ALA B 845 -33.55 24.62 -29.29
C ALA B 845 -33.10 23.33 -28.58
N ALA B 846 -32.69 23.45 -27.31
CA ALA B 846 -31.96 22.36 -26.63
C ALA B 846 -30.86 21.85 -27.56
N CYS B 847 -30.23 22.79 -28.25
CA CYS B 847 -29.42 22.55 -29.44
C CYS B 847 -28.14 23.38 -29.49
N LYS B 848 -28.10 24.56 -28.87
CA LYS B 848 -26.99 25.48 -29.05
C LYS B 848 -25.67 24.91 -28.54
N CYS B 849 -25.70 23.85 -27.72
CA CYS B 849 -24.47 23.31 -27.16
C CYS B 849 -23.82 22.31 -28.12
N VAL B 850 -24.61 21.51 -28.82
CA VAL B 850 -24.04 20.58 -29.79
C VAL B 850 -23.53 21.36 -31.00
N GLU B 851 -24.38 22.21 -31.58
CA GLU B 851 -24.02 23.07 -32.69
C GLU B 851 -23.25 24.31 -32.26
N ALA B 852 -22.64 24.30 -31.09
CA ALA B 852 -22.01 25.51 -30.56
C ALA B 852 -20.77 25.88 -31.35
N ASP B 853 -19.86 24.92 -31.51
CA ASP B 853 -18.52 25.21 -32.00
C ASP B 853 -18.28 24.62 -33.39
N CYS B 854 -19.33 24.44 -34.19
CA CYS B 854 -19.17 23.96 -35.55
C CYS B 854 -20.00 24.78 -36.53
N GLY B 855 -19.66 24.62 -37.81
CA GLY B 855 -20.18 25.50 -38.82
C GLY B 855 -21.64 25.25 -39.19
N GLN B 856 -22.27 26.32 -39.66
CA GLN B 856 -23.65 26.30 -40.11
C GLN B 856 -23.68 26.68 -41.58
N MET B 857 -24.20 25.80 -42.42
CA MET B 857 -24.27 26.09 -43.84
C MET B 857 -25.27 27.21 -44.09
N GLN B 858 -24.93 28.09 -45.03
CA GLN B 858 -25.82 29.18 -45.38
C GLN B 858 -27.10 28.66 -46.02
N GLU B 859 -28.11 29.51 -46.05
CA GLU B 859 -29.36 29.15 -46.70
C GLU B 859 -29.14 28.95 -48.20
N GLU B 860 -29.72 27.88 -48.73
CA GLU B 860 -29.47 27.49 -50.11
C GLU B 860 -30.10 28.50 -51.06
N LEU B 861 -29.27 29.08 -51.93
CA LEU B 861 -29.69 30.08 -52.91
C LEU B 861 -30.37 31.28 -52.23
N ASP B 862 -29.78 31.73 -51.12
CA ASP B 862 -30.33 32.84 -50.36
C ASP B 862 -29.86 34.15 -50.98
N LEU B 863 -30.78 34.91 -51.55
CA LEU B 863 -30.46 36.11 -52.30
C LEU B 863 -30.35 37.35 -51.42
N THR B 864 -30.72 37.27 -50.14
CA THR B 864 -30.63 38.41 -49.25
C THR B 864 -29.21 38.68 -48.77
N ILE B 865 -28.28 37.74 -48.95
CA ILE B 865 -26.89 37.98 -48.58
C ILE B 865 -26.33 39.04 -49.51
N SER B 866 -25.81 40.13 -48.92
CA SER B 866 -25.75 41.42 -49.57
C SER B 866 -24.37 41.77 -50.14
N ALA B 867 -23.60 40.77 -50.57
CA ALA B 867 -22.36 40.98 -51.30
C ALA B 867 -21.31 41.77 -50.55
N GLU B 868 -21.73 42.79 -49.78
CA GLU B 868 -20.81 43.52 -48.92
C GLU B 868 -20.61 42.83 -47.58
N THR B 869 -21.64 42.19 -47.05
CA THR B 869 -21.46 41.32 -45.89
C THR B 869 -20.67 40.07 -46.24
N ARG B 870 -20.68 39.66 -47.51
CA ARG B 870 -19.83 38.57 -47.96
C ARG B 870 -18.38 38.99 -48.13
N LYS B 871 -18.12 40.28 -48.33
CA LYS B 871 -16.77 40.80 -48.45
C LYS B 871 -16.20 41.23 -47.11
N GLN B 872 -17.01 41.89 -46.28
CA GLN B 872 -16.53 42.27 -44.95
C GLN B 872 -16.24 41.06 -44.09
N THR B 873 -17.01 39.97 -44.25
CA THR B 873 -16.71 38.74 -43.55
C THR B 873 -15.41 38.11 -44.06
N ALA B 874 -15.13 38.27 -45.37
CA ALA B 874 -13.90 37.72 -45.93
C ALA B 874 -12.69 38.57 -45.55
N CYS B 875 -12.82 39.89 -45.60
CA CYS B 875 -11.72 40.80 -45.26
C CYS B 875 -11.51 40.92 -43.75
N LYS B 876 -12.23 40.16 -42.94
CA LYS B 876 -12.06 40.22 -41.50
C LYS B 876 -10.65 39.75 -41.13
N PRO B 877 -9.92 40.50 -40.30
CA PRO B 877 -8.56 40.07 -39.93
C PRO B 877 -8.54 38.73 -39.20
N GLU B 878 -9.65 38.33 -38.58
CA GLU B 878 -9.70 37.03 -37.92
C GLU B 878 -9.71 35.88 -38.93
N ILE B 879 -10.38 36.08 -40.06
CA ILE B 879 -10.52 35.04 -41.07
C ILE B 879 -9.20 34.88 -41.81
N ALA B 880 -8.53 33.74 -41.61
CA ALA B 880 -7.24 33.49 -42.24
C ALA B 880 -7.39 33.19 -43.72
N TYR B 881 -8.13 32.14 -44.06
CA TYR B 881 -8.30 31.72 -45.44
C TYR B 881 -9.74 31.95 -45.90
N ALA B 882 -9.91 32.02 -47.21
CA ALA B 882 -11.22 32.23 -47.80
C ALA B 882 -11.15 31.96 -49.30
N TYR B 883 -11.78 30.88 -49.76
CA TYR B 883 -11.76 30.58 -51.19
C TYR B 883 -12.89 29.61 -51.52
N LYS B 884 -13.02 29.32 -52.81
CA LYS B 884 -14.10 28.53 -53.38
C LYS B 884 -13.57 27.18 -53.83
N VAL B 885 -14.25 26.10 -53.42
CA VAL B 885 -13.79 24.74 -53.66
C VAL B 885 -14.94 23.92 -54.23
N SER B 886 -14.60 22.69 -54.64
CA SER B 886 -15.56 21.71 -55.14
C SER B 886 -15.27 20.38 -54.46
N ILE B 887 -16.29 19.81 -53.83
CA ILE B 887 -16.10 18.60 -53.03
C ILE B 887 -16.01 17.38 -53.95
N THR B 888 -15.06 16.50 -53.65
CA THR B 888 -14.85 15.30 -54.44
C THR B 888 -15.24 14.01 -53.74
N SER B 889 -15.06 13.92 -52.43
CA SER B 889 -15.36 12.67 -51.72
C SER B 889 -15.76 12.95 -50.28
N ILE B 890 -16.60 12.08 -49.74
CA ILE B 890 -17.01 12.11 -48.34
C ILE B 890 -16.42 10.91 -47.63
N THR B 891 -16.05 11.08 -46.37
CA THR B 891 -15.51 9.98 -45.58
C THR B 891 -15.85 10.19 -44.13
N VAL B 892 -16.14 9.09 -43.42
CA VAL B 892 -16.46 9.13 -42.00
C VAL B 892 -15.41 8.32 -41.27
N GLU B 893 -14.60 9.01 -40.44
CA GLU B 893 -13.51 8.38 -39.70
C GLU B 893 -13.75 8.58 -38.21
N ASN B 894 -14.14 7.50 -37.54
CA ASN B 894 -14.31 7.51 -36.08
C ASN B 894 -15.33 8.54 -35.64
N VAL B 895 -14.87 9.69 -35.15
CA VAL B 895 -15.73 10.73 -34.61
C VAL B 895 -15.79 11.95 -35.51
N PHE B 896 -15.14 11.93 -36.67
CA PHE B 896 -15.06 13.09 -37.53
C PHE B 896 -15.45 12.70 -38.95
N VAL B 897 -15.73 13.72 -39.76
CA VAL B 897 -16.06 13.56 -41.17
C VAL B 897 -15.06 14.38 -41.98
N LYS B 898 -14.42 13.73 -42.95
CA LYS B 898 -13.46 14.36 -43.85
C LYS B 898 -14.08 14.52 -45.24
N TYR B 899 -13.92 15.71 -45.80
CA TYR B 899 -14.40 16.04 -47.14
C TYR B 899 -13.19 16.31 -48.03
N LYS B 900 -12.97 15.46 -49.01
CA LYS B 900 -11.97 15.71 -50.04
C LYS B 900 -12.56 16.66 -51.07
N ALA B 901 -11.92 17.83 -51.25
CA ALA B 901 -12.38 18.84 -52.17
C ALA B 901 -11.24 19.32 -53.05
N THR B 902 -11.59 19.98 -54.15
CA THR B 902 -10.63 20.58 -55.07
C THR B 902 -10.61 22.08 -54.88
N LEU B 903 -9.41 22.63 -54.73
CA LEU B 903 -9.24 24.08 -54.55
C LEU B 903 -9.35 24.76 -55.91
N LEU B 904 -10.43 25.51 -56.13
CA LEU B 904 -10.69 26.10 -57.45
C LEU B 904 -10.06 27.49 -57.56
N ASP B 905 -10.70 28.49 -56.97
CA ASP B 905 -10.23 29.87 -57.02
C ASP B 905 -9.87 30.34 -55.62
N ILE B 906 -8.65 30.82 -55.45
CA ILE B 906 -8.17 31.32 -54.17
C ILE B 906 -8.54 32.79 -54.04
N TYR B 907 -9.16 33.16 -52.92
CA TYR B 907 -9.55 34.54 -52.68
C TYR B 907 -8.80 35.20 -51.53
N LYS B 908 -8.22 34.42 -50.61
CA LYS B 908 -7.47 34.98 -49.51
C LYS B 908 -6.50 33.93 -48.98
N THR B 909 -5.34 34.40 -48.52
CA THR B 909 -4.34 33.52 -47.93
C THR B 909 -3.53 34.35 -46.93
N GLY B 910 -3.80 34.16 -45.65
CA GLY B 910 -3.07 34.91 -44.64
C GLY B 910 -1.80 34.20 -44.22
N GLU B 911 -1.89 32.88 -44.07
CA GLU B 911 -0.82 32.04 -43.53
C GLU B 911 -0.23 31.22 -44.67
N ALA B 912 0.10 29.93 -44.51
CA ALA B 912 0.64 29.18 -45.67
C ALA B 912 -0.30 29.15 -46.88
N VAL B 913 0.29 28.89 -48.07
CA VAL B 913 -0.51 28.92 -49.30
C VAL B 913 -0.76 27.49 -49.76
N ALA B 914 -1.87 27.27 -50.47
CA ALA B 914 -2.16 26.01 -51.11
C ALA B 914 -2.33 26.27 -52.60
N GLU B 915 -1.99 25.27 -53.41
CA GLU B 915 -1.97 25.43 -54.85
C GLU B 915 -3.38 25.34 -55.43
N LYS B 916 -3.59 26.03 -56.54
CA LYS B 916 -4.86 25.94 -57.24
C LYS B 916 -5.02 24.57 -57.89
N ASP B 917 -6.24 24.04 -57.83
CA ASP B 917 -6.58 22.71 -58.34
C ASP B 917 -5.81 21.61 -57.64
N SER B 918 -5.32 21.87 -56.43
CA SER B 918 -4.75 20.85 -55.56
C SER B 918 -5.83 20.30 -54.64
N GLU B 919 -5.56 19.13 -54.07
CA GLU B 919 -6.53 18.49 -53.19
C GLU B 919 -6.45 19.09 -51.80
N ILE B 920 -7.61 19.50 -51.28
CA ILE B 920 -7.74 20.13 -49.97
C ILE B 920 -8.72 19.33 -49.15
N THR B 921 -8.39 19.10 -47.88
CA THR B 921 -9.22 18.31 -46.98
C THR B 921 -9.94 19.22 -45.99
N PHE B 922 -11.21 18.92 -45.75
CA PHE B 922 -12.00 19.58 -44.71
C PHE B 922 -12.40 18.55 -43.66
N ILE B 923 -12.60 19.02 -42.43
CA ILE B 923 -12.95 18.14 -41.32
C ILE B 923 -14.02 18.81 -40.48
N LYS B 924 -15.08 18.08 -40.16
CA LYS B 924 -16.05 18.56 -39.19
C LYS B 924 -16.32 17.45 -38.19
N LYS B 925 -16.56 17.84 -36.94
CA LYS B 925 -17.06 16.91 -35.94
C LYS B 925 -18.27 16.18 -36.50
N VAL B 926 -18.28 14.85 -36.33
CA VAL B 926 -19.41 14.08 -36.83
C VAL B 926 -20.71 14.57 -36.20
N THR B 927 -20.66 14.99 -34.93
CA THR B 927 -21.84 15.47 -34.20
C THR B 927 -22.21 16.89 -34.61
N CYS B 928 -22.30 17.15 -35.92
CA CYS B 928 -22.73 18.44 -36.43
C CYS B 928 -23.53 18.19 -37.69
N THR B 929 -24.81 18.59 -37.68
CA THR B 929 -25.73 18.24 -38.74
C THR B 929 -25.95 19.36 -39.75
N ASN B 930 -26.03 20.62 -39.31
CA ASN B 930 -26.38 21.71 -40.20
C ASN B 930 -25.25 22.11 -41.14
N ALA B 931 -24.13 21.40 -41.13
CA ALA B 931 -23.05 21.64 -42.09
C ALA B 931 -22.93 20.47 -43.07
N GLU B 932 -24.07 19.91 -43.46
CA GLU B 932 -24.07 18.73 -44.32
C GLU B 932 -23.65 19.11 -45.73
N LEU B 933 -22.57 18.51 -46.21
CA LEU B 933 -22.02 18.81 -47.52
C LEU B 933 -22.27 17.64 -48.47
N VAL B 934 -22.64 17.96 -49.70
CA VAL B 934 -22.99 16.97 -50.72
C VAL B 934 -21.80 16.80 -51.66
N LYS B 935 -21.44 15.55 -51.92
CA LYS B 935 -20.33 15.26 -52.81
C LYS B 935 -20.63 15.75 -54.23
N GLY B 936 -19.65 16.41 -54.85
CA GLY B 936 -19.78 16.91 -56.20
C GLY B 936 -20.23 18.34 -56.31
N ARG B 937 -20.74 18.94 -55.24
CA ARG B 937 -21.20 20.31 -55.27
C ARG B 937 -20.07 21.27 -54.90
N GLN B 938 -20.18 22.49 -55.42
CA GLN B 938 -19.22 23.55 -55.11
C GLN B 938 -19.69 24.36 -53.91
N TYR B 939 -18.72 24.93 -53.18
CA TYR B 939 -19.02 25.71 -51.99
C TYR B 939 -17.98 26.82 -51.84
N LEU B 940 -18.43 27.96 -51.33
CA LEU B 940 -17.52 29.01 -50.88
C LEU B 940 -17.27 28.82 -49.39
N ILE B 941 -16.00 28.63 -49.02
CA ILE B 941 -15.62 28.32 -47.64
C ILE B 941 -14.57 29.33 -47.18
N MET B 942 -14.80 29.93 -46.01
CA MET B 942 -13.90 30.91 -45.42
C MET B 942 -13.77 30.57 -43.94
N GLY B 943 -12.55 30.58 -43.42
CA GLY B 943 -12.38 30.22 -42.03
C GLY B 943 -11.00 30.56 -41.50
N LYS B 944 -10.74 30.09 -40.28
CA LYS B 944 -9.50 30.34 -39.56
C LYS B 944 -8.62 29.10 -39.56
N GLU B 945 -7.31 29.32 -39.69
CA GLU B 945 -6.29 28.32 -39.41
C GLU B 945 -6.38 27.10 -40.33
N ALA B 946 -5.42 26.20 -40.17
CA ALA B 946 -5.34 24.96 -40.93
C ALA B 946 -4.26 24.11 -40.29
N LEU B 947 -4.10 22.89 -40.80
CA LEU B 947 -3.04 22.00 -40.36
C LEU B 947 -2.20 21.61 -41.57
N GLN B 948 -0.88 21.76 -41.43
CA GLN B 948 0.06 21.45 -42.50
C GLN B 948 0.75 20.13 -42.13
N ILE B 949 0.44 19.07 -42.88
CA ILE B 949 0.99 17.75 -42.66
C ILE B 949 1.92 17.39 -43.80
N LYS B 950 2.92 16.56 -43.50
CA LYS B 950 3.84 16.03 -44.50
C LYS B 950 3.43 14.58 -44.78
N TYR B 951 2.71 14.37 -45.88
CA TYR B 951 2.26 13.04 -46.28
C TYR B 951 3.04 12.58 -47.50
N ASN B 952 3.42 11.29 -47.51
CA ASN B 952 4.33 10.74 -48.50
C ASN B 952 5.63 11.54 -48.51
N PHE B 953 5.75 12.47 -49.46
CA PHE B 953 6.90 13.36 -49.56
C PHE B 953 6.50 14.80 -49.81
N SER B 954 5.21 15.12 -49.72
CA SER B 954 4.72 16.46 -50.05
C SER B 954 3.83 16.98 -48.93
N PHE B 955 3.47 18.25 -49.05
CA PHE B 955 2.61 18.92 -48.08
C PHE B 955 1.16 18.56 -48.29
N ARG B 956 0.36 18.81 -47.26
CA ARG B 956 -1.08 18.63 -47.30
C ARG B 956 -1.69 19.56 -46.27
N TYR B 957 -2.84 20.14 -46.60
CA TYR B 957 -3.50 21.10 -45.72
C TYR B 957 -4.88 20.57 -45.37
N ILE B 958 -5.25 20.65 -44.10
CA ILE B 958 -6.54 20.19 -43.62
C ILE B 958 -7.20 21.32 -42.83
N TYR B 959 -8.47 21.58 -43.14
CA TYR B 959 -9.17 22.76 -42.64
C TYR B 959 -10.38 22.35 -41.81
N PRO B 960 -10.43 22.65 -40.52
CA PRO B 960 -11.61 22.29 -39.72
C PRO B 960 -12.78 23.23 -39.97
N LEU B 961 -13.99 22.68 -39.82
CA LEU B 961 -15.23 23.41 -40.00
C LEU B 961 -15.82 23.68 -38.62
N ASP B 962 -15.65 24.91 -38.15
CA ASP B 962 -16.13 25.27 -36.82
C ASP B 962 -17.02 26.50 -36.90
N SER B 963 -17.32 27.11 -35.75
CA SER B 963 -18.04 28.37 -35.76
C SER B 963 -17.18 29.45 -36.42
N LEU B 964 -17.85 30.48 -36.91
CA LEU B 964 -17.22 31.57 -37.68
C LEU B 964 -16.57 31.05 -38.96
N THR B 965 -16.97 29.88 -39.43
CA THR B 965 -16.55 29.36 -40.73
C THR B 965 -17.71 29.54 -41.69
N TRP B 966 -17.59 30.51 -42.59
CA TRP B 966 -18.66 30.88 -43.50
C TRP B 966 -18.61 29.98 -44.73
N ILE B 967 -19.63 29.15 -44.91
CA ILE B 967 -19.72 28.23 -46.04
C ILE B 967 -21.06 28.46 -46.73
N GLU B 968 -21.05 28.38 -48.08
CA GLU B 968 -22.27 28.59 -48.85
C GLU B 968 -22.27 27.75 -50.13
N TYR B 969 -23.41 27.13 -50.41
CA TYR B 969 -23.60 26.36 -51.63
C TYR B 969 -23.53 27.26 -52.85
N TRP B 970 -22.86 26.77 -53.89
CA TRP B 970 -22.54 27.58 -55.07
C TRP B 970 -22.73 26.72 -56.32
N PRO B 971 -23.91 26.80 -56.96
CA PRO B 971 -24.08 26.12 -58.25
C PRO B 971 -23.23 26.75 -59.34
N ARG B 972 -22.85 25.92 -60.31
CA ARG B 972 -21.98 26.36 -61.40
C ARG B 972 -22.76 26.94 -62.57
N ASP B 973 -23.92 26.39 -62.90
CA ASP B 973 -24.72 26.86 -64.04
C ASP B 973 -25.54 28.08 -63.65
N THR B 974 -26.60 28.36 -64.41
CA THR B 974 -27.45 29.52 -64.13
C THR B 974 -28.92 29.19 -64.35
N THR B 975 -29.31 27.92 -64.35
CA THR B 975 -30.70 27.52 -64.47
C THR B 975 -31.34 27.30 -63.11
N CYS B 976 -30.89 28.04 -62.12
CA CYS B 976 -31.41 27.87 -60.77
C CYS B 976 -32.56 28.83 -60.56
N SER B 977 -33.29 29.12 -61.63
CA SER B 977 -34.36 30.11 -61.58
C SER B 977 -33.82 31.45 -61.14
N SER B 978 -34.29 31.91 -59.99
CA SER B 978 -33.90 33.22 -59.54
C SER B 978 -32.48 33.26 -59.03
N CYS B 979 -31.77 32.14 -58.98
CA CYS B 979 -30.40 32.23 -58.50
C CYS B 979 -29.42 32.77 -59.55
N GLN B 980 -29.89 33.00 -60.78
CA GLN B 980 -29.11 33.78 -61.74
C GLN B 980 -28.63 35.09 -61.11
N ALA B 981 -29.53 35.79 -60.39
CA ALA B 981 -29.12 36.98 -59.66
C ALA B 981 -28.24 36.62 -58.47
N PHE B 982 -28.52 35.48 -57.82
CA PHE B 982 -27.70 35.00 -56.72
C PHE B 982 -26.25 34.88 -57.15
N LEU B 983 -25.99 34.10 -58.21
CA LEU B 983 -24.63 34.02 -58.74
C LEU B 983 -24.13 35.35 -59.28
N ALA B 984 -25.04 36.24 -59.69
CA ALA B 984 -24.60 37.58 -60.08
C ALA B 984 -23.89 38.28 -58.93
N ASN B 985 -24.55 38.38 -57.76
CA ASN B 985 -23.89 39.07 -56.64
C ASN B 985 -22.74 38.25 -56.06
N LEU B 986 -22.84 36.92 -56.10
CA LEU B 986 -21.73 36.08 -55.64
C LEU B 986 -20.47 36.34 -56.44
N ASP B 987 -20.59 36.35 -57.77
CA ASP B 987 -19.45 36.69 -58.62
C ASP B 987 -19.09 38.17 -58.56
N GLU B 988 -20.02 39.02 -58.08
CA GLU B 988 -19.65 40.41 -57.79
C GLU B 988 -18.65 40.48 -56.65
N PHE B 989 -18.96 39.82 -55.52
CA PHE B 989 -18.00 39.76 -54.42
C PHE B 989 -16.71 39.07 -54.86
N ALA B 990 -16.84 37.92 -55.54
CA ALA B 990 -15.67 37.18 -55.98
C ALA B 990 -14.79 38.00 -56.91
N GLU B 991 -15.39 38.89 -57.70
CA GLU B 991 -14.62 39.77 -58.57
C GLU B 991 -13.99 40.92 -57.80
N ASP B 992 -14.69 41.44 -56.79
CA ASP B 992 -14.19 42.59 -56.05
C ASP B 992 -13.11 42.24 -55.03
N ILE B 993 -13.04 40.99 -54.56
CA ILE B 993 -12.13 40.67 -53.47
C ILE B 993 -10.67 40.74 -53.92
N PHE B 994 -10.35 40.16 -55.09
CA PHE B 994 -8.95 40.06 -55.51
C PHE B 994 -8.43 41.31 -56.20
N LEU B 995 -9.30 42.21 -56.66
CA LEU B 995 -8.87 43.43 -57.32
C LEU B 995 -8.59 44.57 -56.35
N ASN B 996 -8.78 44.36 -55.04
CA ASN B 996 -8.57 45.40 -54.04
C ASN B 996 -7.41 45.09 -53.11
N GLY B 997 -7.46 43.94 -52.42
CA GLY B 997 -6.47 43.65 -51.42
C GLY B 997 -6.70 44.48 -50.18
N CYS B 998 -7.82 44.23 -49.50
CA CYS B 998 -8.22 44.97 -48.31
C CYS B 998 -7.17 44.90 -47.20
N GLU C 18 39.19 -6.58 -38.44
CA GLU C 18 39.03 -8.03 -38.55
C GLU C 18 38.02 -8.40 -39.62
N SER C 19 37.80 -9.72 -39.80
CA SER C 19 36.97 -10.26 -40.87
C SER C 19 37.49 -9.83 -42.25
N ASP C 20 36.71 -10.07 -43.30
CA ASP C 20 37.04 -9.61 -44.63
C ASP C 20 36.06 -8.54 -45.05
N CYS C 21 36.57 -7.45 -45.61
CA CYS C 21 35.76 -6.28 -45.91
C CYS C 21 35.15 -6.29 -47.30
N THR C 22 35.32 -7.38 -48.05
CA THR C 22 34.68 -7.49 -49.35
C THR C 22 33.18 -7.62 -49.16
N GLY C 23 32.41 -6.68 -49.71
CA GLY C 23 30.97 -6.70 -49.55
C GLY C 23 30.29 -6.09 -50.75
N SER C 24 29.10 -6.62 -51.05
CA SER C 24 28.25 -6.17 -52.16
C SER C 24 29.02 -6.10 -53.48
N GLU C 25 29.15 -7.23 -54.14
CA GLU C 25 29.74 -7.28 -55.48
C GLU C 25 28.76 -7.92 -56.45
N PRO C 26 28.42 -7.21 -57.55
CA PRO C 26 28.93 -5.89 -57.90
C PRO C 26 28.23 -4.76 -57.16
N VAL C 27 28.75 -3.54 -57.27
CA VAL C 27 28.19 -2.39 -56.57
C VAL C 27 27.04 -1.83 -57.37
N ASP C 28 25.86 -1.76 -56.76
CA ASP C 28 24.70 -1.10 -57.33
C ASP C 28 24.35 0.09 -56.46
N ALA C 29 24.20 1.26 -57.09
CA ALA C 29 23.95 2.49 -56.33
C ALA C 29 22.60 2.42 -55.63
N PHE C 30 21.56 1.97 -56.33
CA PHE C 30 20.23 1.89 -55.73
C PHE C 30 20.23 0.94 -54.53
N GLN C 31 20.95 -0.17 -54.63
CA GLN C 31 21.09 -1.07 -53.48
C GLN C 31 21.87 -0.39 -52.36
N ALA C 32 22.92 0.35 -52.71
CA ALA C 32 23.70 1.07 -51.69
C ALA C 32 22.87 2.14 -50.99
N PHE C 33 21.82 2.65 -51.64
CA PHE C 33 20.93 3.63 -51.03
C PHE C 33 19.71 2.97 -50.36
N SER C 34 19.79 1.67 -50.05
CA SER C 34 18.68 0.94 -49.44
C SER C 34 17.41 1.04 -50.27
N GLU C 35 17.55 1.11 -51.60
CA GLU C 35 16.44 1.21 -52.52
C GLU C 35 15.56 2.42 -52.23
N GLY C 36 16.16 3.49 -51.70
CA GLY C 36 15.44 4.71 -51.45
C GLY C 36 14.50 4.66 -50.27
N LYS C 37 14.77 3.78 -49.29
CA LYS C 37 13.92 3.65 -48.12
C LYS C 37 14.54 4.25 -46.86
N GLU C 38 15.81 4.63 -46.89
CA GLU C 38 16.51 5.10 -45.69
C GLU C 38 17.31 6.35 -46.02
N ALA C 39 17.68 7.08 -44.97
CA ALA C 39 18.50 8.28 -45.08
C ALA C 39 19.94 7.99 -44.69
N TYR C 40 20.87 8.66 -45.37
CA TYR C 40 22.29 8.47 -45.16
C TYR C 40 22.94 9.80 -44.80
N VAL C 41 23.95 9.74 -43.94
CA VAL C 41 24.64 10.91 -43.43
C VAL C 41 26.10 10.84 -43.85
N LEU C 42 26.66 11.99 -44.18
CA LEU C 42 28.07 12.06 -44.58
C LEU C 42 28.92 12.10 -43.32
N VAL C 43 29.81 11.11 -43.18
CA VAL C 43 30.65 11.01 -41.99
C VAL C 43 32.12 11.29 -42.29
N ARG C 44 32.58 11.06 -43.52
CA ARG C 44 33.94 11.36 -43.91
C ARG C 44 33.96 11.90 -45.33
N SER C 45 34.83 12.88 -45.58
CA SER C 45 34.95 13.44 -46.93
C SER C 45 36.29 14.14 -47.05
N THR C 46 36.94 13.96 -48.21
CA THR C 46 38.16 14.69 -48.51
C THR C 46 37.89 16.08 -49.08
N ASP C 47 36.63 16.41 -49.34
CA ASP C 47 36.27 17.74 -49.81
C ASP C 47 36.42 18.74 -48.69
N PRO C 48 37.31 19.73 -48.80
CA PRO C 48 37.45 20.72 -47.73
C PRO C 48 36.22 21.57 -47.53
N LYS C 49 35.32 21.65 -48.50
CA LYS C 49 34.10 22.43 -48.41
C LYS C 49 32.88 21.57 -48.06
N ALA C 50 33.10 20.39 -47.49
CA ALA C 50 32.01 19.48 -47.21
C ALA C 50 31.00 20.13 -46.25
N ARG C 51 29.73 20.07 -46.61
CA ARG C 51 28.69 20.72 -45.82
C ARG C 51 28.54 20.05 -44.46
N ASP C 52 28.43 20.87 -43.41
CA ASP C 52 28.29 20.36 -42.07
C ASP C 52 26.95 19.64 -41.90
N CYS C 53 27.00 18.47 -41.27
CA CYS C 53 25.80 17.71 -40.91
C CYS C 53 24.98 17.35 -42.16
N LEU C 54 25.68 16.98 -43.23
CA LEU C 54 25.01 16.68 -44.49
C LEU C 54 24.31 15.32 -44.40
N LYS C 55 23.01 15.32 -44.65
CA LYS C 55 22.18 14.13 -44.65
C LYS C 55 21.33 14.11 -45.91
N GLY C 56 21.31 12.97 -46.59
CA GLY C 56 20.49 12.78 -47.78
C GLY C 56 19.37 11.80 -47.50
N GLU C 57 18.14 12.21 -47.82
CA GLU C 57 17.00 11.34 -47.61
C GLU C 57 16.13 11.33 -48.86
N PRO C 58 15.43 10.23 -49.13
CA PRO C 58 14.59 10.17 -50.33
C PRO C 58 13.47 11.18 -50.26
N ALA C 59 13.29 11.92 -51.35
CA ALA C 59 12.25 12.93 -51.47
C ALA C 59 11.12 12.52 -52.41
N GLY C 60 11.05 11.24 -52.77
CA GLY C 60 10.01 10.77 -53.67
C GLY C 60 10.21 9.31 -54.00
N GLU C 61 9.34 8.81 -54.87
CA GLU C 61 9.40 7.42 -55.29
C GLU C 61 10.38 7.25 -56.45
N LYS C 62 10.74 6.00 -56.73
CA LYS C 62 11.63 5.68 -57.83
C LYS C 62 10.83 5.67 -59.13
N GLN C 63 10.98 6.73 -59.92
CA GLN C 63 10.35 6.84 -61.24
C GLN C 63 11.43 6.76 -62.31
N ASP C 64 11.34 5.76 -63.17
CA ASP C 64 12.34 5.49 -64.22
C ASP C 64 13.71 5.32 -63.54
N ASN C 65 14.78 5.81 -64.14
CA ASN C 65 16.11 5.69 -63.54
C ASN C 65 16.42 6.84 -62.59
N THR C 66 15.53 7.80 -62.44
CA THR C 66 15.77 8.95 -61.57
C THR C 66 15.04 8.78 -60.23
N LEU C 67 15.42 9.63 -59.28
CA LEU C 67 14.98 9.51 -57.88
C LEU C 67 15.17 10.83 -57.15
N PRO C 68 14.11 11.43 -56.61
CA PRO C 68 14.24 12.69 -55.89
C PRO C 68 14.94 12.49 -54.56
N VAL C 69 15.92 13.35 -54.27
CA VAL C 69 16.72 13.24 -53.07
C VAL C 69 16.80 14.61 -52.41
N MET C 70 16.31 14.71 -51.18
CA MET C 70 16.39 15.93 -50.39
C MET C 70 17.66 15.91 -49.56
N MET C 71 18.44 16.99 -49.65
CA MET C 71 19.71 17.12 -48.94
C MET C 71 19.58 18.19 -47.87
N THR C 72 19.75 17.79 -46.62
CA THR C 72 19.73 18.70 -45.49
C THR C 72 21.16 18.91 -45.00
N PHE C 73 21.46 20.13 -44.58
CA PHE C 73 22.79 20.47 -44.06
C PHE C 73 22.65 21.71 -43.21
N LYS C 74 23.77 22.14 -42.61
CA LYS C 74 23.76 23.27 -41.71
C LYS C 74 24.89 24.23 -42.06
N GLN C 75 24.54 25.51 -42.15
CA GLN C 75 25.49 26.61 -42.34
C GLN C 75 25.47 27.46 -41.08
N GLY C 76 26.57 27.46 -40.35
CA GLY C 76 26.59 28.15 -39.07
C GLY C 76 25.59 27.50 -38.12
N THR C 77 24.65 28.30 -37.63
CA THR C 77 23.57 27.80 -36.80
C THR C 77 22.24 27.74 -37.54
N ASP C 78 22.25 27.85 -38.86
CA ASP C 78 21.04 27.85 -39.65
C ASP C 78 20.97 26.57 -40.46
N TRP C 79 19.84 25.86 -40.35
CA TRP C 79 19.63 24.65 -41.13
C TRP C 79 19.06 24.99 -42.50
N ALA C 80 19.52 24.29 -43.52
CA ALA C 80 19.10 24.50 -44.89
C ALA C 80 18.82 23.15 -45.54
N SER C 81 17.96 23.18 -46.55
CA SER C 81 17.61 21.98 -47.30
C SER C 81 17.48 22.33 -48.77
N THR C 82 18.11 21.54 -49.63
CA THR C 82 18.04 21.72 -51.07
C THR C 82 17.56 20.43 -51.72
N ASP C 83 16.70 20.56 -52.72
CA ASP C 83 16.17 19.41 -53.45
C ASP C 83 17.06 19.08 -54.63
N TRP C 84 17.28 17.78 -54.84
CA TRP C 84 18.13 17.28 -55.90
C TRP C 84 17.42 16.13 -56.60
N THR C 85 17.91 15.79 -57.79
CA THR C 85 17.43 14.62 -58.52
C THR C 85 18.63 13.76 -58.88
N PHE C 86 18.54 12.46 -58.60
CA PHE C 86 19.60 11.51 -58.87
C PHE C 86 19.23 10.66 -60.08
N THR C 87 20.15 10.51 -61.01
CA THR C 87 19.96 9.64 -62.16
C THR C 87 20.90 8.45 -61.98
N LEU C 88 20.33 7.29 -61.65
CA LEU C 88 21.12 6.12 -61.30
C LEU C 88 21.31 5.22 -62.51
N ASP C 89 22.57 4.85 -62.76
CA ASP C 89 22.93 3.91 -63.82
C ASP C 89 23.92 2.92 -63.21
N GLY C 90 23.41 1.77 -62.77
CA GLY C 90 24.24 0.77 -62.14
C GLY C 90 24.90 1.28 -60.88
N ALA C 91 26.22 1.45 -60.92
CA ALA C 91 26.95 2.01 -59.80
C ALA C 91 27.11 3.53 -59.88
N LYS C 92 26.90 4.13 -61.05
CA LYS C 92 27.08 5.55 -61.24
C LYS C 92 25.80 6.31 -60.89
N VAL C 93 25.99 7.52 -60.36
CA VAL C 93 24.89 8.40 -59.99
C VAL C 93 25.19 9.80 -60.54
N THR C 94 24.26 10.33 -61.31
CA THR C 94 24.37 11.70 -61.82
C THR C 94 23.37 12.56 -61.06
N ALA C 95 23.85 13.25 -60.04
CA ALA C 95 23.02 14.15 -59.23
C ALA C 95 22.96 15.52 -59.89
N THR C 96 21.82 16.18 -59.74
CA THR C 96 21.68 17.50 -60.34
C THR C 96 20.63 18.31 -59.60
N LEU C 97 20.85 19.62 -59.54
CA LEU C 97 19.88 20.58 -59.04
C LEU C 97 19.89 21.78 -59.97
N GLY C 98 18.76 22.03 -60.63
CA GLY C 98 18.67 23.11 -61.59
C GLY C 98 19.67 22.97 -62.70
N GLN C 99 20.70 23.81 -62.69
CA GLN C 99 21.77 23.75 -63.68
C GLN C 99 23.03 23.07 -63.17
N LEU C 100 23.20 22.96 -61.85
CA LEU C 100 24.39 22.34 -61.28
C LEU C 100 24.31 20.82 -61.39
N THR C 101 25.36 20.21 -61.91
CA THR C 101 25.44 18.77 -62.05
C THR C 101 26.67 18.25 -61.30
N GLN C 102 26.58 17.00 -60.84
CA GLN C 102 27.64 16.37 -60.09
C GLN C 102 27.65 14.88 -60.39
N ASN C 103 28.79 14.36 -60.80
CA ASN C 103 28.96 12.96 -61.16
C ASN C 103 29.58 12.21 -60.00
N ARG C 104 28.98 11.09 -59.62
CA ARG C 104 29.46 10.25 -58.54
C ARG C 104 29.43 8.78 -58.98
N GLU C 105 30.24 7.97 -58.31
CA GLU C 105 30.23 6.53 -58.51
C GLU C 105 30.48 5.85 -57.17
N VAL C 106 29.52 5.05 -56.72
CA VAL C 106 29.68 4.27 -55.50
C VAL C 106 30.72 3.19 -55.79
N VAL C 107 31.90 3.31 -55.17
CA VAL C 107 32.99 2.37 -55.41
C VAL C 107 33.05 1.26 -54.36
N TYR C 108 32.26 1.34 -53.31
CA TYR C 108 32.23 0.30 -52.31
C TYR C 108 30.91 0.39 -51.55
N ASP C 109 30.35 -0.77 -51.21
CA ASP C 109 29.09 -0.84 -50.49
C ASP C 109 29.17 -2.00 -49.50
N SER C 110 28.84 -1.73 -48.24
CA SER C 110 28.93 -2.77 -47.21
C SER C 110 27.97 -3.90 -47.52
N GLN C 111 28.18 -5.04 -46.84
CA GLN C 111 27.41 -6.23 -47.14
C GLN C 111 25.93 -6.05 -46.84
N SER C 112 25.60 -5.25 -45.83
CA SER C 112 24.22 -5.01 -45.45
C SER C 112 23.71 -3.66 -45.92
N HIS C 113 24.46 -2.97 -46.78
CA HIS C 113 24.09 -1.65 -47.30
C HIS C 113 23.92 -0.64 -46.16
N HIS C 114 24.76 -0.76 -45.13
CA HIS C 114 24.74 0.20 -44.04
C HIS C 114 25.66 1.39 -44.30
N CYS C 115 26.68 1.21 -45.11
CA CYS C 115 27.57 2.31 -45.46
C CYS C 115 28.15 2.05 -46.84
N HIS C 116 28.57 3.12 -47.51
CA HIS C 116 29.15 3.02 -48.83
C HIS C 116 30.15 4.16 -49.02
N VAL C 117 31.05 3.97 -49.98
CA VAL C 117 32.10 4.94 -50.29
C VAL C 117 31.85 5.47 -51.70
N ASP C 118 31.61 6.78 -51.80
CA ASP C 118 31.39 7.44 -53.07
C ASP C 118 32.68 8.05 -53.60
N LYS C 119 32.76 8.15 -54.92
CA LYS C 119 33.84 8.83 -55.63
C LYS C 119 33.21 9.90 -56.50
N VAL C 120 33.48 11.16 -56.19
CA VAL C 120 32.97 12.29 -56.97
C VAL C 120 34.03 12.72 -57.96
N GLU C 121 33.60 13.01 -59.19
CA GLU C 121 34.52 13.26 -60.29
C GLU C 121 34.78 14.76 -60.45
N LYS C 122 36.05 15.12 -60.55
CA LYS C 122 36.50 16.47 -60.83
C LYS C 122 38.00 16.40 -61.12
N GLU C 123 38.66 17.57 -61.15
CA GLU C 123 40.10 17.59 -61.40
C GLU C 123 40.86 16.85 -60.31
N VAL C 124 40.50 17.09 -59.05
CA VAL C 124 41.02 16.33 -57.92
C VAL C 124 39.86 15.55 -57.33
N PRO C 125 39.65 14.30 -57.75
CA PRO C 125 38.45 13.54 -57.31
C PRO C 125 38.46 13.29 -55.81
N ASP C 126 37.40 13.71 -55.15
CA ASP C 126 37.24 13.49 -53.73
C ASP C 126 36.51 12.17 -53.47
N TYR C 127 36.70 11.65 -52.27
CA TYR C 127 36.07 10.41 -51.83
C TYR C 127 35.29 10.67 -50.55
N GLU C 128 34.09 10.10 -50.47
CA GLU C 128 33.19 10.33 -49.35
C GLU C 128 32.73 8.99 -48.78
N MET C 129 32.36 9.03 -47.50
CA MET C 129 31.79 7.87 -46.83
C MET C 129 30.43 8.24 -46.29
N TRP C 130 29.41 7.49 -46.69
CA TRP C 130 28.05 7.68 -46.20
C TRP C 130 27.61 6.44 -45.42
N MET C 131 26.73 6.65 -44.45
CA MET C 131 26.22 5.56 -43.63
C MET C 131 24.81 5.87 -43.18
N LEU C 132 24.05 4.82 -42.88
CA LEU C 132 22.67 4.96 -42.43
C LEU C 132 22.58 5.91 -41.25
N ASP C 133 21.69 6.90 -41.36
CA ASP C 133 21.45 7.80 -40.24
C ASP C 133 21.01 7.04 -39.01
N ALA C 134 20.24 5.95 -39.19
CA ALA C 134 19.81 5.11 -38.09
C ALA C 134 20.95 4.35 -37.45
N GLY C 135 22.11 4.29 -38.08
CA GLY C 135 23.22 3.52 -37.58
C GLY C 135 23.51 2.31 -38.45
N GLY C 136 24.71 1.77 -38.26
CA GLY C 136 25.13 0.61 -39.03
C GLY C 136 25.90 -0.35 -38.15
N LEU C 137 26.04 -1.57 -38.67
CA LEU C 137 26.86 -2.57 -38.00
C LEU C 137 28.31 -2.10 -37.94
N GLU C 138 28.89 -2.12 -36.74
CA GLU C 138 30.16 -1.44 -36.51
C GLU C 138 31.27 -2.04 -37.37
N VAL C 139 31.27 -3.35 -37.59
CA VAL C 139 32.31 -3.95 -38.41
C VAL C 139 32.20 -3.47 -39.86
N GLU C 140 30.97 -3.34 -40.37
CA GLU C 140 30.80 -2.87 -41.74
C GLU C 140 31.17 -1.40 -41.86
N VAL C 141 30.78 -0.59 -40.86
CA VAL C 141 31.18 0.81 -40.85
C VAL C 141 32.70 0.93 -40.88
N GLU C 142 33.38 0.08 -40.09
CA GLU C 142 34.84 0.10 -40.08
C GLU C 142 35.41 -0.33 -41.42
N CYS C 143 34.74 -1.24 -42.13
CA CYS C 143 35.19 -1.63 -43.46
C CYS C 143 35.09 -0.47 -44.45
N CYS C 144 33.94 0.21 -44.47
CA CYS C 144 33.82 1.42 -45.29
C CYS C 144 34.91 2.43 -44.94
N ARG C 145 35.22 2.57 -43.64
CA ARG C 145 36.27 3.49 -43.23
C ARG C 145 37.63 3.08 -43.79
N GLN C 146 37.92 1.78 -43.79
CA GLN C 146 39.16 1.31 -44.38
C GLN C 146 39.22 1.63 -45.86
N LYS C 147 38.11 1.40 -46.58
CA LYS C 147 38.08 1.70 -48.01
C LYS C 147 38.33 3.19 -48.25
N LEU C 148 37.67 4.05 -47.47
CA LEU C 148 37.86 5.48 -47.67
C LEU C 148 39.30 5.90 -47.36
N GLU C 149 39.90 5.32 -46.31
CA GLU C 149 41.28 5.66 -46.02
C GLU C 149 42.23 5.17 -47.11
N GLU C 150 41.90 4.05 -47.74
CA GLU C 150 42.72 3.57 -48.85
C GLU C 150 42.62 4.51 -50.05
N LEU C 151 41.40 4.89 -50.42
CA LEU C 151 41.23 5.75 -51.59
C LEU C 151 41.81 7.14 -51.35
N ALA C 152 41.60 7.69 -50.15
CA ALA C 152 42.07 9.04 -49.86
C ALA C 152 43.59 9.11 -49.88
N SER C 153 44.25 8.04 -49.45
CA SER C 153 45.70 7.88 -49.49
C SER C 153 46.42 9.09 -48.86
N GLY C 154 46.11 9.33 -47.59
CA GLY C 154 46.82 10.33 -46.82
C GLY C 154 46.24 11.72 -46.88
N ARG C 155 45.17 11.94 -47.63
CA ARG C 155 44.59 13.28 -47.71
C ARG C 155 43.80 13.61 -46.44
N ASN C 156 43.66 14.90 -46.18
CA ASN C 156 42.92 15.35 -45.01
C ASN C 156 41.44 15.02 -45.15
N GLN C 157 40.86 14.43 -44.12
CA GLN C 157 39.46 14.06 -44.11
C GLN C 157 38.66 15.04 -43.27
N MET C 158 37.46 15.36 -43.75
CA MET C 158 36.50 16.14 -42.98
C MET C 158 35.47 15.20 -42.38
N TYR C 159 34.94 15.58 -41.21
CA TYR C 159 33.95 14.80 -40.48
C TYR C 159 32.70 15.66 -40.32
N PRO C 160 31.83 15.71 -41.34
CA PRO C 160 30.69 16.64 -41.28
C PRO C 160 29.69 16.34 -40.18
N HIS C 161 29.68 15.12 -39.64
CA HIS C 161 28.72 14.77 -38.60
C HIS C 161 29.18 15.18 -37.21
N LEU C 162 30.44 15.55 -37.04
CA LEU C 162 30.97 16.02 -35.77
C LEU C 162 30.89 17.53 -35.63
N LYS C 163 29.99 18.17 -36.37
CA LYS C 163 29.86 19.63 -36.38
C LYS C 163 28.69 20.10 -35.52
N ASP C 164 28.46 19.46 -34.38
CA ASP C 164 27.35 19.78 -33.48
C ASP C 164 26.01 19.74 -34.23
N CYS C 165 25.64 18.53 -34.61
CA CYS C 165 24.46 18.31 -35.43
C CYS C 165 23.22 18.00 -34.59
N CYS D 16 29.92 -27.62 9.87
CA CYS D 16 29.14 -26.80 8.94
C CYS D 16 28.30 -27.68 8.03
N GLU D 17 27.98 -28.89 8.48
CA GLU D 17 27.27 -29.85 7.65
C GLU D 17 25.90 -30.06 8.26
N GLU D 18 25.65 -31.18 8.92
CA GLU D 18 24.34 -31.47 9.51
C GLU D 18 24.28 -31.18 11.00
N VAL D 19 25.05 -30.20 11.46
CA VAL D 19 24.99 -29.79 12.86
C VAL D 19 23.70 -29.01 13.09
N ILE D 20 22.90 -29.45 14.05
CA ILE D 20 21.63 -28.79 14.37
C ILE D 20 21.92 -27.60 15.27
N CYS D 21 21.33 -26.45 14.93
CA CYS D 21 21.47 -25.26 15.75
C CYS D 21 20.10 -24.83 16.27
N HIS D 22 20.10 -23.89 17.21
CA HIS D 22 18.90 -23.52 17.95
C HIS D 22 18.77 -22.02 18.07
N ARG D 23 17.55 -21.53 17.88
CA ARG D 23 17.15 -20.18 18.22
C ARG D 23 16.34 -20.22 19.50
N LYS D 24 16.72 -19.38 20.46
CA LYS D 24 16.21 -19.45 21.82
C LYS D 24 16.08 -18.02 22.35
N LEU D 25 15.32 -17.85 23.41
CA LEU D 25 15.27 -16.59 24.14
C LEU D 25 16.11 -16.69 25.40
N ASN D 26 16.87 -15.64 25.70
CA ASN D 26 17.69 -15.62 26.91
C ASN D 26 16.89 -15.00 28.06
N HIS D 27 17.54 -14.83 29.21
CA HIS D 27 16.83 -14.38 30.41
C HIS D 27 16.32 -12.96 30.29
N LEU D 28 16.81 -12.18 29.34
CA LEU D 28 16.32 -10.83 29.13
C LEU D 28 15.35 -10.71 27.97
N GLY D 29 15.11 -11.79 27.23
CA GLY D 29 14.24 -11.77 26.09
C GLY D 29 14.93 -11.63 24.75
N GLU D 30 16.24 -11.40 24.73
CA GLU D 30 16.98 -11.31 23.48
C GLU D 30 17.01 -12.67 22.78
N ARG D 31 16.95 -12.65 21.45
CA ARG D 31 17.08 -13.87 20.67
C ARG D 31 18.55 -14.25 20.58
N VAL D 32 18.88 -15.44 21.07
CA VAL D 32 20.23 -15.99 21.02
C VAL D 32 20.20 -17.21 20.12
N THR D 33 21.19 -17.32 19.24
CA THR D 33 21.34 -18.47 18.36
C THR D 33 22.63 -19.19 18.73
N SER D 34 22.57 -20.51 18.79
CA SER D 34 23.76 -21.28 19.17
C SER D 34 23.74 -22.61 18.45
N GLY D 35 24.90 -23.28 18.47
CA GLY D 35 25.03 -24.61 17.91
C GLY D 35 25.97 -24.71 16.73
N CYS D 36 26.24 -23.60 16.01
CA CYS D 36 27.13 -23.85 14.88
C CYS D 36 28.58 -23.56 15.28
N PRO D 37 29.52 -24.40 14.83
CA PRO D 37 30.94 -24.15 15.11
C PRO D 37 31.47 -22.95 14.33
N THR D 38 32.74 -22.63 14.55
CA THR D 38 33.34 -21.47 13.90
C THR D 38 33.47 -21.73 12.42
N GLY D 39 32.92 -20.83 11.61
CA GLY D 39 32.96 -20.96 10.16
C GLY D 39 31.65 -21.35 9.52
N CYS D 40 30.59 -21.56 10.30
CA CYS D 40 29.29 -21.89 9.75
C CYS D 40 28.30 -20.79 10.08
N LEU D 41 27.10 -20.91 9.51
CA LEU D 41 26.01 -20.00 9.81
C LEU D 41 24.76 -20.83 10.09
N CYS D 42 24.00 -20.41 11.09
CA CYS D 42 22.77 -21.09 11.44
C CYS D 42 21.62 -20.53 10.60
N VAL D 43 20.99 -21.39 9.82
CA VAL D 43 19.83 -21.02 9.02
C VAL D 43 18.59 -21.64 9.66
N ILE D 44 17.62 -20.79 9.97
CA ILE D 44 16.34 -21.19 10.55
C ILE D 44 15.27 -21.06 9.46
N ARG D 45 14.59 -22.15 9.17
CA ARG D 45 13.57 -22.17 8.14
C ARG D 45 12.17 -21.89 8.69
N GLU D 46 12.08 -21.38 9.90
CA GLU D 46 10.82 -21.04 10.54
C GLU D 46 10.53 -19.55 10.35
N PRO D 47 9.28 -19.13 10.57
CA PRO D 47 8.99 -17.70 10.57
C PRO D 47 9.74 -16.97 11.67
N ASP D 48 9.89 -15.66 11.49
CA ASP D 48 10.71 -14.87 12.39
C ASP D 48 10.14 -14.79 13.81
N ASN D 49 8.84 -15.02 13.99
CA ASN D 49 8.23 -14.88 15.30
C ASN D 49 8.26 -16.16 16.13
N VAL D 50 8.89 -17.22 15.63
CA VAL D 50 9.01 -18.46 16.39
C VAL D 50 10.21 -18.34 17.32
N ASP D 51 9.95 -18.28 18.63
CA ASP D 51 11.02 -18.06 19.59
C ASP D 51 11.96 -19.26 19.67
N ASN D 52 11.44 -20.42 20.00
CA ASN D 52 12.24 -21.64 20.11
C ASN D 52 12.18 -22.37 18.78
N ALA D 53 13.27 -22.31 18.01
CA ALA D 53 13.30 -22.91 16.69
C ALA D 53 14.58 -23.71 16.52
N ASN D 54 14.55 -24.63 15.56
CA ASN D 54 15.71 -25.42 15.19
C ASN D 54 16.09 -25.10 13.74
N GLY D 55 17.40 -25.07 13.49
CA GLY D 55 17.90 -24.83 12.17
C GLY D 55 19.11 -25.69 11.85
N THR D 56 19.72 -25.47 10.69
CA THR D 56 20.91 -26.24 10.30
C THR D 56 22.04 -25.29 9.97
N CYS D 57 23.27 -25.77 10.13
CA CYS D 57 24.45 -24.97 9.87
C CYS D 57 24.90 -25.15 8.44
N TYR D 58 25.38 -24.08 7.83
CA TYR D 58 25.91 -24.10 6.48
C TYR D 58 27.30 -23.50 6.44
N ALA D 59 28.13 -24.04 5.55
CA ALA D 59 29.52 -23.62 5.47
C ALA D 59 29.63 -22.22 4.90
N LEU D 60 30.29 -21.34 5.64
CA LEU D 60 30.60 -19.98 5.20
C LEU D 60 31.88 -19.96 4.36
N MET D 61 31.98 -18.96 3.50
CA MET D 61 33.18 -18.81 2.68
C MET D 61 34.34 -18.31 3.54
N SER D 62 35.52 -18.25 2.92
CA SER D 62 36.72 -17.81 3.61
C SER D 62 37.75 -17.25 2.62
C1 NAG E . -16.18 28.93 -7.30
C2 NAG E . -15.92 30.22 -8.09
C3 NAG E . -14.56 30.81 -7.73
C4 NAG E . -14.40 30.95 -6.23
C5 NAG E . -14.67 29.61 -5.56
C6 NAG E . -14.62 29.67 -4.05
C7 NAG E . -17.03 30.36 -10.28
C8 NAG E . -16.95 30.00 -11.74
N2 NAG E . -16.01 29.96 -9.52
O3 NAG E . -14.44 32.09 -8.36
O4 NAG E . -13.10 31.40 -5.89
O5 NAG E . -16.00 29.18 -5.90
O6 NAG E . -15.33 30.80 -3.55
O7 NAG E . -17.98 30.98 -9.83
C1 NAG E . -13.15 32.71 -5.29
C2 NAG E . -11.79 33.08 -4.71
C3 NAG E . -11.83 34.47 -4.07
C4 NAG E . -12.33 35.49 -5.09
C5 NAG E . -13.68 35.04 -5.65
C6 NAG E . -14.20 35.94 -6.75
C7 NAG E . -10.54 31.07 -4.02
C8 NAG E . -10.22 30.15 -2.90
N2 NAG E . -11.37 32.09 -3.73
O3 NAG E . -10.53 34.83 -3.62
O4 NAG E . -12.48 36.77 -4.47
O5 NAG E . -13.56 33.73 -6.23
O6 NAG E . -15.39 35.43 -7.32
O7 NAG E . -10.09 30.91 -5.16
C1 EDO F . 1.53 -3.67 27.55
O1 EDO F . 1.37 -5.09 27.58
C2 EDO F . 1.46 -3.10 28.96
O2 EDO F . 2.60 -3.51 29.73
C1 EDO G . -5.05 0.21 19.83
O1 EDO G . -6.13 -0.52 20.44
C2 EDO G . -5.57 1.48 19.16
O2 EDO G . -6.07 2.42 20.11
C1 EDO H . 13.93 -9.86 3.97
O1 EDO H . 12.79 -10.52 4.53
C2 EDO H . 14.21 -8.65 4.84
O2 EDO H . 15.59 -8.29 4.73
C1 EDO I . 14.19 -12.86 -29.69
O1 EDO I . 14.74 -14.18 -29.80
C2 EDO I . 15.23 -11.90 -29.13
O2 EDO I . 14.70 -10.58 -29.02
C1 EDO J . 12.45 -4.83 3.87
O1 EDO J . 13.48 -5.70 3.38
C2 EDO J . 13.09 -3.58 4.49
O2 EDO J . 12.05 -2.73 4.97
N CYS K . -16.84 -15.45 -7.47
CA CYS K . -18.08 -16.04 -6.98
C CYS K . -18.05 -16.19 -5.45
O CYS K . -17.11 -16.74 -4.90
CB CYS K . -18.33 -17.40 -7.63
SG CYS K . -16.82 -18.35 -7.90
C1 DIO L . 24.35 -2.69 -7.99
C2 DIO L . 24.40 -0.37 -7.86
C1' DIO L . 24.90 -2.79 -6.57
C2' DIO L . 24.95 -0.48 -6.45
O1 DIO L . 24.70 -1.50 -8.63
O1' DIO L . 24.58 -1.67 -5.82
C1 EDO M . 24.23 10.74 -37.67
O1 EDO M . 23.41 9.57 -37.50
C2 EDO M . 24.49 11.40 -36.34
O2 EDO M . 25.19 10.50 -35.47
C1 EDO N . 19.02 -16.32 12.62
O1 EDO N . 19.66 -17.57 12.92
C2 EDO N . 17.51 -16.45 12.78
O2 EDO N . 17.20 -16.77 14.14
#